data_7HM9
# 
_entry.id   7HM9 
# 
_audit_conform.dict_name       mmcif_pdbx.dic 
_audit_conform.dict_version    5.399 
_audit_conform.dict_location   http://mmcif.pdb.org/dictionaries/ascii/mmcif_pdbx.dic 
# 
loop_
_database_2.database_id 
_database_2.database_code 
_database_2.pdbx_database_accession 
_database_2.pdbx_DOI 
PDB   7HM9         pdb_00007hm9 10.2210/pdb7hm9/pdb 
WWPDB D_1001407651 ?            ?                   
# 
_pdbx_audit_revision_history.ordinal             1 
_pdbx_audit_revision_history.data_content_type   'Structure model' 
_pdbx_audit_revision_history.major_revision      1 
_pdbx_audit_revision_history.minor_revision      0 
_pdbx_audit_revision_history.revision_date       2024-11-27 
# 
_pdbx_audit_revision_details.ordinal             1 
_pdbx_audit_revision_details.revision_ordinal    1 
_pdbx_audit_revision_details.data_content_type   'Structure model' 
_pdbx_audit_revision_details.provider            repository 
_pdbx_audit_revision_details.type                'Initial release' 
_pdbx_audit_revision_details.description         ? 
_pdbx_audit_revision_details.details             ? 
# 
_pdbx_database_status.entry_id                        7HM9 
_pdbx_database_status.status_code                     REL 
_pdbx_database_status.status_code_sf                  REL 
_pdbx_database_status.status_code_mr                  ? 
_pdbx_database_status.status_code_cs                  ? 
_pdbx_database_status.recvd_initial_deposition_date   2024-11-04 
_pdbx_database_status.status_code_nmr_data            ? 
_pdbx_database_status.deposit_site                    RCSB 
_pdbx_database_status.process_site                    RCSB 
_pdbx_database_status.SG_entry                        ? 
_pdbx_database_status.pdb_format_compatible           N 
_pdbx_database_status.methods_development_category    ? 
# 
_pdbx_contact_author.id                 1 
_pdbx_contact_author.email              knapp@pharmchem.uni-frankfurt.de 
_pdbx_contact_author.name_first         Stefan 
_pdbx_contact_author.name_last          Knapp 
_pdbx_contact_author.role               'principal investigator/group leader' 
_pdbx_contact_author.identifier_ORCID   0000-0001-5995-6494 
_pdbx_contact_author.name_mi            ? 
# 
loop_
_audit_author.name 
_audit_author.pdbx_ordinal 
'Kim, Y.'                              1 
'Marples, P.'                          2 
'Fearon, D.'                           3 
'von Delft, F.'                        4 
'Knapp, S.'                            5 
'Kraemer, A.'                          6 
'Structural Genomics Consortium (SGC)' 7 
# 
_citation.id                        primary 
_citation.title                     'PanDDA analysis group deposition' 
_citation.journal_abbrev            'To Be Published' 
_citation.journal_volume            ? 
_citation.page_first                ? 
_citation.page_last                 ? 
_citation.year                      ? 
_citation.journal_id_ASTM           ? 
_citation.country                   ? 
_citation.journal_id_ISSN           ? 
_citation.journal_id_CSD            0353 
_citation.book_publisher            ? 
_citation.pdbx_database_id_PubMed   ? 
_citation.pdbx_database_id_DOI      ? 
# 
loop_
_citation_author.citation_id 
_citation_author.name 
_citation_author.identifier_ORCID 
_citation_author.ordinal 
primary 'Kim, Y.'                              ? 1 
primary 'Marples, P.'                          ? 2 
primary 'Fearon, D.'                           ? 3 
primary 'von Delft, F.'                        ? 4 
primary 'Knapp, S.'                            ? 5 
primary 'Kraemer, A.'                          ? 6 
primary 'Structural Genomics Consortium (SGC)' ? 7 
# 
loop_
_entity.id 
_entity.type 
_entity.src_method 
_entity.pdbx_description 
_entity.formula_weight 
_entity.pdbx_number_of_molecules 
_entity.pdbx_ec 
_entity.pdbx_mutation 
_entity.pdbx_fragment 
_entity.details 
1 polymer     man 'E3 ubiquitin-protein ligase TRIM21'                   21596.361 1  2.3.2.27 ? ? ? 
2 non-polymer syn N,N-dimethyl-1,2,3,4-tetrahydroquinoline-6-carboxamide 204.268   1  ?        ? ? ? 
3 non-polymer syn 1,2-ETHANEDIOL                                         62.068    1  ?        ? ? ? 
4 non-polymer syn 'SULFATE ION'                                          96.063    1  ?        ? ? ? 
5 water       nat water                                                  18.015    37 ?        ? ? ? 
# 
_entity_name_com.entity_id   1 
_entity_name_com.name        
;52 kDa Ro protein,52 kDa ribonucleoprotein autoantigen Ro/SS-A,Ro(SS-A),Sjoegren syndrome type A antigen,SS-A,Tripartite motif-containing protein 21
;
# 
_entity_poly.entity_id                      1 
_entity_poly.type                           'polypeptide(L)' 
_entity_poly.nstd_linkage                   no 
_entity_poly.nstd_monomer                   no 
_entity_poly.pdbx_seq_one_letter_code       
;MHHHHHHMVHITLDRNTANSWLIISKDRRQVRMGDTHQNVSDNKERFSNYPMVLGAQRFSSGKMYWEVDVTQKEAWDLGV
CRDSVQRKGQFSLSPENGFWTIWLWQDSYEAGTSPQTTLHIQVPPCQIGIFVDYEAGVVSFYNITDHGSLIYTFSECVFA
GPLRPFFNVGFNYSGGNAAPLKLCPLKM
;
_entity_poly.pdbx_seq_one_letter_code_can   
;MHHHHHHMVHITLDRNTANSWLIISKDRRQVRMGDTHQNVSDNKERFSNYPMVLGAQRFSSGKMYWEVDVTQKEAWDLGV
CRDSVQRKGQFSLSPENGFWTIWLWQDSYEAGTSPQTTLHIQVPPCQIGIFVDYEAGVVSFYNITDHGSLIYTFSECVFA
GPLRPFFNVGFNYSGGNAAPLKLCPLKM
;
_entity_poly.pdbx_strand_id                 B 
_entity_poly.pdbx_target_identifier         ? 
# 
loop_
_pdbx_entity_nonpoly.entity_id 
_pdbx_entity_nonpoly.name 
_pdbx_entity_nonpoly.comp_id 
2 N,N-dimethyl-1,2,3,4-tetrahydroquinoline-6-carboxamide A1BFI 
3 1,2-ETHANEDIOL                                         EDO   
4 'SULFATE ION'                                          SO4   
5 water                                                  HOH   
# 
loop_
_entity_poly_seq.entity_id 
_entity_poly_seq.num 
_entity_poly_seq.mon_id 
_entity_poly_seq.hetero 
1 1   MET n 
1 2   HIS n 
1 3   HIS n 
1 4   HIS n 
1 5   HIS n 
1 6   HIS n 
1 7   HIS n 
1 8   MET n 
1 9   VAL n 
1 10  HIS n 
1 11  ILE n 
1 12  THR n 
1 13  LEU n 
1 14  ASP n 
1 15  ARG n 
1 16  ASN n 
1 17  THR n 
1 18  ALA n 
1 19  ASN n 
1 20  SER n 
1 21  TRP n 
1 22  LEU n 
1 23  ILE n 
1 24  ILE n 
1 25  SER n 
1 26  LYS n 
1 27  ASP n 
1 28  ARG n 
1 29  ARG n 
1 30  GLN n 
1 31  VAL n 
1 32  ARG n 
1 33  MET n 
1 34  GLY n 
1 35  ASP n 
1 36  THR n 
1 37  HIS n 
1 38  GLN n 
1 39  ASN n 
1 40  VAL n 
1 41  SER n 
1 42  ASP n 
1 43  ASN n 
1 44  LYS n 
1 45  GLU n 
1 46  ARG n 
1 47  PHE n 
1 48  SER n 
1 49  ASN n 
1 50  TYR n 
1 51  PRO n 
1 52  MET n 
1 53  VAL n 
1 54  LEU n 
1 55  GLY n 
1 56  ALA n 
1 57  GLN n 
1 58  ARG n 
1 59  PHE n 
1 60  SER n 
1 61  SER n 
1 62  GLY n 
1 63  LYS n 
1 64  MET n 
1 65  TYR n 
1 66  TRP n 
1 67  GLU n 
1 68  VAL n 
1 69  ASP n 
1 70  VAL n 
1 71  THR n 
1 72  GLN n 
1 73  LYS n 
1 74  GLU n 
1 75  ALA n 
1 76  TRP n 
1 77  ASP n 
1 78  LEU n 
1 79  GLY n 
1 80  VAL n 
1 81  CYS n 
1 82  ARG n 
1 83  ASP n 
1 84  SER n 
1 85  VAL n 
1 86  GLN n 
1 87  ARG n 
1 88  LYS n 
1 89  GLY n 
1 90  GLN n 
1 91  PHE n 
1 92  SER n 
1 93  LEU n 
1 94  SER n 
1 95  PRO n 
1 96  GLU n 
1 97  ASN n 
1 98  GLY n 
1 99  PHE n 
1 100 TRP n 
1 101 THR n 
1 102 ILE n 
1 103 TRP n 
1 104 LEU n 
1 105 TRP n 
1 106 GLN n 
1 107 ASP n 
1 108 SER n 
1 109 TYR n 
1 110 GLU n 
1 111 ALA n 
1 112 GLY n 
1 113 THR n 
1 114 SER n 
1 115 PRO n 
1 116 GLN n 
1 117 THR n 
1 118 THR n 
1 119 LEU n 
1 120 HIS n 
1 121 ILE n 
1 122 GLN n 
1 123 VAL n 
1 124 PRO n 
1 125 PRO n 
1 126 CYS n 
1 127 GLN n 
1 128 ILE n 
1 129 GLY n 
1 130 ILE n 
1 131 PHE n 
1 132 VAL n 
1 133 ASP n 
1 134 TYR n 
1 135 GLU n 
1 136 ALA n 
1 137 GLY n 
1 138 VAL n 
1 139 VAL n 
1 140 SER n 
1 141 PHE n 
1 142 TYR n 
1 143 ASN n 
1 144 ILE n 
1 145 THR n 
1 146 ASP n 
1 147 HIS n 
1 148 GLY n 
1 149 SER n 
1 150 LEU n 
1 151 ILE n 
1 152 TYR n 
1 153 THR n 
1 154 PHE n 
1 155 SER n 
1 156 GLU n 
1 157 CYS n 
1 158 VAL n 
1 159 PHE n 
1 160 ALA n 
1 161 GLY n 
1 162 PRO n 
1 163 LEU n 
1 164 ARG n 
1 165 PRO n 
1 166 PHE n 
1 167 PHE n 
1 168 ASN n 
1 169 VAL n 
1 170 GLY n 
1 171 PHE n 
1 172 ASN n 
1 173 TYR n 
1 174 SER n 
1 175 GLY n 
1 176 GLY n 
1 177 ASN n 
1 178 ALA n 
1 179 ALA n 
1 180 PRO n 
1 181 LEU n 
1 182 LYS n 
1 183 LEU n 
1 184 CYS n 
1 185 PRO n 
1 186 LEU n 
1 187 LYS n 
1 188 MET n 
# 
_entity_src_gen.entity_id                          1 
_entity_src_gen.pdbx_src_id                        1 
_entity_src_gen.pdbx_alt_source_flag               sample 
_entity_src_gen.pdbx_seq_type                      'Biological sequence' 
_entity_src_gen.pdbx_beg_seq_num                   1 
_entity_src_gen.pdbx_end_seq_num                   188 
_entity_src_gen.gene_src_common_name               'house mouse' 
_entity_src_gen.gene_src_genus                     ? 
_entity_src_gen.pdbx_gene_src_gene                 'Trim21, Ro52, Ssa1' 
_entity_src_gen.gene_src_species                   ? 
_entity_src_gen.gene_src_strain                    ? 
_entity_src_gen.gene_src_tissue                    ? 
_entity_src_gen.gene_src_tissue_fraction           ? 
_entity_src_gen.gene_src_details                   ? 
_entity_src_gen.pdbx_gene_src_fragment             ? 
_entity_src_gen.pdbx_gene_src_scientific_name      'Mus musculus' 
_entity_src_gen.pdbx_gene_src_ncbi_taxonomy_id     10090 
_entity_src_gen.pdbx_gene_src_variant              ? 
_entity_src_gen.pdbx_gene_src_cell_line            ? 
_entity_src_gen.pdbx_gene_src_atcc                 ? 
_entity_src_gen.pdbx_gene_src_organ                ? 
_entity_src_gen.pdbx_gene_src_organelle            ? 
_entity_src_gen.pdbx_gene_src_cell                 ? 
_entity_src_gen.pdbx_gene_src_cellular_location    ? 
_entity_src_gen.host_org_common_name               ? 
_entity_src_gen.pdbx_host_org_scientific_name      'Escherichia coli' 
_entity_src_gen.pdbx_host_org_ncbi_taxonomy_id     562 
_entity_src_gen.host_org_genus                     ? 
_entity_src_gen.pdbx_host_org_gene                 ? 
_entity_src_gen.pdbx_host_org_organ                ? 
_entity_src_gen.host_org_species                   ? 
_entity_src_gen.pdbx_host_org_tissue               ? 
_entity_src_gen.pdbx_host_org_tissue_fraction      ? 
_entity_src_gen.pdbx_host_org_strain               ? 
_entity_src_gen.pdbx_host_org_variant              ? 
_entity_src_gen.pdbx_host_org_cell_line            ? 
_entity_src_gen.pdbx_host_org_atcc                 ? 
_entity_src_gen.pdbx_host_org_culture_collection   ? 
_entity_src_gen.pdbx_host_org_cell                 ? 
_entity_src_gen.pdbx_host_org_organelle            ? 
_entity_src_gen.pdbx_host_org_cellular_location    ? 
_entity_src_gen.pdbx_host_org_vector_type          ? 
_entity_src_gen.pdbx_host_org_vector               ? 
_entity_src_gen.host_org_details                   ? 
_entity_src_gen.expression_system_id               ? 
_entity_src_gen.plasmid_name                       ? 
_entity_src_gen.plasmid_details                    ? 
_entity_src_gen.pdbx_description                   ? 
# 
loop_
_chem_comp.id 
_chem_comp.type 
_chem_comp.mon_nstd_flag 
_chem_comp.name 
_chem_comp.pdbx_synonyms 
_chem_comp.formula 
_chem_comp.formula_weight 
A1BFI non-polymer         . N,N-dimethyl-1,2,3,4-tetrahydroquinoline-6-carboxamide ?                 'C12 H16 N2 O'   204.268 
ALA   'L-peptide linking' y ALANINE                                                ?                 'C3 H7 N O2'     89.093  
ARG   'L-peptide linking' y ARGININE                                               ?                 'C6 H15 N4 O2 1' 175.209 
ASN   'L-peptide linking' y ASPARAGINE                                             ?                 'C4 H8 N2 O3'    132.118 
ASP   'L-peptide linking' y 'ASPARTIC ACID'                                        ?                 'C4 H7 N O4'     133.103 
CYS   'L-peptide linking' y CYSTEINE                                               ?                 'C3 H7 N O2 S'   121.158 
EDO   non-polymer         . 1,2-ETHANEDIOL                                         'ETHYLENE GLYCOL' 'C2 H6 O2'       62.068  
GLN   'L-peptide linking' y GLUTAMINE                                              ?                 'C5 H10 N2 O3'   146.144 
GLU   'L-peptide linking' y 'GLUTAMIC ACID'                                        ?                 'C5 H9 N O4'     147.129 
GLY   'peptide linking'   y GLYCINE                                                ?                 'C2 H5 N O2'     75.067  
HIS   'L-peptide linking' y HISTIDINE                                              ?                 'C6 H10 N3 O2 1' 156.162 
HOH   non-polymer         . WATER                                                  ?                 'H2 O'           18.015  
ILE   'L-peptide linking' y ISOLEUCINE                                             ?                 'C6 H13 N O2'    131.173 
LEU   'L-peptide linking' y LEUCINE                                                ?                 'C6 H13 N O2'    131.173 
LYS   'L-peptide linking' y LYSINE                                                 ?                 'C6 H15 N2 O2 1' 147.195 
MET   'L-peptide linking' y METHIONINE                                             ?                 'C5 H11 N O2 S'  149.211 
PHE   'L-peptide linking' y PHENYLALANINE                                          ?                 'C9 H11 N O2'    165.189 
PRO   'L-peptide linking' y PROLINE                                                ?                 'C5 H9 N O2'     115.130 
SER   'L-peptide linking' y SERINE                                                 ?                 'C3 H7 N O3'     105.093 
SO4   non-polymer         . 'SULFATE ION'                                          ?                 'O4 S -2'        96.063  
THR   'L-peptide linking' y THREONINE                                              ?                 'C4 H9 N O3'     119.119 
TRP   'L-peptide linking' y TRYPTOPHAN                                             ?                 'C11 H12 N2 O2'  204.225 
TYR   'L-peptide linking' y TYROSINE                                               ?                 'C9 H11 N O3'    181.189 
VAL   'L-peptide linking' y VALINE                                                 ?                 'C5 H11 N O2'    117.146 
# 
loop_
_pdbx_poly_seq_scheme.asym_id 
_pdbx_poly_seq_scheme.entity_id 
_pdbx_poly_seq_scheme.seq_id 
_pdbx_poly_seq_scheme.mon_id 
_pdbx_poly_seq_scheme.ndb_seq_num 
_pdbx_poly_seq_scheme.pdb_seq_num 
_pdbx_poly_seq_scheme.auth_seq_num 
_pdbx_poly_seq_scheme.pdb_mon_id 
_pdbx_poly_seq_scheme.auth_mon_id 
_pdbx_poly_seq_scheme.pdb_strand_id 
_pdbx_poly_seq_scheme.pdb_ins_code 
_pdbx_poly_seq_scheme.hetero 
A 1 1   MET 1   7   ?   ?   ?   B . n 
A 1 2   HIS 2   8   8   HIS HIS B . n 
A 1 3   HIS 3   9   9   HIS HIS B . n 
A 1 4   HIS 4   10  10  HIS HIS B . n 
A 1 5   HIS 5   11  11  HIS HIS B . n 
A 1 6   HIS 6   12  12  HIS HIS B . n 
A 1 7   HIS 7   13  13  HIS HIS B . n 
A 1 8   MET 8   14  14  MET MET B . n 
A 1 9   VAL 9   15  15  VAL VAL B . n 
A 1 10  HIS 10  16  16  HIS HIS B . n 
A 1 11  ILE 11  17  17  ILE ILE B . n 
A 1 12  THR 12  18  18  THR THR B . n 
A 1 13  LEU 13  19  19  LEU LEU B . n 
A 1 14  ASP 14  20  20  ASP ASP B . n 
A 1 15  ARG 15  21  21  ARG ARG B . n 
A 1 16  ASN 16  22  22  ASN ASN B . n 
A 1 17  THR 17  23  23  THR THR B . n 
A 1 18  ALA 18  24  24  ALA ALA B . n 
A 1 19  ASN 19  25  25  ASN ASN B . n 
A 1 20  SER 20  26  26  SER SER B . n 
A 1 21  TRP 21  27  27  TRP TRP B . n 
A 1 22  LEU 22  28  28  LEU LEU B . n 
A 1 23  ILE 23  29  29  ILE ILE B . n 
A 1 24  ILE 24  30  30  ILE ILE B . n 
A 1 25  SER 25  31  31  SER SER B . n 
A 1 26  LYS 26  32  32  LYS LYS B . n 
A 1 27  ASP 27  33  33  ASP ASP B . n 
A 1 28  ARG 28  34  34  ARG ARG B . n 
A 1 29  ARG 29  35  35  ARG ARG B . n 
A 1 30  GLN 30  36  36  GLN GLN B . n 
A 1 31  VAL 31  37  37  VAL VAL B . n 
A 1 32  ARG 32  38  38  ARG ARG B . n 
A 1 33  MET 33  39  39  MET MET B . n 
A 1 34  GLY 34  40  40  GLY GLY B . n 
A 1 35  ASP 35  41  41  ASP ASP B . n 
A 1 36  THR 36  42  42  THR THR B . n 
A 1 37  HIS 37  43  43  HIS HIS B . n 
A 1 38  GLN 38  44  44  GLN GLN B . n 
A 1 39  ASN 39  45  45  ASN ASN B . n 
A 1 40  VAL 40  46  46  VAL VAL B . n 
A 1 41  SER 41  47  47  SER SER B . n 
A 1 42  ASP 42  48  48  ASP ASP B . n 
A 1 43  ASN 43  49  49  ASN ASN B . n 
A 1 44  LYS 44  50  50  LYS LYS B . n 
A 1 45  GLU 45  51  51  GLU GLU B . n 
A 1 46  ARG 46  52  52  ARG ARG B . n 
A 1 47  PHE 47  53  53  PHE PHE B . n 
A 1 48  SER 48  54  54  SER SER B . n 
A 1 49  ASN 49  55  55  ASN ASN B . n 
A 1 50  TYR 50  56  56  TYR TYR B . n 
A 1 51  PRO 51  57  57  PRO PRO B . n 
A 1 52  MET 52  58  58  MET MET B . n 
A 1 53  VAL 53  59  59  VAL VAL B . n 
A 1 54  LEU 54  60  60  LEU LEU B . n 
A 1 55  GLY 55  61  61  GLY GLY B . n 
A 1 56  ALA 56  62  62  ALA ALA B . n 
A 1 57  GLN 57  63  63  GLN GLN B . n 
A 1 58  ARG 58  64  64  ARG ARG B . n 
A 1 59  PHE 59  65  65  PHE PHE B . n 
A 1 60  SER 60  66  66  SER SER B . n 
A 1 61  SER 61  67  67  SER SER B . n 
A 1 62  GLY 62  68  68  GLY GLY B . n 
A 1 63  LYS 63  69  69  LYS LYS B . n 
A 1 64  MET 64  70  70  MET MET B . n 
A 1 65  TYR 65  71  71  TYR TYR B . n 
A 1 66  TRP 66  72  72  TRP TRP B . n 
A 1 67  GLU 67  73  73  GLU GLU B . n 
A 1 68  VAL 68  74  74  VAL VAL B . n 
A 1 69  ASP 69  75  75  ASP ASP B . n 
A 1 70  VAL 70  76  76  VAL VAL B . n 
A 1 71  THR 71  77  77  THR THR B . n 
A 1 72  GLN 72  78  78  GLN GLN B . n 
A 1 73  LYS 73  79  79  LYS LYS B . n 
A 1 74  GLU 74  80  80  GLU GLU B . n 
A 1 75  ALA 75  81  81  ALA ALA B . n 
A 1 76  TRP 76  82  82  TRP TRP B . n 
A 1 77  ASP 77  83  83  ASP ASP B . n 
A 1 78  LEU 78  84  84  LEU LEU B . n 
A 1 79  GLY 79  85  85  GLY GLY B . n 
A 1 80  VAL 80  86  86  VAL VAL B . n 
A 1 81  CYS 81  87  87  CYS CYS B . n 
A 1 82  ARG 82  88  88  ARG ARG B . n 
A 1 83  ASP 83  89  89  ASP ASP B . n 
A 1 84  SER 84  90  90  SER SER B . n 
A 1 85  VAL 85  91  91  VAL VAL B . n 
A 1 86  GLN 86  92  92  GLN GLN B . n 
A 1 87  ARG 87  93  93  ARG ARG B . n 
A 1 88  LYS 88  94  94  LYS LYS B . n 
A 1 89  GLY 89  95  95  GLY GLY B . n 
A 1 90  GLN 90  96  96  GLN GLN B . n 
A 1 91  PHE 91  97  97  PHE PHE B . n 
A 1 92  SER 92  98  98  SER SER B . n 
A 1 93  LEU 93  99  99  LEU LEU B . n 
A 1 94  SER 94  100 100 SER SER B . n 
A 1 95  PRO 95  101 101 PRO PRO B . n 
A 1 96  GLU 96  102 102 GLU GLU B . n 
A 1 97  ASN 97  103 103 ASN ASN B . n 
A 1 98  GLY 98  104 104 GLY GLY B . n 
A 1 99  PHE 99  105 105 PHE PHE B . n 
A 1 100 TRP 100 106 106 TRP TRP B . n 
A 1 101 THR 101 107 107 THR THR B . n 
A 1 102 ILE 102 108 108 ILE ILE B . n 
A 1 103 TRP 103 109 109 TRP TRP B . n 
A 1 104 LEU 104 110 110 LEU LEU B . n 
A 1 105 TRP 105 111 111 TRP TRP B . n 
A 1 106 GLN 106 112 112 GLN GLN B . n 
A 1 107 ASP 107 113 113 ASP ASP B . n 
A 1 108 SER 108 114 114 SER SER B . n 
A 1 109 TYR 109 115 115 TYR TYR B . n 
A 1 110 GLU 110 116 116 GLU GLU B . n 
A 1 111 ALA 111 117 117 ALA ALA B . n 
A 1 112 GLY 112 118 118 GLY GLY B . n 
A 1 113 THR 113 119 119 THR THR B . n 
A 1 114 SER 114 120 120 SER SER B . n 
A 1 115 PRO 115 121 121 PRO PRO B . n 
A 1 116 GLN 116 122 122 GLN GLN B . n 
A 1 117 THR 117 123 123 THR THR B . n 
A 1 118 THR 118 124 124 THR THR B . n 
A 1 119 LEU 119 125 125 LEU LEU B . n 
A 1 120 HIS 120 126 126 HIS HIS B . n 
A 1 121 ILE 121 127 127 ILE ILE B . n 
A 1 122 GLN 122 128 128 GLN GLN B . n 
A 1 123 VAL 123 129 129 VAL VAL B . n 
A 1 124 PRO 124 130 130 PRO PRO B . n 
A 1 125 PRO 125 131 131 PRO PRO B . n 
A 1 126 CYS 126 132 132 CYS CYS B . n 
A 1 127 GLN 127 133 133 GLN GLN B . n 
A 1 128 ILE 128 134 134 ILE ILE B . n 
A 1 129 GLY 129 135 135 GLY GLY B . n 
A 1 130 ILE 130 136 136 ILE ILE B . n 
A 1 131 PHE 131 137 137 PHE PHE B . n 
A 1 132 VAL 132 138 138 VAL VAL B . n 
A 1 133 ASP 133 139 139 ASP ASP B . n 
A 1 134 TYR 134 140 140 TYR TYR B . n 
A 1 135 GLU 135 141 141 GLU GLU B . n 
A 1 136 ALA 136 142 142 ALA ALA B . n 
A 1 137 GLY 137 143 143 GLY GLY B . n 
A 1 138 VAL 138 144 144 VAL VAL B . n 
A 1 139 VAL 139 145 145 VAL VAL B . n 
A 1 140 SER 140 146 146 SER SER B . n 
A 1 141 PHE 141 147 147 PHE PHE B . n 
A 1 142 TYR 142 148 148 TYR TYR B . n 
A 1 143 ASN 143 149 149 ASN ASN B . n 
A 1 144 ILE 144 150 150 ILE ILE B . n 
A 1 145 THR 145 151 151 THR THR B . n 
A 1 146 ASP 146 152 152 ASP ASP B . n 
A 1 147 HIS 147 153 153 HIS HIS B . n 
A 1 148 GLY 148 154 154 GLY GLY B . n 
A 1 149 SER 149 155 155 SER SER B . n 
A 1 150 LEU 150 156 156 LEU LEU B . n 
A 1 151 ILE 151 157 157 ILE ILE B . n 
A 1 152 TYR 152 158 158 TYR TYR B . n 
A 1 153 THR 153 159 159 THR THR B . n 
A 1 154 PHE 154 160 160 PHE PHE B . n 
A 1 155 SER 155 161 161 SER SER B . n 
A 1 156 GLU 156 162 162 GLU GLU B . n 
A 1 157 CYS 157 163 163 CYS CYS B . n 
A 1 158 VAL 158 164 164 VAL VAL B . n 
A 1 159 PHE 159 165 165 PHE PHE B . n 
A 1 160 ALA 160 166 166 ALA ALA B . n 
A 1 161 GLY 161 167 167 GLY GLY B . n 
A 1 162 PRO 162 168 168 PRO PRO B . n 
A 1 163 LEU 163 169 169 LEU LEU B . n 
A 1 164 ARG 164 170 170 ARG ARG B . n 
A 1 165 PRO 165 171 171 PRO PRO B . n 
A 1 166 PHE 166 172 172 PHE PHE B . n 
A 1 167 PHE 167 173 173 PHE PHE B . n 
A 1 168 ASN 168 174 174 ASN ASN B . n 
A 1 169 VAL 169 175 175 VAL VAL B . n 
A 1 170 GLY 170 176 176 GLY GLY B . n 
A 1 171 PHE 171 177 177 PHE PHE B . n 
A 1 172 ASN 172 178 178 ASN ASN B . n 
A 1 173 TYR 173 179 179 TYR TYR B . n 
A 1 174 SER 174 180 180 SER SER B . n 
A 1 175 GLY 175 181 181 GLY GLY B . n 
A 1 176 GLY 176 182 182 GLY GLY B . n 
A 1 177 ASN 177 183 183 ASN ASN B . n 
A 1 178 ALA 178 184 184 ALA ALA B . n 
A 1 179 ALA 179 185 185 ALA ALA B . n 
A 1 180 PRO 180 186 186 PRO PRO B . n 
A 1 181 LEU 181 187 187 LEU LEU B . n 
A 1 182 LYS 182 188 188 LYS LYS B . n 
A 1 183 LEU 183 189 189 LEU LEU B . n 
A 1 184 CYS 184 190 190 CYS CYS B . n 
A 1 185 PRO 185 191 191 PRO PRO B . n 
A 1 186 LEU 186 192 192 LEU LEU B . n 
A 1 187 LYS 187 193 ?   ?   ?   B . n 
A 1 188 MET 188 194 ?   ?   ?   B . n 
# 
_pdbx_entity_instance_feature.ordinal        1 
_pdbx_entity_instance_feature.comp_id        A1BFI 
_pdbx_entity_instance_feature.asym_id        ? 
_pdbx_entity_instance_feature.seq_num        ? 
_pdbx_entity_instance_feature.auth_comp_id   A1BFI 
_pdbx_entity_instance_feature.auth_asym_id   ? 
_pdbx_entity_instance_feature.auth_seq_num   ? 
_pdbx_entity_instance_feature.feature_type   'SUBJECT OF INVESTIGATION' 
_pdbx_entity_instance_feature.details        ? 
# 
loop_
_pdbx_nonpoly_scheme.asym_id 
_pdbx_nonpoly_scheme.entity_id 
_pdbx_nonpoly_scheme.mon_id 
_pdbx_nonpoly_scheme.ndb_seq_num 
_pdbx_nonpoly_scheme.pdb_seq_num 
_pdbx_nonpoly_scheme.auth_seq_num 
_pdbx_nonpoly_scheme.pdb_mon_id 
_pdbx_nonpoly_scheme.auth_mon_id 
_pdbx_nonpoly_scheme.pdb_strand_id 
_pdbx_nonpoly_scheme.pdb_ins_code 
B 2 A1BFI 1  401 401 A1BFI LIG B . 
C 3 EDO   1  402 305 EDO   EDO B . 
D 4 SO4   1  403 1   SO4   SO4 B . 
E 5 HOH   1  501 29  HOH   HOH B . 
E 5 HOH   2  502 40  HOH   HOH B . 
E 5 HOH   3  503 99  HOH   HOH B . 
E 5 HOH   4  504 26  HOH   HOH B . 
E 5 HOH   5  505 63  HOH   HOH B . 
E 5 HOH   6  506 27  HOH   HOH B . 
E 5 HOH   7  507 4   HOH   HOH B . 
E 5 HOH   8  508 85  HOH   HOH B . 
E 5 HOH   9  509 11  HOH   HOH B . 
E 5 HOH   10 510 2   HOH   HOH B . 
E 5 HOH   11 511 20  HOH   HOH B . 
E 5 HOH   12 512 62  HOH   HOH B . 
E 5 HOH   13 513 68  HOH   HOH B . 
E 5 HOH   14 514 3   HOH   HOH B . 
E 5 HOH   15 515 22  HOH   HOH B . 
E 5 HOH   16 516 10  HOH   HOH B . 
E 5 HOH   17 517 129 HOH   HOH B . 
E 5 HOH   18 518 28  HOH   HOH B . 
E 5 HOH   19 519 50  HOH   HOH B . 
E 5 HOH   20 520 1   HOH   HOH B . 
E 5 HOH   21 521 8   HOH   HOH B . 
E 5 HOH   22 522 15  HOH   HOH B . 
E 5 HOH   23 523 304 HOH   HOH B . 
E 5 HOH   24 524 24  HOH   HOH B . 
E 5 HOH   25 525 30  HOH   HOH B . 
E 5 HOH   26 526 23  HOH   HOH B . 
E 5 HOH   27 527 8   HOH   HOH B . 
E 5 HOH   28 528 97  HOH   HOH B . 
E 5 HOH   29 529 257 HOH   HOH B . 
E 5 HOH   30 530 69  HOH   HOH B . 
E 5 HOH   31 531 41  HOH   HOH B . 
E 5 HOH   32 532 53  HOH   HOH B . 
E 5 HOH   33 533 266 HOH   HOH B . 
E 5 HOH   34 534 156 HOH   HOH B . 
E 5 HOH   35 535 115 HOH   HOH B . 
E 5 HOH   36 536 31  HOH   HOH B . 
E 5 HOH   37 537 30  HOH   HOH B . 
# 
loop_
_pdbx_unobs_or_zero_occ_atoms.id 
_pdbx_unobs_or_zero_occ_atoms.PDB_model_num 
_pdbx_unobs_or_zero_occ_atoms.polymer_flag 
_pdbx_unobs_or_zero_occ_atoms.occupancy_flag 
_pdbx_unobs_or_zero_occ_atoms.auth_asym_id 
_pdbx_unobs_or_zero_occ_atoms.auth_comp_id 
_pdbx_unobs_or_zero_occ_atoms.auth_seq_id 
_pdbx_unobs_or_zero_occ_atoms.PDB_ins_code 
_pdbx_unobs_or_zero_occ_atoms.auth_atom_id 
_pdbx_unobs_or_zero_occ_atoms.label_alt_id 
_pdbx_unobs_or_zero_occ_atoms.label_asym_id 
_pdbx_unobs_or_zero_occ_atoms.label_comp_id 
_pdbx_unobs_or_zero_occ_atoms.label_seq_id 
_pdbx_unobs_or_zero_occ_atoms.label_atom_id 
1 1 Y 1 B LEU 192 ? CG  ? A LEU 186 CG  
2 1 Y 1 B LEU 192 ? CD1 ? A LEU 186 CD1 
3 1 Y 1 B LEU 192 ? CD2 ? A LEU 186 CD2 
# 
loop_
_software.pdbx_ordinal 
_software.name 
_software.version 
_software.date 
_software.type 
_software.contact_author 
_software.contact_author_email 
_software.classification 
_software.location 
_software.language 
_software.citation_id 
1 REFMAC      5.8.0267 ?               program 'Garib N. Murshudov' garib@ysbl.york.ac.uk    refinement        
http://www.ccp4.ac.uk/dist/html/refmac5.html        Fortran_77 ? 
2 Aimless     0.7.7    23/04/21        program 'Phil Evans'         ?                        'data scaling'    
http://www.mrc-lmb.cam.ac.uk/harry/pre/aimless.html ?          ? 
3 PDB_EXTRACT 3.23     'SEP. 23, 2016' package PDB                  deposit@deposit.rcsb.org 'data extraction' 
http://sw-tools.pdb.org/apps/PDB_EXTRACT/           C++        ? 
4 XDS         .        ?               program ?                    ?                        'data reduction'  ? ?          ? 
5 REFMAC      .        ?               program ?                    ?                        phasing           ? ?          ? 
# 
_cell.entry_id           7HM9 
_cell.length_a           95.501 
_cell.length_b           95.501 
_cell.length_c           45.689 
_cell.angle_alpha        90.000 
_cell.angle_beta         90.000 
_cell.angle_gamma        90.000 
_cell.Z_PDB              8 
_cell.pdbx_unique_axis   ? 
# 
_symmetry.entry_id                         7HM9 
_symmetry.space_group_name_H-M             'I 4' 
_symmetry.pdbx_full_space_group_name_H-M   ? 
_symmetry.cell_setting                     ? 
_symmetry.Int_Tables_number                79 
# 
_exptl.crystals_number   1 
_exptl.entry_id          7HM9 
_exptl.method            'X-RAY DIFFRACTION' 
# 
_exptl_crystal.id                    1 
_exptl_crystal.pdbx_mosaicity        0.000 
_exptl_crystal.pdbx_mosaicity_esd    ? 
_exptl_crystal.density_Matthews      2.41 
_exptl_crystal.density_diffrn        ? 
_exptl_crystal.density_meas          ? 
_exptl_crystal.density_meas_temp     ? 
_exptl_crystal.density_percent_sol   49.00 
_exptl_crystal.size_max              ? 
_exptl_crystal.size_mid              ? 
_exptl_crystal.size_min              ? 
_exptl_crystal.size_rad              ? 
_exptl_crystal.description           ? 
# 
_exptl_crystal_grow.crystal_id      1 
_exptl_crystal_grow.method          'VAPOR DIFFUSION, SITTING DROP' 
_exptl_crystal_grow.pH              8 
_exptl_crystal_grow.temp            293 
_exptl_crystal_grow.pdbx_details    '4 % PEG 400, 2 M AmmSO4, 0.1 M HEPES pH 8' 
_exptl_crystal_grow.temp_details    ? 
_exptl_crystal_grow.pdbx_pH_range   ? 
# 
_diffrn.id                     1 
_diffrn.ambient_temp           100 
_diffrn.crystal_id             1 
_diffrn.ambient_temp_details   ? 
# 
_diffrn_detector.detector               PIXEL 
_diffrn_detector.type                   'DECTRIS EIGER2 XE 9M' 
_diffrn_detector.pdbx_collection_date   2024-05-23 
_diffrn_detector.diffrn_id              1 
_diffrn_detector.details                ? 
# 
_diffrn_radiation.diffrn_id                        1 
_diffrn_radiation.wavelength_id                    1 
_diffrn_radiation.pdbx_diffrn_protocol             'SINGLE WAVELENGTH' 
_diffrn_radiation.pdbx_monochromatic_or_laue_m_l   ? 
_diffrn_radiation.monochromator                    ? 
_diffrn_radiation.pdbx_scattering_type             x-ray 
# 
_diffrn_radiation_wavelength.id           1 
_diffrn_radiation_wavelength.wavelength   0.92124 
_diffrn_radiation_wavelength.wt           1.0 
# 
_diffrn_source.diffrn_id                   1 
_diffrn_source.source                      SYNCHROTRON 
_diffrn_source.type                        'DIAMOND BEAMLINE I04-1' 
_diffrn_source.pdbx_wavelength_list        0.92124 
_diffrn_source.pdbx_synchrotron_site       Diamond 
_diffrn_source.pdbx_synchrotron_beamline   I04-1 
_diffrn_source.pdbx_wavelength             ? 
# 
_reflns.entry_id                     7HM9 
_reflns.pdbx_diffrn_id               1 
_reflns.pdbx_ordinal                 1 
_reflns.observed_criterion_sigma_I   ? 
_reflns.observed_criterion_sigma_F   ? 
_reflns.d_resolution_low             67.520 
_reflns.d_resolution_high            1.250 
_reflns.number_obs                   50642 
_reflns.number_all                   ? 
_reflns.percent_possible_obs         89.000 
_reflns.pdbx_Rmerge_I_obs            0.075 
_reflns.pdbx_Rsym_value              ? 
_reflns.pdbx_netI_over_sigmaI        16.500 
_reflns.B_iso_Wilson_estimate        ? 
_reflns.pdbx_redundancy              11.400 
_reflns.pdbx_Rrim_I_all              0.079 
_reflns.pdbx_Rpim_I_all              0.022 
_reflns.pdbx_CC_half                 0.998 
_reflns.pdbx_netI_over_av_sigmaI     ? 
_reflns.pdbx_number_measured_all     578560 
_reflns.pdbx_scaling_rejects         0 
_reflns.pdbx_chi_squared             ? 
_reflns.Rmerge_F_all                 ? 
_reflns.Rmerge_F_obs                 ? 
_reflns.observed_criterion_F_max     ? 
_reflns.observed_criterion_F_min     ? 
_reflns.observed_criterion_I_max     ? 
_reflns.observed_criterion_I_min     ? 
_reflns.pdbx_d_res_high_opt          ? 
_reflns.pdbx_d_res_low_opt           ? 
_reflns.details                      ? 
# 
loop_
_reflns_shell.pdbx_diffrn_id 
_reflns_shell.pdbx_ordinal 
_reflns_shell.d_res_high 
_reflns_shell.d_res_low 
_reflns_shell.number_measured_obs 
_reflns_shell.number_measured_all 
_reflns_shell.number_unique_obs 
_reflns_shell.pdbx_rejects 
_reflns_shell.Rmerge_I_obs 
_reflns_shell.meanI_over_sigI_obs 
_reflns_shell.pdbx_Rsym_value 
_reflns_shell.pdbx_chi_squared 
_reflns_shell.pdbx_redundancy 
_reflns_shell.percent_possible_obs 
_reflns_shell.pdbx_netI_over_sigmaI_obs 
_reflns_shell.number_possible 
_reflns_shell.number_unique_all 
_reflns_shell.Rmerge_F_all 
_reflns_shell.Rmerge_F_obs 
_reflns_shell.Rmerge_I_all 
_reflns_shell.meanI_over_sigI_all 
_reflns_shell.percent_possible_all 
_reflns_shell.pdbx_Rrim_I_all 
_reflns_shell.pdbx_Rpim_I_all 
_reflns_shell.pdbx_CC_half 
1 1 1.250 1.270  ? 5802 1297 ? 1.460 ? ? ? 4.500  ? 0.500  ? ? ? ? ? ? 45.500 1.658 0.758 0.327 
1 2 6.730 67.520 ? 5095 403  ? 0.059 ? ? ? 12.600 ? 76.400 ? ? ? ? ? ? 99.900 0.062 0.018 0.993 
# 
_refine.entry_id                                 7HM9 
_refine.pdbx_refine_id                           'X-RAY DIFFRACTION' 
_refine.ls_d_res_high                            1.2500 
_refine.ls_d_res_low                             67.5300 
_refine.pdbx_ls_sigma_F                          0.000 
_refine.pdbx_data_cutoff_high_absF               ? 
_refine.pdbx_data_cutoff_low_absF                ? 
_refine.ls_percent_reflns_obs                    88.6900 
_refine.ls_number_reflns_obs                     48083 
_refine.ls_number_reflns_all                     ? 
_refine.pdbx_ls_cross_valid_method               THROUGHOUT 
_refine.ls_matrix_type                           ? 
_refine.pdbx_R_Free_selection_details            RANDOM 
_refine.details                                  
'HYDROGENS HAVE BEEN ADDED IN THE RIDING POSITIONS U VALUES      : REFINED INDIVIDUALLY' 
_refine.ls_R_factor_all                          ? 
_refine.ls_R_factor_obs                          0.1797 
_refine.ls_R_factor_R_work                       0.1787 
_refine.ls_wR_factor_R_work                      ? 
_refine.ls_R_factor_R_free                       0.1996 
_refine.ls_wR_factor_R_free                      ? 
_refine.ls_percent_reflns_R_free                 4.9000 
_refine.ls_number_reflns_R_free                  2466 
_refine.ls_number_reflns_R_work                  ? 
_refine.ls_R_factor_R_free_error                 ? 
_refine.B_iso_mean                               17.2840 
_refine.solvent_model_param_bsol                 ? 
_refine.solvent_model_param_ksol                 ? 
_refine.pdbx_isotropic_thermal_model             ? 
_refine.aniso_B[1][1]                            0.0500 
_refine.aniso_B[2][2]                            0.0500 
_refine.aniso_B[3][3]                            -0.0900 
_refine.aniso_B[1][2]                            -0.0000 
_refine.aniso_B[1][3]                            0.0000 
_refine.aniso_B[2][3]                            0.0000 
_refine.correlation_coeff_Fo_to_Fc               0.9670 
_refine.correlation_coeff_Fo_to_Fc_free          0.9610 
_refine.overall_SU_R_Cruickshank_DPI             ? 
_refine.pdbx_overall_SU_R_free_Cruickshank_DPI   ? 
_refine.pdbx_overall_SU_R_Blow_DPI               ? 
_refine.pdbx_overall_SU_R_free_Blow_DPI          ? 
_refine.overall_SU_R_free                        ? 
_refine.pdbx_overall_ESU_R                       0.0540 
_refine.pdbx_overall_ESU_R_Free                  0.0550 
_refine.overall_SU_ML                            0.0430 
_refine.overall_SU_B                             1.0840 
_refine.solvent_model_details                    MASK 
_refine.pdbx_solvent_vdw_probe_radii             1.2000 
_refine.pdbx_solvent_ion_probe_radii             0.8000 
_refine.pdbx_solvent_shrinkage_radii             0.8000 
_refine.ls_number_parameters                     ? 
_refine.ls_number_restraints                     ? 
_refine.pdbx_starting_model                      ? 
_refine.pdbx_method_to_determine_struct          'FOURIER SYNTHESIS' 
_refine.pdbx_stereochemistry_target_values       'MAXIMUM LIKELIHOOD' 
_refine.pdbx_stereochem_target_val_spec_case     ? 
_refine.overall_FOM_work_R_set                   ? 
_refine.B_iso_max                                94.520 
_refine.B_iso_min                                8.820 
_refine.pdbx_overall_phase_error                 ? 
_refine.occupancy_max                            ? 
_refine.occupancy_min                            ? 
_refine.pdbx_diffrn_id                           1 
_refine.pdbx_TLS_residual_ADP_flag               ? 
_refine.pdbx_ls_sigma_I                          ? 
_refine.pdbx_data_cutoff_high_rms_absF           ? 
_refine.ls_R_factor_R_free_error_details         ? 
# 
_refine_hist.cycle_id                         final 
_refine_hist.pdbx_refine_id                   'X-RAY DIFFRACTION' 
_refine_hist.d_res_high                       1.2500 
_refine_hist.d_res_low                        67.5300 
_refine_hist.pdbx_number_atoms_ligand         24 
_refine_hist.number_atoms_solvent             37 
_refine_hist.number_atoms_total               1554 
_refine_hist.pdbx_number_residues_total       185 
_refine_hist.pdbx_B_iso_mean_ligand           34.94 
_refine_hist.pdbx_B_iso_mean_solvent          23.89 
_refine_hist.pdbx_number_atoms_protein        1493 
_refine_hist.pdbx_number_atoms_nucleic_acid   0 
# 
loop_
_refine_ls_restr.pdbx_refine_id 
_refine_ls_restr.type 
_refine_ls_restr.number 
_refine_ls_restr.dev_ideal 
_refine_ls_restr.dev_ideal_target 
_refine_ls_restr.weight 
_refine_ls_restr.pdbx_restraint_function 
'X-RAY DIFFRACTION' r_bond_refined_d       2237 0.012  0.014  ? ? 
'X-RAY DIFFRACTION' r_bond_other_d         1668 0.001  0.015  ? ? 
'X-RAY DIFFRACTION' r_angle_refined_deg    2632 1.831  1.642  ? ? 
'X-RAY DIFFRACTION' r_angle_other_deg      3850 1.436  1.579  ? ? 
'X-RAY DIFFRACTION' r_dihedral_angle_1_deg 247  7.072  5.000  ? ? 
'X-RAY DIFFRACTION' r_dihedral_angle_2_deg 115  27.648 20.957 ? ? 
'X-RAY DIFFRACTION' r_dihedral_angle_3_deg 291  12.378 15.000 ? ? 
'X-RAY DIFFRACTION' r_dihedral_angle_4_deg 15   21.193 15.000 ? ? 
'X-RAY DIFFRACTION' r_chiral_restr         223  0.088  0.200  ? ? 
'X-RAY DIFFRACTION' r_gen_planes_refined   2369 0.011  0.020  ? ? 
'X-RAY DIFFRACTION' r_gen_planes_other     533  0.002  0.020  ? ? 
'X-RAY DIFFRACTION' r_mcbond_it            1105 1.411  1.646  ? ? 
'X-RAY DIFFRACTION' r_mcbond_other         988  1.479  1.495  ? ? 
'X-RAY DIFFRACTION' r_mcangle_it           1177 2.364  2.253  ? ? 
# 
_refine_ls_shell.d_res_high                       1.2500 
_refine_ls_shell.d_res_low                        1.2820 
_refine_ls_shell.pdbx_total_number_of_bins_used   20 
_refine_ls_shell.percent_reflns_obs               44.9300 
_refine_ls_shell.number_reflns_R_work             1783 
_refine_ls_shell.R_factor_all                     ? 
_refine_ls_shell.R_factor_R_work                  0.3380 
_refine_ls_shell.R_factor_R_free                  0.3720 
_refine_ls_shell.percent_reflns_R_free            ? 
_refine_ls_shell.number_reflns_R_free             82 
_refine_ls_shell.R_factor_R_free_error            ? 
_refine_ls_shell.number_reflns_all                1865 
_refine_ls_shell.number_reflns_obs                ? 
_refine_ls_shell.pdbx_refine_id                   'X-RAY DIFFRACTION' 
# 
_struct.entry_id                  7HM9 
_struct.title                     'PanDDA analysis group deposition -- Crystal Structure of TRIM21 in complex with Z1222331430' 
_struct.pdbx_model_details        ? 
_struct.pdbx_CASP_flag            ? 
_struct.pdbx_model_type_details   ? 
# 
_struct_keywords.entry_id        7HM9 
_struct_keywords.text            'SGC - Diamond I04-1 fragment screening, PanDDA, XChemExplorer, TRIM21, LIGASE' 
_struct_keywords.pdbx_keywords   LIGASE 
# 
loop_
_struct_asym.id 
_struct_asym.pdbx_blank_PDB_chainid_flag 
_struct_asym.pdbx_modified 
_struct_asym.entity_id 
_struct_asym.details 
A N N 1 ? 
B N N 2 ? 
C N N 3 ? 
D N N 4 ? 
E N N 5 ? 
# 
_struct_ref.id                         1 
_struct_ref.db_name                    UNP 
_struct_ref.db_code                    RO52_MOUSE 
_struct_ref.pdbx_db_accession          Q62191 
_struct_ref.pdbx_db_isoform            ? 
_struct_ref.entity_id                  1 
_struct_ref.pdbx_seq_one_letter_code   
;VHITLDRNTANSWLIISKDRRQVRMGDTHQNVSDNKERFSNYPMVLGAQRFSSGKMYWEVDVTQKEAWDLGVCRDSVQRK
GQFSLSPENGFWTIWLWQDSYEAGTSPQTTLHIQVPPCQIGIFVDYEAGVVSFYNITDHGSLIYTFSECVFAGPLRPFFN
VGFNYSGGNAAPLKLCPLKM
;
_struct_ref.pdbx_align_begin           291 
# 
_struct_ref_seq.align_id                      1 
_struct_ref_seq.ref_id                        1 
_struct_ref_seq.pdbx_PDB_id_code              7HM9 
_struct_ref_seq.pdbx_strand_id                B 
_struct_ref_seq.seq_align_beg                 9 
_struct_ref_seq.pdbx_seq_align_beg_ins_code   ? 
_struct_ref_seq.seq_align_end                 188 
_struct_ref_seq.pdbx_seq_align_end_ins_code   ? 
_struct_ref_seq.pdbx_db_accession             Q62191 
_struct_ref_seq.db_align_beg                  291 
_struct_ref_seq.pdbx_db_align_beg_ins_code    ? 
_struct_ref_seq.db_align_end                  470 
_struct_ref_seq.pdbx_db_align_end_ins_code    ? 
_struct_ref_seq.pdbx_auth_seq_align_beg       15 
_struct_ref_seq.pdbx_auth_seq_align_end       194 
# 
loop_
_struct_ref_seq_dif.align_id 
_struct_ref_seq_dif.pdbx_pdb_id_code 
_struct_ref_seq_dif.mon_id 
_struct_ref_seq_dif.pdbx_pdb_strand_id 
_struct_ref_seq_dif.seq_num 
_struct_ref_seq_dif.pdbx_pdb_ins_code 
_struct_ref_seq_dif.pdbx_seq_db_name 
_struct_ref_seq_dif.pdbx_seq_db_accession_code 
_struct_ref_seq_dif.db_mon_id 
_struct_ref_seq_dif.pdbx_seq_db_seq_num 
_struct_ref_seq_dif.details 
_struct_ref_seq_dif.pdbx_auth_seq_num 
_struct_ref_seq_dif.pdbx_ordinal 
1 7HM9 MET B 1 ? UNP Q62191 ? ? 'initiating methionine' 7  1 
1 7HM9 HIS B 2 ? UNP Q62191 ? ? 'expression tag'        8  2 
1 7HM9 HIS B 3 ? UNP Q62191 ? ? 'expression tag'        9  3 
1 7HM9 HIS B 4 ? UNP Q62191 ? ? 'expression tag'        10 4 
1 7HM9 HIS B 5 ? UNP Q62191 ? ? 'expression tag'        11 5 
1 7HM9 HIS B 6 ? UNP Q62191 ? ? 'expression tag'        12 6 
1 7HM9 HIS B 7 ? UNP Q62191 ? ? 'expression tag'        13 7 
1 7HM9 MET B 8 ? UNP Q62191 ? ? 'expression tag'        14 8 
# 
_pdbx_struct_assembly.id                   1 
_pdbx_struct_assembly.details              author_defined_assembly 
_pdbx_struct_assembly.method_details       ? 
_pdbx_struct_assembly.oligomeric_details   monomeric 
_pdbx_struct_assembly.oligomeric_count     1 
# 
_pdbx_struct_assembly_gen.assembly_id       1 
_pdbx_struct_assembly_gen.oper_expression   1 
_pdbx_struct_assembly_gen.asym_id_list      A,B,C,D,E 
# 
_pdbx_struct_oper_list.id                   1 
_pdbx_struct_oper_list.type                 'identity operation' 
_pdbx_struct_oper_list.name                 1_555 
_pdbx_struct_oper_list.symmetry_operation   x,y,z 
_pdbx_struct_oper_list.matrix[1][1]         1.0000000000 
_pdbx_struct_oper_list.matrix[1][2]         0.0000000000 
_pdbx_struct_oper_list.matrix[1][3]         0.0000000000 
_pdbx_struct_oper_list.vector[1]            0.0000000000 
_pdbx_struct_oper_list.matrix[2][1]         0.0000000000 
_pdbx_struct_oper_list.matrix[2][2]         1.0000000000 
_pdbx_struct_oper_list.matrix[2][3]         0.0000000000 
_pdbx_struct_oper_list.vector[2]            0.0000000000 
_pdbx_struct_oper_list.matrix[3][1]         0.0000000000 
_pdbx_struct_oper_list.matrix[3][2]         0.0000000000 
_pdbx_struct_oper_list.matrix[3][3]         1.0000000000 
_pdbx_struct_oper_list.vector[3]            0.0000000000 
# 
loop_
_struct_conf.conf_type_id 
_struct_conf.id 
_struct_conf.pdbx_PDB_helix_id 
_struct_conf.beg_label_comp_id 
_struct_conf.beg_label_asym_id 
_struct_conf.beg_label_seq_id 
_struct_conf.pdbx_beg_PDB_ins_code 
_struct_conf.end_label_comp_id 
_struct_conf.end_label_asym_id 
_struct_conf.end_label_seq_id 
_struct_conf.pdbx_end_PDB_ins_code 
_struct_conf.beg_auth_comp_id 
_struct_conf.beg_auth_asym_id 
_struct_conf.beg_auth_seq_id 
_struct_conf.end_auth_comp_id 
_struct_conf.end_auth_asym_id 
_struct_conf.end_auth_seq_id 
_struct_conf.pdbx_PDB_helix_class 
_struct_conf.details 
_struct_conf.pdbx_PDB_helix_length 
HELX_P HELX_P1 AA1 HIS A 4  ? MET A 8  ? HIS B 10  MET B 14  5 ? 5 
HELX_P HELX_P2 AA2 ASP A 14 ? ALA A 18 ? ASP B 20  ALA B 24  5 ? 5 
HELX_P HELX_P3 AA3 SER A 94 ? ASN A 97 ? SER B 100 ASN B 103 5 ? 4 
# 
_struct_conf_type.id          HELX_P 
_struct_conf_type.criteria    ? 
_struct_conf_type.reference   ? 
# 
_struct_mon_prot_cis.pdbx_id                1 
_struct_mon_prot_cis.label_comp_id          SER 
_struct_mon_prot_cis.label_seq_id           114 
_struct_mon_prot_cis.label_asym_id          A 
_struct_mon_prot_cis.label_alt_id           . 
_struct_mon_prot_cis.pdbx_PDB_ins_code      ? 
_struct_mon_prot_cis.auth_comp_id           SER 
_struct_mon_prot_cis.auth_seq_id            120 
_struct_mon_prot_cis.auth_asym_id           B 
_struct_mon_prot_cis.pdbx_label_comp_id_2   PRO 
_struct_mon_prot_cis.pdbx_label_seq_id_2    115 
_struct_mon_prot_cis.pdbx_label_asym_id_2   A 
_struct_mon_prot_cis.pdbx_PDB_ins_code_2    ? 
_struct_mon_prot_cis.pdbx_auth_comp_id_2    PRO 
_struct_mon_prot_cis.pdbx_auth_seq_id_2     121 
_struct_mon_prot_cis.pdbx_auth_asym_id_2    B 
_struct_mon_prot_cis.pdbx_PDB_model_num     1 
_struct_mon_prot_cis.pdbx_omega_angle       -0.39 
# 
loop_
_struct_sheet.id 
_struct_sheet.type 
_struct_sheet.number_strands 
_struct_sheet.details 
AA1 ? 7 ? 
AA2 ? 6 ? 
# 
loop_
_struct_sheet_order.sheet_id 
_struct_sheet_order.range_id_1 
_struct_sheet_order.range_id_2 
_struct_sheet_order.offset 
_struct_sheet_order.sense 
AA1 1 2 ? anti-parallel 
AA1 2 3 ? anti-parallel 
AA1 3 4 ? anti-parallel 
AA1 4 5 ? anti-parallel 
AA1 5 6 ? anti-parallel 
AA1 6 7 ? anti-parallel 
AA2 1 2 ? anti-parallel 
AA2 2 3 ? anti-parallel 
AA2 3 4 ? anti-parallel 
AA2 4 5 ? anti-parallel 
AA2 5 6 ? anti-parallel 
# 
loop_
_struct_sheet_range.sheet_id 
_struct_sheet_range.id 
_struct_sheet_range.beg_label_comp_id 
_struct_sheet_range.beg_label_asym_id 
_struct_sheet_range.beg_label_seq_id 
_struct_sheet_range.pdbx_beg_PDB_ins_code 
_struct_sheet_range.end_label_comp_id 
_struct_sheet_range.end_label_asym_id 
_struct_sheet_range.end_label_seq_id 
_struct_sheet_range.pdbx_end_PDB_ins_code 
_struct_sheet_range.beg_auth_comp_id 
_struct_sheet_range.beg_auth_asym_id 
_struct_sheet_range.beg_auth_seq_id 
_struct_sheet_range.end_auth_comp_id 
_struct_sheet_range.end_auth_asym_id 
_struct_sheet_range.end_auth_seq_id 
AA1 1 LEU A 22  ? ILE A 24  ? LEU B 28  ILE B 30  
AA1 2 GLN A 30  ? MET A 33  ? GLN B 36  MET B 39  
AA1 3 LEU A 181 ? LEU A 183 ? LEU B 187 LEU B 189 
AA1 4 LYS A 63  ? ASP A 69  ? LYS B 69  ASP B 75  
AA1 5 GLN A 127 ? ASP A 133 ? GLN B 133 ASP B 139 
AA1 6 VAL A 138 ? ASN A 143 ? VAL B 144 ASN B 149 
AA1 7 SER A 149 ? PHE A 154 ? SER B 155 PHE B 160 
AA2 1 MET A 52  ? LEU A 54  ? MET B 58  LEU B 60  
AA2 2 LEU A 163 ? ASN A 168 ? LEU B 169 ASN B 174 
AA2 3 TRP A 76  ? ARG A 82  ? TRP B 82  ARG B 88  
AA2 4 PHE A 99  ? TRP A 105 ? PHE B 105 TRP B 111 
AA2 5 SER A 108 ? ALA A 111 ? SER B 114 ALA B 117 
AA2 6 THR A 117 ? THR A 118 ? THR B 123 THR B 124 
# 
loop_
_pdbx_struct_sheet_hbond.sheet_id 
_pdbx_struct_sheet_hbond.range_id_1 
_pdbx_struct_sheet_hbond.range_id_2 
_pdbx_struct_sheet_hbond.range_1_label_atom_id 
_pdbx_struct_sheet_hbond.range_1_label_comp_id 
_pdbx_struct_sheet_hbond.range_1_label_asym_id 
_pdbx_struct_sheet_hbond.range_1_label_seq_id 
_pdbx_struct_sheet_hbond.range_1_PDB_ins_code 
_pdbx_struct_sheet_hbond.range_1_auth_atom_id 
_pdbx_struct_sheet_hbond.range_1_auth_comp_id 
_pdbx_struct_sheet_hbond.range_1_auth_asym_id 
_pdbx_struct_sheet_hbond.range_1_auth_seq_id 
_pdbx_struct_sheet_hbond.range_2_label_atom_id 
_pdbx_struct_sheet_hbond.range_2_label_comp_id 
_pdbx_struct_sheet_hbond.range_2_label_asym_id 
_pdbx_struct_sheet_hbond.range_2_label_seq_id 
_pdbx_struct_sheet_hbond.range_2_PDB_ins_code 
_pdbx_struct_sheet_hbond.range_2_auth_atom_id 
_pdbx_struct_sheet_hbond.range_2_auth_comp_id 
_pdbx_struct_sheet_hbond.range_2_auth_asym_id 
_pdbx_struct_sheet_hbond.range_2_auth_seq_id 
AA1 1 2 N ILE A 23  ? N ILE B 29  O ARG A 32  ? O ARG B 38  
AA1 2 3 N VAL A 31  ? N VAL B 37  O LEU A 181 ? O LEU B 187 
AA1 3 4 O LYS A 182 ? O LYS B 188 N ASP A 69  ? N ASP B 75  
AA1 4 5 N TRP A 66  ? N TRP B 72  O ILE A 130 ? O ILE B 136 
AA1 5 6 N PHE A 131 ? N PHE B 137 O SER A 140 ? O SER B 146 
AA1 6 7 N PHE A 141 ? N PHE B 147 O ILE A 151 ? O ILE B 157 
AA2 1 2 N VAL A 53  ? N VAL B 59  O PHE A 167 ? O PHE B 173 
AA2 2 3 O ARG A 164 ? O ARG B 170 N CYS A 81  ? N CYS B 87  
AA2 3 4 N VAL A 80  ? N VAL B 86  O TRP A 100 ? O TRP B 106 
AA2 4 5 N TRP A 105 ? N TRP B 111 O SER A 108 ? O SER B 114 
AA2 5 6 N ALA A 111 ? N ALA B 117 O THR A 117 ? O THR B 123 
# 
_pdbx_entry_details.entry_id                   7HM9 
_pdbx_entry_details.compound_details           ? 
_pdbx_entry_details.source_details             ? 
_pdbx_entry_details.nonpolymer_details         ? 
_pdbx_entry_details.sequence_details           ? 
_pdbx_entry_details.has_ligand_of_interest     Y 
_pdbx_entry_details.has_protein_modification   N 
# 
_pdbx_validate_rmsd_bond.id                        1 
_pdbx_validate_rmsd_bond.PDB_model_num             1 
_pdbx_validate_rmsd_bond.auth_atom_id_1            CD 
_pdbx_validate_rmsd_bond.auth_asym_id_1            B 
_pdbx_validate_rmsd_bond.auth_comp_id_1            GLU 
_pdbx_validate_rmsd_bond.auth_seq_id_1             141 
_pdbx_validate_rmsd_bond.PDB_ins_code_1            ? 
_pdbx_validate_rmsd_bond.label_alt_id_1            ? 
_pdbx_validate_rmsd_bond.auth_atom_id_2            OE1 
_pdbx_validate_rmsd_bond.auth_asym_id_2            B 
_pdbx_validate_rmsd_bond.auth_comp_id_2            GLU 
_pdbx_validate_rmsd_bond.auth_seq_id_2             141 
_pdbx_validate_rmsd_bond.PDB_ins_code_2            ? 
_pdbx_validate_rmsd_bond.label_alt_id_2            ? 
_pdbx_validate_rmsd_bond.bond_value                1.185 
_pdbx_validate_rmsd_bond.bond_target_value         1.252 
_pdbx_validate_rmsd_bond.bond_deviation            -0.067 
_pdbx_validate_rmsd_bond.bond_standard_deviation   0.011 
_pdbx_validate_rmsd_bond.linker_flag               N 
# 
_pdbx_validate_rmsd_angle.id                         1 
_pdbx_validate_rmsd_angle.PDB_model_num              1 
_pdbx_validate_rmsd_angle.auth_atom_id_1             CG 
_pdbx_validate_rmsd_angle.auth_asym_id_1             B 
_pdbx_validate_rmsd_angle.auth_comp_id_1             ARG 
_pdbx_validate_rmsd_angle.auth_seq_id_1              64 
_pdbx_validate_rmsd_angle.PDB_ins_code_1             ? 
_pdbx_validate_rmsd_angle.label_alt_id_1             ? 
_pdbx_validate_rmsd_angle.auth_atom_id_2             CD 
_pdbx_validate_rmsd_angle.auth_asym_id_2             B 
_pdbx_validate_rmsd_angle.auth_comp_id_2             ARG 
_pdbx_validate_rmsd_angle.auth_seq_id_2              64 
_pdbx_validate_rmsd_angle.PDB_ins_code_2             ? 
_pdbx_validate_rmsd_angle.label_alt_id_2             ? 
_pdbx_validate_rmsd_angle.auth_atom_id_3             NE 
_pdbx_validate_rmsd_angle.auth_asym_id_3             B 
_pdbx_validate_rmsd_angle.auth_comp_id_3             ARG 
_pdbx_validate_rmsd_angle.auth_seq_id_3              64 
_pdbx_validate_rmsd_angle.PDB_ins_code_3             ? 
_pdbx_validate_rmsd_angle.label_alt_id_3             ? 
_pdbx_validate_rmsd_angle.angle_value                124.81 
_pdbx_validate_rmsd_angle.angle_target_value         111.80 
_pdbx_validate_rmsd_angle.angle_deviation            13.01 
_pdbx_validate_rmsd_angle.angle_standard_deviation   2.10 
_pdbx_validate_rmsd_angle.linker_flag                N 
# 
loop_
_pdbx_validate_torsion.id 
_pdbx_validate_torsion.PDB_model_num 
_pdbx_validate_torsion.auth_comp_id 
_pdbx_validate_torsion.auth_asym_id 
_pdbx_validate_torsion.auth_seq_id 
_pdbx_validate_torsion.PDB_ins_code 
_pdbx_validate_torsion.label_alt_id 
_pdbx_validate_torsion.phi 
_pdbx_validate_torsion.psi 
1 1 ASN B 45  ? ? 72.82   34.73 
2 1 ASP B 152 ? ? -102.03 51.20 
# 
_phasing.method   MR 
# 
loop_
_pdbx_unobs_or_zero_occ_residues.id 
_pdbx_unobs_or_zero_occ_residues.PDB_model_num 
_pdbx_unobs_or_zero_occ_residues.polymer_flag 
_pdbx_unobs_or_zero_occ_residues.occupancy_flag 
_pdbx_unobs_or_zero_occ_residues.auth_asym_id 
_pdbx_unobs_or_zero_occ_residues.auth_comp_id 
_pdbx_unobs_or_zero_occ_residues.auth_seq_id 
_pdbx_unobs_or_zero_occ_residues.PDB_ins_code 
_pdbx_unobs_or_zero_occ_residues.label_asym_id 
_pdbx_unobs_or_zero_occ_residues.label_comp_id 
_pdbx_unobs_or_zero_occ_residues.label_seq_id 
1 1 Y 1 B MET 7   ? A MET 1   
2 1 Y 1 B LYS 193 ? A LYS 187 
3 1 Y 1 B MET 194 ? A MET 188 
# 
loop_
_chem_comp_atom.comp_id 
_chem_comp_atom.atom_id 
_chem_comp_atom.type_symbol 
_chem_comp_atom.pdbx_aromatic_flag 
_chem_comp_atom.pdbx_stereo_config 
_chem_comp_atom.pdbx_ordinal 
A1BFI N1   N N N 1   
A1BFI C4   C Y N 2   
A1BFI C5   C Y N 3   
A1BFI C6   C Y N 4   
A1BFI C7   C Y N 5   
A1BFI C8   C N N 6   
A1BFI C10  C N N 7   
A1BFI C1   C N N 8   
A1BFI C11  C Y N 9   
A1BFI C12  C Y N 10  
A1BFI C2   C N N 11  
A1BFI C3   C N N 12  
A1BFI C9   C N N 13  
A1BFI N2   N N N 14  
A1BFI O1   O N N 15  
A1BFI H7   H N N 16  
A1BFI H8   H N N 17  
A1BFI H11  H N N 18  
A1BFI H10  H N N 19  
A1BFI H15  H N N 20  
A1BFI H14  H N N 21  
A1BFI H3   H N N 22  
A1BFI H1   H N N 23  
A1BFI H2   H N N 24  
A1BFI H16  H N N 25  
A1BFI H6   H N N 26  
A1BFI H5   H N N 27  
A1BFI H4   H N N 28  
A1BFI H13  H N N 29  
A1BFI H12  H N N 30  
A1BFI H9   H N N 31  
ALA   N    N N N 32  
ALA   CA   C N S 33  
ALA   C    C N N 34  
ALA   O    O N N 35  
ALA   CB   C N N 36  
ALA   OXT  O N N 37  
ALA   H    H N N 38  
ALA   H2   H N N 39  
ALA   HA   H N N 40  
ALA   HB1  H N N 41  
ALA   HB2  H N N 42  
ALA   HB3  H N N 43  
ALA   HXT  H N N 44  
ARG   N    N N N 45  
ARG   CA   C N S 46  
ARG   C    C N N 47  
ARG   O    O N N 48  
ARG   CB   C N N 49  
ARG   CG   C N N 50  
ARG   CD   C N N 51  
ARG   NE   N N N 52  
ARG   CZ   C N N 53  
ARG   NH1  N N N 54  
ARG   NH2  N N N 55  
ARG   OXT  O N N 56  
ARG   H    H N N 57  
ARG   H2   H N N 58  
ARG   HA   H N N 59  
ARG   HB2  H N N 60  
ARG   HB3  H N N 61  
ARG   HG2  H N N 62  
ARG   HG3  H N N 63  
ARG   HD2  H N N 64  
ARG   HD3  H N N 65  
ARG   HE   H N N 66  
ARG   HH11 H N N 67  
ARG   HH12 H N N 68  
ARG   HH21 H N N 69  
ARG   HH22 H N N 70  
ARG   HXT  H N N 71  
ASN   N    N N N 72  
ASN   CA   C N S 73  
ASN   C    C N N 74  
ASN   O    O N N 75  
ASN   CB   C N N 76  
ASN   CG   C N N 77  
ASN   OD1  O N N 78  
ASN   ND2  N N N 79  
ASN   OXT  O N N 80  
ASN   H    H N N 81  
ASN   H2   H N N 82  
ASN   HA   H N N 83  
ASN   HB2  H N N 84  
ASN   HB3  H N N 85  
ASN   HD21 H N N 86  
ASN   HD22 H N N 87  
ASN   HXT  H N N 88  
ASP   N    N N N 89  
ASP   CA   C N S 90  
ASP   C    C N N 91  
ASP   O    O N N 92  
ASP   CB   C N N 93  
ASP   CG   C N N 94  
ASP   OD1  O N N 95  
ASP   OD2  O N N 96  
ASP   OXT  O N N 97  
ASP   H    H N N 98  
ASP   H2   H N N 99  
ASP   HA   H N N 100 
ASP   HB2  H N N 101 
ASP   HB3  H N N 102 
ASP   HD2  H N N 103 
ASP   HXT  H N N 104 
CYS   N    N N N 105 
CYS   CA   C N R 106 
CYS   C    C N N 107 
CYS   O    O N N 108 
CYS   CB   C N N 109 
CYS   SG   S N N 110 
CYS   OXT  O N N 111 
CYS   H    H N N 112 
CYS   H2   H N N 113 
CYS   HA   H N N 114 
CYS   HB2  H N N 115 
CYS   HB3  H N N 116 
CYS   HG   H N N 117 
CYS   HXT  H N N 118 
EDO   C1   C N N 119 
EDO   O1   O N N 120 
EDO   C2   C N N 121 
EDO   O2   O N N 122 
EDO   H11  H N N 123 
EDO   H12  H N N 124 
EDO   HO1  H N N 125 
EDO   H21  H N N 126 
EDO   H22  H N N 127 
EDO   HO2  H N N 128 
GLN   N    N N N 129 
GLN   CA   C N S 130 
GLN   C    C N N 131 
GLN   O    O N N 132 
GLN   CB   C N N 133 
GLN   CG   C N N 134 
GLN   CD   C N N 135 
GLN   OE1  O N N 136 
GLN   NE2  N N N 137 
GLN   OXT  O N N 138 
GLN   H    H N N 139 
GLN   H2   H N N 140 
GLN   HA   H N N 141 
GLN   HB2  H N N 142 
GLN   HB3  H N N 143 
GLN   HG2  H N N 144 
GLN   HG3  H N N 145 
GLN   HE21 H N N 146 
GLN   HE22 H N N 147 
GLN   HXT  H N N 148 
GLU   N    N N N 149 
GLU   CA   C N S 150 
GLU   C    C N N 151 
GLU   O    O N N 152 
GLU   CB   C N N 153 
GLU   CG   C N N 154 
GLU   CD   C N N 155 
GLU   OE1  O N N 156 
GLU   OE2  O N N 157 
GLU   OXT  O N N 158 
GLU   H    H N N 159 
GLU   H2   H N N 160 
GLU   HA   H N N 161 
GLU   HB2  H N N 162 
GLU   HB3  H N N 163 
GLU   HG2  H N N 164 
GLU   HG3  H N N 165 
GLU   HE2  H N N 166 
GLU   HXT  H N N 167 
GLY   N    N N N 168 
GLY   CA   C N N 169 
GLY   C    C N N 170 
GLY   O    O N N 171 
GLY   OXT  O N N 172 
GLY   H    H N N 173 
GLY   H2   H N N 174 
GLY   HA2  H N N 175 
GLY   HA3  H N N 176 
GLY   HXT  H N N 177 
HIS   N    N N N 178 
HIS   CA   C N S 179 
HIS   C    C N N 180 
HIS   O    O N N 181 
HIS   CB   C N N 182 
HIS   CG   C Y N 183 
HIS   ND1  N Y N 184 
HIS   CD2  C Y N 185 
HIS   CE1  C Y N 186 
HIS   NE2  N Y N 187 
HIS   OXT  O N N 188 
HIS   H    H N N 189 
HIS   H2   H N N 190 
HIS   HA   H N N 191 
HIS   HB2  H N N 192 
HIS   HB3  H N N 193 
HIS   HD1  H N N 194 
HIS   HD2  H N N 195 
HIS   HE1  H N N 196 
HIS   HE2  H N N 197 
HIS   HXT  H N N 198 
HOH   O    O N N 199 
HOH   H1   H N N 200 
HOH   H2   H N N 201 
ILE   N    N N N 202 
ILE   CA   C N S 203 
ILE   C    C N N 204 
ILE   O    O N N 205 
ILE   CB   C N S 206 
ILE   CG1  C N N 207 
ILE   CG2  C N N 208 
ILE   CD1  C N N 209 
ILE   OXT  O N N 210 
ILE   H    H N N 211 
ILE   H2   H N N 212 
ILE   HA   H N N 213 
ILE   HB   H N N 214 
ILE   HG12 H N N 215 
ILE   HG13 H N N 216 
ILE   HG21 H N N 217 
ILE   HG22 H N N 218 
ILE   HG23 H N N 219 
ILE   HD11 H N N 220 
ILE   HD12 H N N 221 
ILE   HD13 H N N 222 
ILE   HXT  H N N 223 
LEU   N    N N N 224 
LEU   CA   C N S 225 
LEU   C    C N N 226 
LEU   O    O N N 227 
LEU   CB   C N N 228 
LEU   CG   C N N 229 
LEU   CD1  C N N 230 
LEU   CD2  C N N 231 
LEU   OXT  O N N 232 
LEU   H    H N N 233 
LEU   H2   H N N 234 
LEU   HA   H N N 235 
LEU   HB2  H N N 236 
LEU   HB3  H N N 237 
LEU   HG   H N N 238 
LEU   HD11 H N N 239 
LEU   HD12 H N N 240 
LEU   HD13 H N N 241 
LEU   HD21 H N N 242 
LEU   HD22 H N N 243 
LEU   HD23 H N N 244 
LEU   HXT  H N N 245 
LYS   N    N N N 246 
LYS   CA   C N S 247 
LYS   C    C N N 248 
LYS   O    O N N 249 
LYS   CB   C N N 250 
LYS   CG   C N N 251 
LYS   CD   C N N 252 
LYS   CE   C N N 253 
LYS   NZ   N N N 254 
LYS   OXT  O N N 255 
LYS   H    H N N 256 
LYS   H2   H N N 257 
LYS   HA   H N N 258 
LYS   HB2  H N N 259 
LYS   HB3  H N N 260 
LYS   HG2  H N N 261 
LYS   HG3  H N N 262 
LYS   HD2  H N N 263 
LYS   HD3  H N N 264 
LYS   HE2  H N N 265 
LYS   HE3  H N N 266 
LYS   HZ1  H N N 267 
LYS   HZ2  H N N 268 
LYS   HZ3  H N N 269 
LYS   HXT  H N N 270 
MET   N    N N N 271 
MET   CA   C N S 272 
MET   C    C N N 273 
MET   O    O N N 274 
MET   CB   C N N 275 
MET   CG   C N N 276 
MET   SD   S N N 277 
MET   CE   C N N 278 
MET   OXT  O N N 279 
MET   H    H N N 280 
MET   H2   H N N 281 
MET   HA   H N N 282 
MET   HB2  H N N 283 
MET   HB3  H N N 284 
MET   HG2  H N N 285 
MET   HG3  H N N 286 
MET   HE1  H N N 287 
MET   HE2  H N N 288 
MET   HE3  H N N 289 
MET   HXT  H N N 290 
PHE   N    N N N 291 
PHE   CA   C N S 292 
PHE   C    C N N 293 
PHE   O    O N N 294 
PHE   CB   C N N 295 
PHE   CG   C Y N 296 
PHE   CD1  C Y N 297 
PHE   CD2  C Y N 298 
PHE   CE1  C Y N 299 
PHE   CE2  C Y N 300 
PHE   CZ   C Y N 301 
PHE   OXT  O N N 302 
PHE   H    H N N 303 
PHE   H2   H N N 304 
PHE   HA   H N N 305 
PHE   HB2  H N N 306 
PHE   HB3  H N N 307 
PHE   HD1  H N N 308 
PHE   HD2  H N N 309 
PHE   HE1  H N N 310 
PHE   HE2  H N N 311 
PHE   HZ   H N N 312 
PHE   HXT  H N N 313 
PRO   N    N N N 314 
PRO   CA   C N S 315 
PRO   C    C N N 316 
PRO   O    O N N 317 
PRO   CB   C N N 318 
PRO   CG   C N N 319 
PRO   CD   C N N 320 
PRO   OXT  O N N 321 
PRO   H    H N N 322 
PRO   HA   H N N 323 
PRO   HB2  H N N 324 
PRO   HB3  H N N 325 
PRO   HG2  H N N 326 
PRO   HG3  H N N 327 
PRO   HD2  H N N 328 
PRO   HD3  H N N 329 
PRO   HXT  H N N 330 
SER   N    N N N 331 
SER   CA   C N S 332 
SER   C    C N N 333 
SER   O    O N N 334 
SER   CB   C N N 335 
SER   OG   O N N 336 
SER   OXT  O N N 337 
SER   H    H N N 338 
SER   H2   H N N 339 
SER   HA   H N N 340 
SER   HB2  H N N 341 
SER   HB3  H N N 342 
SER   HG   H N N 343 
SER   HXT  H N N 344 
SO4   S    S N N 345 
SO4   O1   O N N 346 
SO4   O2   O N N 347 
SO4   O3   O N N 348 
SO4   O4   O N N 349 
THR   N    N N N 350 
THR   CA   C N S 351 
THR   C    C N N 352 
THR   O    O N N 353 
THR   CB   C N R 354 
THR   OG1  O N N 355 
THR   CG2  C N N 356 
THR   OXT  O N N 357 
THR   H    H N N 358 
THR   H2   H N N 359 
THR   HA   H N N 360 
THR   HB   H N N 361 
THR   HG1  H N N 362 
THR   HG21 H N N 363 
THR   HG22 H N N 364 
THR   HG23 H N N 365 
THR   HXT  H N N 366 
TRP   N    N N N 367 
TRP   CA   C N S 368 
TRP   C    C N N 369 
TRP   O    O N N 370 
TRP   CB   C N N 371 
TRP   CG   C Y N 372 
TRP   CD1  C Y N 373 
TRP   CD2  C Y N 374 
TRP   NE1  N Y N 375 
TRP   CE2  C Y N 376 
TRP   CE3  C Y N 377 
TRP   CZ2  C Y N 378 
TRP   CZ3  C Y N 379 
TRP   CH2  C Y N 380 
TRP   OXT  O N N 381 
TRP   H    H N N 382 
TRP   H2   H N N 383 
TRP   HA   H N N 384 
TRP   HB2  H N N 385 
TRP   HB3  H N N 386 
TRP   HD1  H N N 387 
TRP   HE1  H N N 388 
TRP   HE3  H N N 389 
TRP   HZ2  H N N 390 
TRP   HZ3  H N N 391 
TRP   HH2  H N N 392 
TRP   HXT  H N N 393 
TYR   N    N N N 394 
TYR   CA   C N S 395 
TYR   C    C N N 396 
TYR   O    O N N 397 
TYR   CB   C N N 398 
TYR   CG   C Y N 399 
TYR   CD1  C Y N 400 
TYR   CD2  C Y N 401 
TYR   CE1  C Y N 402 
TYR   CE2  C Y N 403 
TYR   CZ   C Y N 404 
TYR   OH   O N N 405 
TYR   OXT  O N N 406 
TYR   H    H N N 407 
TYR   H2   H N N 408 
TYR   HA   H N N 409 
TYR   HB2  H N N 410 
TYR   HB3  H N N 411 
TYR   HD1  H N N 412 
TYR   HD2  H N N 413 
TYR   HE1  H N N 414 
TYR   HE2  H N N 415 
TYR   HH   H N N 416 
TYR   HXT  H N N 417 
VAL   N    N N N 418 
VAL   CA   C N S 419 
VAL   C    C N N 420 
VAL   O    O N N 421 
VAL   CB   C N N 422 
VAL   CG1  C N N 423 
VAL   CG2  C N N 424 
VAL   OXT  O N N 425 
VAL   H    H N N 426 
VAL   H2   H N N 427 
VAL   HA   H N N 428 
VAL   HB   H N N 429 
VAL   HG11 H N N 430 
VAL   HG12 H N N 431 
VAL   HG13 H N N 432 
VAL   HG21 H N N 433 
VAL   HG22 H N N 434 
VAL   HG23 H N N 435 
VAL   HXT  H N N 436 
# 
loop_
_chem_comp_bond.comp_id 
_chem_comp_bond.atom_id_1 
_chem_comp_bond.atom_id_2 
_chem_comp_bond.value_order 
_chem_comp_bond.pdbx_aromatic_flag 
_chem_comp_bond.pdbx_stereo_config 
_chem_comp_bond.pdbx_ordinal 
A1BFI C1  N1   sing N N 1   
A1BFI N1  C2   sing N N 2   
A1BFI N1  C3   sing N N 3   
A1BFI C3  O1   doub N N 4   
A1BFI C3  C4   sing N N 5   
A1BFI C4  C5   doub Y N 6   
A1BFI C5  C6   sing Y N 7   
A1BFI C6  C7   doub Y N 8   
A1BFI C7  N2   sing N N 9   
A1BFI N2  C8   sing N N 10  
A1BFI C8  C9   sing N N 11  
A1BFI C9  C10  sing N N 12  
A1BFI C10 C11  sing N N 13  
A1BFI C11 C12  doub Y N 14  
A1BFI C4  C12  sing Y N 15  
A1BFI C7  C11  sing Y N 16  
A1BFI C5  H7   sing N N 17  
A1BFI C6  H8   sing N N 18  
A1BFI C8  H11  sing N N 19  
A1BFI C8  H10  sing N N 20  
A1BFI C10 H15  sing N N 21  
A1BFI C10 H14  sing N N 22  
A1BFI C1  H3   sing N N 23  
A1BFI C1  H1   sing N N 24  
A1BFI C1  H2   sing N N 25  
A1BFI C12 H16  sing N N 26  
A1BFI C2  H6   sing N N 27  
A1BFI C2  H5   sing N N 28  
A1BFI C2  H4   sing N N 29  
A1BFI C9  H13  sing N N 30  
A1BFI C9  H12  sing N N 31  
A1BFI N2  H9   sing N N 32  
ALA   N   CA   sing N N 33  
ALA   N   H    sing N N 34  
ALA   N   H2   sing N N 35  
ALA   CA  C    sing N N 36  
ALA   CA  CB   sing N N 37  
ALA   CA  HA   sing N N 38  
ALA   C   O    doub N N 39  
ALA   C   OXT  sing N N 40  
ALA   CB  HB1  sing N N 41  
ALA   CB  HB2  sing N N 42  
ALA   CB  HB3  sing N N 43  
ALA   OXT HXT  sing N N 44  
ARG   N   CA   sing N N 45  
ARG   N   H    sing N N 46  
ARG   N   H2   sing N N 47  
ARG   CA  C    sing N N 48  
ARG   CA  CB   sing N N 49  
ARG   CA  HA   sing N N 50  
ARG   C   O    doub N N 51  
ARG   C   OXT  sing N N 52  
ARG   CB  CG   sing N N 53  
ARG   CB  HB2  sing N N 54  
ARG   CB  HB3  sing N N 55  
ARG   CG  CD   sing N N 56  
ARG   CG  HG2  sing N N 57  
ARG   CG  HG3  sing N N 58  
ARG   CD  NE   sing N N 59  
ARG   CD  HD2  sing N N 60  
ARG   CD  HD3  sing N N 61  
ARG   NE  CZ   sing N N 62  
ARG   NE  HE   sing N N 63  
ARG   CZ  NH1  sing N N 64  
ARG   CZ  NH2  doub N N 65  
ARG   NH1 HH11 sing N N 66  
ARG   NH1 HH12 sing N N 67  
ARG   NH2 HH21 sing N N 68  
ARG   NH2 HH22 sing N N 69  
ARG   OXT HXT  sing N N 70  
ASN   N   CA   sing N N 71  
ASN   N   H    sing N N 72  
ASN   N   H2   sing N N 73  
ASN   CA  C    sing N N 74  
ASN   CA  CB   sing N N 75  
ASN   CA  HA   sing N N 76  
ASN   C   O    doub N N 77  
ASN   C   OXT  sing N N 78  
ASN   CB  CG   sing N N 79  
ASN   CB  HB2  sing N N 80  
ASN   CB  HB3  sing N N 81  
ASN   CG  OD1  doub N N 82  
ASN   CG  ND2  sing N N 83  
ASN   ND2 HD21 sing N N 84  
ASN   ND2 HD22 sing N N 85  
ASN   OXT HXT  sing N N 86  
ASP   N   CA   sing N N 87  
ASP   N   H    sing N N 88  
ASP   N   H2   sing N N 89  
ASP   CA  C    sing N N 90  
ASP   CA  CB   sing N N 91  
ASP   CA  HA   sing N N 92  
ASP   C   O    doub N N 93  
ASP   C   OXT  sing N N 94  
ASP   CB  CG   sing N N 95  
ASP   CB  HB2  sing N N 96  
ASP   CB  HB3  sing N N 97  
ASP   CG  OD1  doub N N 98  
ASP   CG  OD2  sing N N 99  
ASP   OD2 HD2  sing N N 100 
ASP   OXT HXT  sing N N 101 
CYS   N   CA   sing N N 102 
CYS   N   H    sing N N 103 
CYS   N   H2   sing N N 104 
CYS   CA  C    sing N N 105 
CYS   CA  CB   sing N N 106 
CYS   CA  HA   sing N N 107 
CYS   C   O    doub N N 108 
CYS   C   OXT  sing N N 109 
CYS   CB  SG   sing N N 110 
CYS   CB  HB2  sing N N 111 
CYS   CB  HB3  sing N N 112 
CYS   SG  HG   sing N N 113 
CYS   OXT HXT  sing N N 114 
EDO   C1  O1   sing N N 115 
EDO   C1  C2   sing N N 116 
EDO   C1  H11  sing N N 117 
EDO   C1  H12  sing N N 118 
EDO   O1  HO1  sing N N 119 
EDO   C2  O2   sing N N 120 
EDO   C2  H21  sing N N 121 
EDO   C2  H22  sing N N 122 
EDO   O2  HO2  sing N N 123 
GLN   N   CA   sing N N 124 
GLN   N   H    sing N N 125 
GLN   N   H2   sing N N 126 
GLN   CA  C    sing N N 127 
GLN   CA  CB   sing N N 128 
GLN   CA  HA   sing N N 129 
GLN   C   O    doub N N 130 
GLN   C   OXT  sing N N 131 
GLN   CB  CG   sing N N 132 
GLN   CB  HB2  sing N N 133 
GLN   CB  HB3  sing N N 134 
GLN   CG  CD   sing N N 135 
GLN   CG  HG2  sing N N 136 
GLN   CG  HG3  sing N N 137 
GLN   CD  OE1  doub N N 138 
GLN   CD  NE2  sing N N 139 
GLN   NE2 HE21 sing N N 140 
GLN   NE2 HE22 sing N N 141 
GLN   OXT HXT  sing N N 142 
GLU   N   CA   sing N N 143 
GLU   N   H    sing N N 144 
GLU   N   H2   sing N N 145 
GLU   CA  C    sing N N 146 
GLU   CA  CB   sing N N 147 
GLU   CA  HA   sing N N 148 
GLU   C   O    doub N N 149 
GLU   C   OXT  sing N N 150 
GLU   CB  CG   sing N N 151 
GLU   CB  HB2  sing N N 152 
GLU   CB  HB3  sing N N 153 
GLU   CG  CD   sing N N 154 
GLU   CG  HG2  sing N N 155 
GLU   CG  HG3  sing N N 156 
GLU   CD  OE1  doub N N 157 
GLU   CD  OE2  sing N N 158 
GLU   OE2 HE2  sing N N 159 
GLU   OXT HXT  sing N N 160 
GLY   N   CA   sing N N 161 
GLY   N   H    sing N N 162 
GLY   N   H2   sing N N 163 
GLY   CA  C    sing N N 164 
GLY   CA  HA2  sing N N 165 
GLY   CA  HA3  sing N N 166 
GLY   C   O    doub N N 167 
GLY   C   OXT  sing N N 168 
GLY   OXT HXT  sing N N 169 
HIS   N   CA   sing N N 170 
HIS   N   H    sing N N 171 
HIS   N   H2   sing N N 172 
HIS   CA  C    sing N N 173 
HIS   CA  CB   sing N N 174 
HIS   CA  HA   sing N N 175 
HIS   C   O    doub N N 176 
HIS   C   OXT  sing N N 177 
HIS   CB  CG   sing N N 178 
HIS   CB  HB2  sing N N 179 
HIS   CB  HB3  sing N N 180 
HIS   CG  ND1  sing Y N 181 
HIS   CG  CD2  doub Y N 182 
HIS   ND1 CE1  doub Y N 183 
HIS   ND1 HD1  sing N N 184 
HIS   CD2 NE2  sing Y N 185 
HIS   CD2 HD2  sing N N 186 
HIS   CE1 NE2  sing Y N 187 
HIS   CE1 HE1  sing N N 188 
HIS   NE2 HE2  sing N N 189 
HIS   OXT HXT  sing N N 190 
HOH   O   H1   sing N N 191 
HOH   O   H2   sing N N 192 
ILE   N   CA   sing N N 193 
ILE   N   H    sing N N 194 
ILE   N   H2   sing N N 195 
ILE   CA  C    sing N N 196 
ILE   CA  CB   sing N N 197 
ILE   CA  HA   sing N N 198 
ILE   C   O    doub N N 199 
ILE   C   OXT  sing N N 200 
ILE   CB  CG1  sing N N 201 
ILE   CB  CG2  sing N N 202 
ILE   CB  HB   sing N N 203 
ILE   CG1 CD1  sing N N 204 
ILE   CG1 HG12 sing N N 205 
ILE   CG1 HG13 sing N N 206 
ILE   CG2 HG21 sing N N 207 
ILE   CG2 HG22 sing N N 208 
ILE   CG2 HG23 sing N N 209 
ILE   CD1 HD11 sing N N 210 
ILE   CD1 HD12 sing N N 211 
ILE   CD1 HD13 sing N N 212 
ILE   OXT HXT  sing N N 213 
LEU   N   CA   sing N N 214 
LEU   N   H    sing N N 215 
LEU   N   H2   sing N N 216 
LEU   CA  C    sing N N 217 
LEU   CA  CB   sing N N 218 
LEU   CA  HA   sing N N 219 
LEU   C   O    doub N N 220 
LEU   C   OXT  sing N N 221 
LEU   CB  CG   sing N N 222 
LEU   CB  HB2  sing N N 223 
LEU   CB  HB3  sing N N 224 
LEU   CG  CD1  sing N N 225 
LEU   CG  CD2  sing N N 226 
LEU   CG  HG   sing N N 227 
LEU   CD1 HD11 sing N N 228 
LEU   CD1 HD12 sing N N 229 
LEU   CD1 HD13 sing N N 230 
LEU   CD2 HD21 sing N N 231 
LEU   CD2 HD22 sing N N 232 
LEU   CD2 HD23 sing N N 233 
LEU   OXT HXT  sing N N 234 
LYS   N   CA   sing N N 235 
LYS   N   H    sing N N 236 
LYS   N   H2   sing N N 237 
LYS   CA  C    sing N N 238 
LYS   CA  CB   sing N N 239 
LYS   CA  HA   sing N N 240 
LYS   C   O    doub N N 241 
LYS   C   OXT  sing N N 242 
LYS   CB  CG   sing N N 243 
LYS   CB  HB2  sing N N 244 
LYS   CB  HB3  sing N N 245 
LYS   CG  CD   sing N N 246 
LYS   CG  HG2  sing N N 247 
LYS   CG  HG3  sing N N 248 
LYS   CD  CE   sing N N 249 
LYS   CD  HD2  sing N N 250 
LYS   CD  HD3  sing N N 251 
LYS   CE  NZ   sing N N 252 
LYS   CE  HE2  sing N N 253 
LYS   CE  HE3  sing N N 254 
LYS   NZ  HZ1  sing N N 255 
LYS   NZ  HZ2  sing N N 256 
LYS   NZ  HZ3  sing N N 257 
LYS   OXT HXT  sing N N 258 
MET   N   CA   sing N N 259 
MET   N   H    sing N N 260 
MET   N   H2   sing N N 261 
MET   CA  C    sing N N 262 
MET   CA  CB   sing N N 263 
MET   CA  HA   sing N N 264 
MET   C   O    doub N N 265 
MET   C   OXT  sing N N 266 
MET   CB  CG   sing N N 267 
MET   CB  HB2  sing N N 268 
MET   CB  HB3  sing N N 269 
MET   CG  SD   sing N N 270 
MET   CG  HG2  sing N N 271 
MET   CG  HG3  sing N N 272 
MET   SD  CE   sing N N 273 
MET   CE  HE1  sing N N 274 
MET   CE  HE2  sing N N 275 
MET   CE  HE3  sing N N 276 
MET   OXT HXT  sing N N 277 
PHE   N   CA   sing N N 278 
PHE   N   H    sing N N 279 
PHE   N   H2   sing N N 280 
PHE   CA  C    sing N N 281 
PHE   CA  CB   sing N N 282 
PHE   CA  HA   sing N N 283 
PHE   C   O    doub N N 284 
PHE   C   OXT  sing N N 285 
PHE   CB  CG   sing N N 286 
PHE   CB  HB2  sing N N 287 
PHE   CB  HB3  sing N N 288 
PHE   CG  CD1  doub Y N 289 
PHE   CG  CD2  sing Y N 290 
PHE   CD1 CE1  sing Y N 291 
PHE   CD1 HD1  sing N N 292 
PHE   CD2 CE2  doub Y N 293 
PHE   CD2 HD2  sing N N 294 
PHE   CE1 CZ   doub Y N 295 
PHE   CE1 HE1  sing N N 296 
PHE   CE2 CZ   sing Y N 297 
PHE   CE2 HE2  sing N N 298 
PHE   CZ  HZ   sing N N 299 
PHE   OXT HXT  sing N N 300 
PRO   N   CA   sing N N 301 
PRO   N   CD   sing N N 302 
PRO   N   H    sing N N 303 
PRO   CA  C    sing N N 304 
PRO   CA  CB   sing N N 305 
PRO   CA  HA   sing N N 306 
PRO   C   O    doub N N 307 
PRO   C   OXT  sing N N 308 
PRO   CB  CG   sing N N 309 
PRO   CB  HB2  sing N N 310 
PRO   CB  HB3  sing N N 311 
PRO   CG  CD   sing N N 312 
PRO   CG  HG2  sing N N 313 
PRO   CG  HG3  sing N N 314 
PRO   CD  HD2  sing N N 315 
PRO   CD  HD3  sing N N 316 
PRO   OXT HXT  sing N N 317 
SER   N   CA   sing N N 318 
SER   N   H    sing N N 319 
SER   N   H2   sing N N 320 
SER   CA  C    sing N N 321 
SER   CA  CB   sing N N 322 
SER   CA  HA   sing N N 323 
SER   C   O    doub N N 324 
SER   C   OXT  sing N N 325 
SER   CB  OG   sing N N 326 
SER   CB  HB2  sing N N 327 
SER   CB  HB3  sing N N 328 
SER   OG  HG   sing N N 329 
SER   OXT HXT  sing N N 330 
SO4   S   O1   doub N N 331 
SO4   S   O2   doub N N 332 
SO4   S   O3   sing N N 333 
SO4   S   O4   sing N N 334 
THR   N   CA   sing N N 335 
THR   N   H    sing N N 336 
THR   N   H2   sing N N 337 
THR   CA  C    sing N N 338 
THR   CA  CB   sing N N 339 
THR   CA  HA   sing N N 340 
THR   C   O    doub N N 341 
THR   C   OXT  sing N N 342 
THR   CB  OG1  sing N N 343 
THR   CB  CG2  sing N N 344 
THR   CB  HB   sing N N 345 
THR   OG1 HG1  sing N N 346 
THR   CG2 HG21 sing N N 347 
THR   CG2 HG22 sing N N 348 
THR   CG2 HG23 sing N N 349 
THR   OXT HXT  sing N N 350 
TRP   N   CA   sing N N 351 
TRP   N   H    sing N N 352 
TRP   N   H2   sing N N 353 
TRP   CA  C    sing N N 354 
TRP   CA  CB   sing N N 355 
TRP   CA  HA   sing N N 356 
TRP   C   O    doub N N 357 
TRP   C   OXT  sing N N 358 
TRP   CB  CG   sing N N 359 
TRP   CB  HB2  sing N N 360 
TRP   CB  HB3  sing N N 361 
TRP   CG  CD1  doub Y N 362 
TRP   CG  CD2  sing Y N 363 
TRP   CD1 NE1  sing Y N 364 
TRP   CD1 HD1  sing N N 365 
TRP   CD2 CE2  doub Y N 366 
TRP   CD2 CE3  sing Y N 367 
TRP   NE1 CE2  sing Y N 368 
TRP   NE1 HE1  sing N N 369 
TRP   CE2 CZ2  sing Y N 370 
TRP   CE3 CZ3  doub Y N 371 
TRP   CE3 HE3  sing N N 372 
TRP   CZ2 CH2  doub Y N 373 
TRP   CZ2 HZ2  sing N N 374 
TRP   CZ3 CH2  sing Y N 375 
TRP   CZ3 HZ3  sing N N 376 
TRP   CH2 HH2  sing N N 377 
TRP   OXT HXT  sing N N 378 
TYR   N   CA   sing N N 379 
TYR   N   H    sing N N 380 
TYR   N   H2   sing N N 381 
TYR   CA  C    sing N N 382 
TYR   CA  CB   sing N N 383 
TYR   CA  HA   sing N N 384 
TYR   C   O    doub N N 385 
TYR   C   OXT  sing N N 386 
TYR   CB  CG   sing N N 387 
TYR   CB  HB2  sing N N 388 
TYR   CB  HB3  sing N N 389 
TYR   CG  CD1  doub Y N 390 
TYR   CG  CD2  sing Y N 391 
TYR   CD1 CE1  sing Y N 392 
TYR   CD1 HD1  sing N N 393 
TYR   CD2 CE2  doub Y N 394 
TYR   CD2 HD2  sing N N 395 
TYR   CE1 CZ   doub Y N 396 
TYR   CE1 HE1  sing N N 397 
TYR   CE2 CZ   sing Y N 398 
TYR   CE2 HE2  sing N N 399 
TYR   CZ  OH   sing N N 400 
TYR   OH  HH   sing N N 401 
TYR   OXT HXT  sing N N 402 
VAL   N   CA   sing N N 403 
VAL   N   H    sing N N 404 
VAL   N   H2   sing N N 405 
VAL   CA  C    sing N N 406 
VAL   CA  CB   sing N N 407 
VAL   CA  HA   sing N N 408 
VAL   C   O    doub N N 409 
VAL   C   OXT  sing N N 410 
VAL   CB  CG1  sing N N 411 
VAL   CB  CG2  sing N N 412 
VAL   CB  HB   sing N N 413 
VAL   CG1 HG11 sing N N 414 
VAL   CG1 HG12 sing N N 415 
VAL   CG1 HG13 sing N N 416 
VAL   CG2 HG21 sing N N 417 
VAL   CG2 HG22 sing N N 418 
VAL   CG2 HG23 sing N N 419 
VAL   OXT HXT  sing N N 420 
# 
_pdbx_audit_support.ordinal                1 
_pdbx_audit_support.funding_organization   'European Union (EU)' 
_pdbx_audit_support.grant_number           875510 
_pdbx_audit_support.country                'European Union' 
# 
_pdbx_deposit_group.group_id            G_1002320 
_pdbx_deposit_group.group_description   
;PRYSPRY domain of murine TRIM21 screened against the DSI-poised Fragment Library by X-ray Crystallography at the XChem facility of Diamon Light Source
;
_pdbx_deposit_group.group_title         'PanDDA analysis group deposition' 
_pdbx_deposit_group.group_type          'changed state' 
# 
_pdbx_initial_refinement_model.id               1 
_pdbx_initial_refinement_model.entity_id_list   ? 
_pdbx_initial_refinement_model.type             'experimental model' 
_pdbx_initial_refinement_model.source_name      PDB 
_pdbx_initial_refinement_model.accession_code   2VOK 
_pdbx_initial_refinement_model.details          ? 
# 
_atom_sites.entry_id                    7HM9 
_atom_sites.fract_transf_matrix[1][1]   -0.00281459 
_atom_sites.fract_transf_matrix[1][2]   0.00001829 
_atom_sites.fract_transf_matrix[1][3]   0.01008561 
_atom_sites.fract_transf_matrix[2][1]   -0.00993516 
_atom_sites.fract_transf_matrix[2][2]   0.00179696 
_atom_sites.fract_transf_matrix[2][3]   -0.00277587 
_atom_sites.fract_transf_matrix[3][1]   -0.00362799 
_atom_sites.fract_transf_matrix[3][2]   -0.02156226 
_atom_sites.fract_transf_matrix[3][3]   -0.00097336 
_atom_sites.fract_transf_vector[1]      -0.298407 
_atom_sites.fract_transf_vector[2]      -0.117252 
_atom_sites.fract_transf_vector[3]      -0.503499 
# 
loop_
_atom_type.symbol 
C 
N 
O 
S 
# 
loop_
_atom_site.group_PDB 
_atom_site.id 
_atom_site.type_symbol 
_atom_site.label_atom_id 
_atom_site.label_alt_id 
_atom_site.label_comp_id 
_atom_site.label_asym_id 
_atom_site.label_entity_id 
_atom_site.label_seq_id 
_atom_site.pdbx_PDB_ins_code 
_atom_site.Cartn_x 
_atom_site.Cartn_y 
_atom_site.Cartn_z 
_atom_site.occupancy 
_atom_site.B_iso_or_equiv 
_atom_site.pdbx_formal_charge 
_atom_site.auth_seq_id 
_atom_site.auth_comp_id 
_atom_site.auth_asym_id 
_atom_site.auth_atom_id 
_atom_site.pdbx_PDB_model_num 
ATOM   1    N N   . HIS   A 1 2   ? -4.662  -13.308 14.585  1.00 78.71 ? 8   HIS   B N   1 
ATOM   2    C CA  . HIS   A 1 2   ? -4.011  -12.125 15.234  1.00 73.01 ? 8   HIS   B CA  1 
ATOM   3    C C   . HIS   A 1 2   ? -5.043  -11.360 16.075  1.00 72.66 ? 8   HIS   B C   1 
ATOM   4    O O   . HIS   A 1 2   ? -6.262  -11.529 15.830  1.00 74.42 ? 8   HIS   B O   1 
ATOM   5    C CB  . HIS   A 1 2   ? -3.343  -11.235 14.171  1.00 67.49 ? 8   HIS   B CB  1 
ATOM   6    C CG  . HIS   A 1 2   ? -4.292  -10.458 13.313  1.00 64.59 ? 8   HIS   B CG  1 
ATOM   7    N ND1 . HIS   A 1 2   ? -4.680  -9.163  13.623  1.00 64.14 ? 8   HIS   B ND1 1 
ATOM   8    C CD2 . HIS   A 1 2   ? -4.911  -10.768 12.150  1.00 63.46 ? 8   HIS   B CD2 1 
ATOM   9    C CE1 . HIS   A 1 2   ? -5.512  -8.721  12.702  1.00 63.81 ? 8   HIS   B CE1 1 
ATOM   10   N NE2 . HIS   A 1 2   ? -5.668  -9.681  11.780  1.00 60.83 ? 8   HIS   B NE2 1 
ATOM   11   N N   . HIS   A 1 3   ? -4.565  -10.530 17.009  1.00 70.97 ? 9   HIS   B N   1 
ATOM   12   C CA  . HIS   A 1 3   ? -5.382  -9.652  17.895  1.00 71.66 ? 9   HIS   B CA  1 
ATOM   13   C C   . HIS   A 1 3   ? -4.905  -8.190  17.794  1.00 63.29 ? 9   HIS   B C   1 
ATOM   14   O O   . HIS   A 1 3   ? -4.753  -7.550  18.858  1.00 61.16 ? 9   HIS   B O   1 
ATOM   15   C CB  . HIS   A 1 3   ? -5.336  -10.191 19.338  1.00 80.76 ? 9   HIS   B CB  1 
ATOM   16   C CG  . HIS   A 1 3   ? -5.749  -11.622 19.463  1.00 86.23 ? 9   HIS   B CG  1 
ATOM   17   N ND1 . HIS   A 1 3   ? -7.067  -12.031 19.323  1.00 84.18 ? 9   HIS   B ND1 1 
ATOM   18   C CD2 . HIS   A 1 3   ? -5.030  -12.738 19.717  1.00 90.26 ? 9   HIS   B CD2 1 
ATOM   19   C CE1 . HIS   A 1 3   ? -7.138  -13.337 19.482  1.00 90.93 ? 9   HIS   B CE1 1 
ATOM   20   N NE2 . HIS   A 1 3   ? -5.902  -13.793 19.729  1.00 94.52 ? 9   HIS   B NE2 1 
ATOM   21   N N   . HIS   A 1 4   ? -4.692  -7.685  16.565  1.00 51.26 ? 10  HIS   B N   1 
ATOM   22   C CA  . HIS   A 1 4   ? -4.136  -6.337  16.246  1.00 41.86 ? 10  HIS   B CA  1 
ATOM   23   C C   . HIS   A 1 4   ? -5.268  -5.349  15.920  1.00 39.43 ? 10  HIS   B C   1 
ATOM   24   O O   . HIS   A 1 4   ? -5.002  -4.123  15.882  1.00 32.86 ? 10  HIS   B O   1 
ATOM   25   C CB  . HIS   A 1 4   ? -3.147  -6.429  15.069  1.00 37.29 ? 10  HIS   B CB  1 
ATOM   26   C CG  . HIS   A 1 4   ? -1.920  -7.230  15.352  1.00 36.42 ? 10  HIS   B CG  1 
ATOM   27   N ND1 . HIS   A 1 4   ? -1.180  -7.085  16.529  1.00 34.72 ? 10  HIS   B ND1 1 
ATOM   28   C CD2 . HIS   A 1 4   ? -1.274  -8.153  14.609  1.00 33.41 ? 10  HIS   B CD2 1 
ATOM   29   C CE1 . HIS   A 1 4   ? -0.136  -7.887  16.490  1.00 40.50 ? 10  HIS   B CE1 1 
ATOM   30   N NE2 . HIS   A 1 4   ? -0.165  -8.545  15.317  1.00 39.75 ? 10  HIS   B NE2 1 
ATOM   31   N N   . HIS   A 1 5   ? -6.493  -5.849  15.712  1.00 40.02 ? 11  HIS   B N   1 
ATOM   32   C CA  . HIS   A 1 5   ? -7.678  -5.061  15.270  1.00 44.86 ? 11  HIS   B CA  1 
ATOM   33   C C   . HIS   A 1 5   ? -7.906  -3.833  16.165  1.00 42.00 ? 11  HIS   B C   1 
ATOM   34   O O   . HIS   A 1 5   ? -8.332  -2.791  15.608  1.00 42.24 ? 11  HIS   B O   1 
ATOM   35   C CB  . HIS   A 1 5   ? -8.950  -5.929  15.218  1.00 55.44 ? 11  HIS   B CB  1 
ATOM   36   C CG  . HIS   A 1 5   ? -8.817  -7.169  14.399  1.00 69.67 ? 11  HIS   B CG  1 
ATOM   37   N ND1 . HIS   A 1 5   ? -8.655  -8.423  14.974  1.00 82.31 ? 11  HIS   B ND1 1 
ATOM   38   C CD2 . HIS   A 1 5   ? -8.823  -7.364  13.060  1.00 76.71 ? 11  HIS   B CD2 1 
ATOM   39   C CE1 . HIS   A 1 5   ? -8.566  -9.336  14.022  1.00 84.92 ? 11  HIS   B CE1 1 
ATOM   40   N NE2 . HIS   A 1 5   ? -8.664  -8.710  12.837  1.00 81.42 ? 11  HIS   B NE2 1 
ATOM   41   N N   . HIS   A 1 6   ? -7.616  -3.930  17.477  1.00 38.40 ? 12  HIS   B N   1 
ATOM   42   C CA  . HIS   A 1 6   ? -7.827  -2.858  18.497  1.00 36.89 ? 12  HIS   B CA  1 
ATOM   43   C C   . HIS   A 1 6   ? -6.884  -1.653  18.311  1.00 32.55 ? 12  HIS   B C   1 
ATOM   44   O O   . HIS   A 1 6   ? -7.141  -0.617  18.937  1.00 35.08 ? 12  HIS   B O   1 
ATOM   45   C CB  . HIS   A 1 6   ? -7.738  -3.426  19.926  1.00 42.40 ? 12  HIS   B CB  1 
ATOM   46   C CG  . HIS   A 1 6   ? -6.428  -4.032  20.306  1.00 44.69 ? 12  HIS   B CG  1 
ATOM   47   N ND1 . HIS   A 1 6   ? -5.535  -3.402  21.163  1.00 48.72 ? 12  HIS   B ND1 1 
ATOM   48   C CD2 . HIS   A 1 6   ? -5.876  -5.226  19.995  1.00 47.56 ? 12  HIS   B CD2 1 
ATOM   49   C CE1 . HIS   A 1 6   ? -4.482  -4.173  21.351  1.00 45.06 ? 12  HIS   B CE1 1 
ATOM   50   N NE2 . HIS   A 1 6   ? -4.666  -5.301  20.643  1.00 52.29 ? 12  HIS   B NE2 1 
ATOM   51   N N   . HIS   A 1 7   ? -5.832  -1.762  17.491  1.00 27.00 ? 13  HIS   B N   1 
ATOM   52   C CA  . HIS   A 1 7   ? -4.950  -0.631  17.088  1.00 23.85 ? 13  HIS   B CA  1 
ATOM   53   C C   . HIS   A 1 7   ? -5.421  -0.017  15.774  1.00 22.47 ? 13  HIS   B C   1 
ATOM   54   O O   . HIS   A 1 7   ? -4.614  0.682   15.129  1.00 18.14 ? 13  HIS   B O   1 
ATOM   55   C CB  . HIS   A 1 7   ? -3.519  -1.116  16.934  1.00 23.11 ? 13  HIS   B CB  1 
ATOM   56   C CG  . HIS   A 1 7   ? -2.978  -1.690  18.198  1.00 22.70 ? 13  HIS   B CG  1 
ATOM   57   N ND1 . HIS   A 1 7   ? -2.762  -0.892  19.306  1.00 24.63 ? 13  HIS   B ND1 1 
ATOM   58   C CD2 . HIS   A 1 7   ? -2.553  -2.937  18.494  1.00 25.56 ? 13  HIS   B CD2 1 
ATOM   59   C CE1 . HIS   A 1 7   ? -2.256  -1.652  20.265  1.00 22.34 ? 13  HIS   B CE1 1 
ATOM   60   N NE2 . HIS   A 1 7   ? -2.128  -2.906  19.813  1.00 26.93 ? 13  HIS   B NE2 1 
ATOM   61   N N   . MET   A 1 8   ? -6.661  -0.269  15.396  1.00 22.45 ? 14  MET   B N   1 
ATOM   62   C CA  . MET   A 1 8   ? -7.253  0.241   14.135  1.00 24.80 ? 14  MET   B CA  1 
ATOM   63   C C   . MET   A 1 8   ? -7.137  1.768   14.082  1.00 24.21 ? 14  MET   B C   1 
ATOM   64   O O   . MET   A 1 8   ? -7.387  2.484   15.091  1.00 26.80 ? 14  MET   B O   1 
ATOM   65   C CB  . MET   A 1 8   ? -8.725  -0.178  14.038  1.00 31.49 ? 14  MET   B CB  1 
ATOM   66   C CG  . MET   A 1 8   ? -9.439  0.277   12.759  1.00 37.49 ? 14  MET   B CG  1 
ATOM   67   S SD  . MET   A 1 8   ? -8.967  -0.657  11.247  1.00 47.89 ? 14  MET   B SD  1 
ATOM   68   C CE  . MET   A 1 8   ? -9.954  -2.141  11.434  1.00 34.85 ? 14  MET   B CE  1 
ATOM   69   N N   . VAL   A 1 9   ? -6.761  2.276   12.916  1.00 18.84 ? 15  VAL   B N   1 
ATOM   70   C CA  . VAL   A 1 9   ? -6.629  3.717   12.605  1.00 19.87 ? 15  VAL   B CA  1 
ATOM   71   C C   . VAL   A 1 9   ? -7.453  4.001   11.340  1.00 20.08 ? 15  VAL   B C   1 
ATOM   72   O O   . VAL   A 1 9   ? -7.560  3.124   10.434  1.00 21.05 ? 15  VAL   B O   1 
ATOM   73   C CB  . VAL   A 1 9   ? -5.166  4.178   12.475  1.00 21.08 ? 15  VAL   B CB  1 
ATOM   74   C CG1 . VAL   A 1 9   ? -4.476  4.094   13.826  1.00 24.45 ? 15  VAL   B CG1 1 
ATOM   75   C CG2 . VAL   A 1 9   ? -4.365  3.408   11.443  1.00 21.77 ? 15  VAL   B CG2 1 
ATOM   76   N N   . HIS   A 1 10  ? -8.030  5.194   11.282  1.00 20.81 ? 16  HIS   B N   1 
ATOM   77   C CA  . HIS   A 1 10  ? -8.855  5.639   10.134  1.00 19.24 ? 16  HIS   B CA  1 
ATOM   78   C C   . HIS   A 1 10  ? -7.919  6.303   9.122   1.00 19.75 ? 16  HIS   B C   1 
ATOM   79   O O   . HIS   A 1 10  ? -7.373  7.377   9.375   1.00 24.52 ? 16  HIS   B O   1 
ATOM   80   C CB  . HIS   A 1 10  ? -9.944  6.590   10.606  1.00 20.75 ? 16  HIS   B CB  1 
ATOM   81   C CG  . HIS   A 1 10  ? -10.893 7.041   9.542   1.00 25.40 ? 16  HIS   B CG  1 
ATOM   82   N ND1 . HIS   A 1 10  ? -11.913 6.239   9.071   1.00 29.66 ? 16  HIS   B ND1 1 
ATOM   83   C CD2 . HIS   A 1 10  ? -10.949 8.200   8.837   1.00 29.35 ? 16  HIS   B CD2 1 
ATOM   84   C CE1 . HIS   A 1 10  ? -12.596 6.902   8.140   1.00 25.38 ? 16  HIS   B CE1 1 
ATOM   85   N NE2 . HIS   A 1 10  ? -12.001 8.108   7.959   1.00 31.22 ? 16  HIS   B NE2 1 
ATOM   86   N N   . ILE   A 1 11  ? -7.635  5.589   8.044   1.00 15.56 ? 17  ILE   B N   1 
ATOM   87   C CA  . ILE   A 1 11  ? -6.720  6.106   7.008   1.00 16.09 ? 17  ILE   B CA  1 
ATOM   88   C C   . ILE   A 1 11  ? -7.539  6.818   5.920   1.00 16.39 ? 17  ILE   B C   1 
ATOM   89   O O   . ILE   A 1 11  ? -8.599  6.360   5.579   1.00 15.84 ? 17  ILE   B O   1 
ATOM   90   C CB  . ILE   A 1 11  ? -5.899  4.954   6.403   1.00 16.33 ? 17  ILE   B CB  1 
ATOM   91   C CG1 . ILE   A 1 11  ? -5.060  4.235   7.467   1.00 17.08 ? 17  ILE   B CG1 1 
ATOM   92   C CG2 . ILE   A 1 11  ? -5.053  5.462   5.234   1.00 15.19 ? 17  ILE   B CG2 1 
ATOM   93   C CD1 . ILE   A 1 11  ? -4.140  5.134   8.275   1.00 16.36 ? 17  ILE   B CD1 1 
ATOM   94   N N   . THR   A 1 12  ? -7.005  7.900   5.433   1.00 15.18 ? 18  THR   B N   1 
ATOM   95   C CA  . THR   A 1 12  ? -7.576  8.607   4.253   1.00 16.07 ? 18  THR   B CA  1 
ATOM   96   C C   . THR   A 1 12  ? -6.447  8.870   3.268   1.00 15.77 ? 18  THR   B C   1 
ATOM   97   O O   . THR   A 1 12  ? -5.260  8.926   3.649   1.00 17.58 ? 18  THR   B O   1 
ATOM   98   C CB  . THR   A 1 12  ? -8.282  9.906   4.651   1.00 18.61 ? 18  THR   B CB  1 
ATOM   99   O OG1 . THR   A 1 12  ? -7.370  10.804  5.267   1.00 19.63 ? 18  THR   B OG1 1 
ATOM   100  C CG2 . THR   A 1 12  ? -9.493  9.665   5.537   1.00 20.62 ? 18  THR   B CG2 1 
ATOM   101  N N   . LEU   A 1 13  ? -6.807  8.984   1.988   1.00 14.48 ? 19  LEU   B N   1 
ATOM   102  C CA  . LEU   A 1 13  ? -5.775  9.162   0.942   1.00 15.48 ? 19  LEU   B CA  1 
ATOM   103  C C   . LEU   A 1 13  ? -5.461  10.637  0.711   1.00 14.41 ? 19  LEU   B C   1 
ATOM   104  O O   . LEU   A 1 13  ? -6.427  11.467  0.768   1.00 16.28 ? 19  LEU   B O   1 
ATOM   105  C CB  . LEU   A 1 13  ? -6.317  8.533   -0.323  1.00 14.88 ? 19  LEU   B CB  1 
ATOM   106  C CG  . LEU   A 1 13  ? -6.602  7.046   -0.177  1.00 14.81 ? 19  LEU   B CG  1 
ATOM   107  C CD1 . LEU   A 1 13  ? -7.331  6.464   -1.381  1.00 16.70 ? 19  LEU   B CD1 1 
ATOM   108  C CD2 . LEU   A 1 13  ? -5.291  6.297   0.082   1.00 17.30 ? 19  LEU   B CD2 1 
ATOM   109  N N   . ASP   A 1 14  ? -4.235  10.966  0.432   1.00 14.18 ? 20  ASP   B N   1 
ATOM   110  C CA  . ASP   A 1 14  ? -3.732  12.326  0.161   1.00 14.76 ? 20  ASP   B CA  1 
ATOM   111  C C   . ASP   A 1 14  ? -3.673  12.541  -1.375  1.00 15.50 ? 20  ASP   B C   1 
ATOM   112  O O   . ASP   A 1 14  ? -2.725  12.098  -2.012  1.00 14.29 ? 20  ASP   B O   1 
ATOM   113  C CB  . ASP   A 1 14  ? -2.385  12.555  0.840   1.00 15.21 ? 20  ASP   B CB  1 
ATOM   114  C CG  . ASP   A 1 14  ? -1.803  13.946  0.683   1.00 20.36 ? 20  ASP   B CG  1 
ATOM   115  O OD1 . ASP   A 1 14  ? -2.347  14.704  -0.151  1.00 18.80 ? 20  ASP   B OD1 1 
ATOM   116  O OD2 . ASP   A 1 14  ? -0.735  14.238  1.275   1.00 20.14 ? 20  ASP   B OD2 1 
ATOM   117  N N   A ARG   A 1 15  ? -4.693  13.241  -1.901  0.25 16.34 ? 21  ARG   B N   1 
ATOM   118  N N   B ARG   A 1 15  ? -4.681  13.236  -1.917  0.25 16.94 ? 21  ARG   B N   1 
ATOM   119  C CA  A ARG   A 1 15  ? -4.859  13.631  -3.333  0.25 17.30 ? 21  ARG   B CA  1 
ATOM   120  C CA  B ARG   A 1 15  ? -4.823  13.535  -3.372  0.25 18.16 ? 21  ARG   B CA  1 
ATOM   121  C C   A ARG   A 1 15  ? -3.575  14.218  -3.911  0.25 16.20 ? 21  ARG   B C   1 
ATOM   122  C C   B ARG   A 1 15  ? -3.570  14.221  -3.927  0.25 16.75 ? 21  ARG   B C   1 
ATOM   123  O O   A ARG   A 1 15  ? -3.280  13.953  -5.091  0.25 15.82 ? 21  ARG   B O   1 
ATOM   124  O O   B ARG   A 1 15  ? -3.267  14.000  -5.109  0.25 16.23 ? 21  ARG   B O   1 
ATOM   125  C CB  A ARG   A 1 15  ? -5.930  14.724  -3.487  0.25 18.08 ? 21  ARG   B CB  1 
ATOM   126  C CB  B ARG   A 1 15  ? -6.037  14.442  -3.627  0.25 20.24 ? 21  ARG   B CB  1 
ATOM   127  C CG  A ARG   A 1 15  ? -7.267  14.394  -2.845  0.25 19.69 ? 21  ARG   B CG  1 
ATOM   128  C CG  B ARG   A 1 15  ? -7.386  13.749  -3.513  0.25 22.51 ? 21  ARG   B CG  1 
ATOM   129  C CD  A ARG   A 1 15  ? -8.391  15.351  -3.229  0.25 19.29 ? 21  ARG   B CD  1 
ATOM   130  C CD  B ARG   A 1 15  ? -8.161  14.137  -2.256  0.25 25.84 ? 21  ARG   B CD  1 
ATOM   131  N NE  A ARG   A 1 15  ? -9.674  14.701  -3.015  0.25 18.97 ? 21  ARG   B NE  1 
ATOM   132  N NE  B ARG   A 1 15  ? -8.979  15.352  -2.361  0.25 27.67 ? 21  ARG   B NE  1 
ATOM   133  C CZ  A ARG   A 1 15  ? -10.180 13.847  -3.881  0.25 18.06 ? 21  ARG   B CZ  1 
ATOM   134  C CZ  B ARG   A 1 15  ? -8.715  16.521  -1.766  0.25 30.54 ? 21  ARG   B CZ  1 
ATOM   135  N NH1 A ARG   A 1 15  ? -9.526  13.628  -5.005  0.25 19.22 ? 21  ARG   B NH1 1 
ATOM   136  N NH1 B ARG   A 1 15  ? -7.650  16.673  -1.001  0.25 32.04 ? 21  ARG   B NH1 1 
ATOM   137  N NH2 A ARG   A 1 15  ? -11.329 13.243  -3.653  0.25 19.38 ? 21  ARG   B NH2 1 
ATOM   138  N NH2 B ARG   A 1 15  ? -9.529  17.547  -1.942  0.25 31.72 ? 21  ARG   B NH2 1 
ATOM   139  N N   . ASN   A 1 16  ? -2.866  15.032  -3.129  1.00 16.18 ? 22  ASN   B N   1 
ATOM   140  C CA  . ASN   A 1 16  ? -1.710  15.795  -3.631  1.00 18.30 ? 22  ASN   B CA  1 
ATOM   141  C C   . ASN   A 1 16  ? -0.548  14.878  -4.009  1.00 15.42 ? 22  ASN   B C   1 
ATOM   142  O O   . ASN   A 1 16  ? 0.289   15.274  -4.799  1.00 16.12 ? 22  ASN   B O   1 
ATOM   143  C CB  . ASN   A 1 16  ? -1.324  16.886  -2.629  1.00 21.91 ? 22  ASN   B CB  1 
ATOM   144  C CG  . ASN   A 1 16  ? -2.354  17.989  -2.640  1.00 29.60 ? 22  ASN   B CG  1 
ATOM   145  O OD1 . ASN   A 1 16  ? -3.049  18.195  -3.640  1.00 36.49 ? 22  ASN   B OD1 1 
ATOM   146  N ND2 . ASN   A 1 16  ? -2.484  18.671  -1.520  1.00 40.03 ? 22  ASN   B ND2 1 
ATOM   147  N N   . THR   A 1 17  ? -0.476  13.667  -3.411  1.00 13.53 ? 23  THR   B N   1 
ATOM   148  C CA  . THR   A 1 17  ? 0.590   12.686  -3.665  1.00 13.20 ? 23  THR   B CA  1 
ATOM   149  C C   . THR   A 1 17  ? 0.229   11.777  -4.831  1.00 11.57 ? 23  THR   B C   1 
ATOM   150  O O   . THR   A 1 17  ? 1.102   11.031  -5.277  1.00 12.44 ? 23  THR   B O   1 
ATOM   151  C CB  . THR   A 1 17  ? 0.911   11.818  -2.435  1.00 12.90 ? 23  THR   B CB  1 
ATOM   152  O OG1 . THR   A 1 17  ? -0.190  10.954  -2.137  1.00 13.43 ? 23  THR   B OG1 1 
ATOM   153  C CG2 . THR   A 1 17  ? 1.337   12.695  -1.265  1.00 13.89 ? 23  THR   B CG2 1 
ATOM   154  N N   . ALA   A 1 18  ? -1.018  11.774  -5.256  1.00 12.26 ? 24  ALA   B N   1 
ATOM   155  C CA  . ALA   A 1 18  ? -1.492  10.799  -6.254  1.00 12.27 ? 24  ALA   B CA  1 
ATOM   156  C C   . ALA   A 1 18  ? -0.867  11.028  -7.615  1.00 12.63 ? 24  ALA   B C   1 
ATOM   157  O O   . ALA   A 1 18  ? -0.834  12.154  -8.114  1.00 13.63 ? 24  ALA   B O   1 
ATOM   158  C CB  . ALA   A 1 18  ? -2.981  10.866  -6.336  1.00 12.36 ? 24  ALA   B CB  1 
ATOM   159  N N   . ASN   A 1 19  ? -0.529  9.961   -8.296  1.00 11.99 ? 25  ASN   B N   1 
ATOM   160  C CA  . ASN   A 1 19  ? -0.330  9.997   -9.761  1.00 12.14 ? 25  ASN   B CA  1 
ATOM   161  C C   . ASN   A 1 19  ? -1.545  10.687  -10.384 1.00 11.76 ? 25  ASN   B C   1 
ATOM   162  O O   . ASN   A 1 19  ? -2.691  10.498  -9.980  1.00 11.36 ? 25  ASN   B O   1 
ATOM   163  C CB  . ASN   A 1 19  ? -0.103  8.569   -10.244 1.00 12.41 ? 25  ASN   B CB  1 
ATOM   164  C CG  . ASN   A 1 19  ? 0.008   8.529   -11.741 1.00 14.75 ? 25  ASN   B CG  1 
ATOM   165  O OD1 . ASN   A 1 19  ? -0.976  8.443   -12.454 1.00 14.53 ? 25  ASN   B OD1 1 
ATOM   166  N ND2 . ASN   A 1 19  ? 1.210   8.712   -12.195 1.00 17.83 ? 25  ASN   B ND2 1 
ATOM   167  N N   . SER   A 1 20  ? -1.284  11.446  -11.432 1.00 11.90 ? 26  SER   B N   1 
ATOM   168  C CA  . SER   A 1 20  ? -2.291  12.312  -12.082 1.00 11.74 ? 26  SER   B CA  1 
ATOM   169  C C   . SER   A 1 20  ? -3.394  11.518  -12.791 1.00 12.88 ? 26  SER   B C   1 
ATOM   170  O O   . SER   A 1 20  ? -4.364  12.174  -13.165 1.00 13.42 ? 26  SER   B O   1 
ATOM   171  C CB  . SER   A 1 20  ? -1.612  13.270  -13.056 1.00 13.61 ? 26  SER   B CB  1 
ATOM   172  O OG  . SER   A 1 20  ? -0.950  12.507  -14.040 1.00 17.57 ? 26  SER   B OG  1 
ATOM   173  N N   . TRP   A 1 21  ? -3.288  10.214  -12.985 1.00 11.51 ? 27  TRP   B N   1 
ATOM   174  C CA  . TRP   A 1 21  ? -4.353  9.383   -13.586 1.00 12.04 ? 27  TRP   B CA  1 
ATOM   175  C C   . TRP   A 1 21  ? -5.271  8.784   -12.528 1.00 12.34 ? 27  TRP   B C   1 
ATOM   176  O O   . TRP   A 1 21  ? -6.239  8.142   -12.928 1.00 12.69 ? 27  TRP   B O   1 
ATOM   177  C CB  . TRP   A 1 21  ? -3.742  8.301   -14.442 1.00 13.47 ? 27  TRP   B CB  1 
ATOM   178  C CG  . TRP   A 1 21  ? -3.164  8.817   -15.732 1.00 14.08 ? 27  TRP   B CG  1 
ATOM   179  C CD1 . TRP   A 1 21  ? -2.346  9.897   -15.916 1.00 14.93 ? 27  TRP   B CD1 1 
ATOM   180  C CD2 . TRP   A 1 21  ? -3.381  8.231   -17.021 1.00 15.28 ? 27  TRP   B CD2 1 
ATOM   181  N NE1 . TRP   A 1 21  ? -2.038  10.021  -17.255 1.00 18.12 ? 27  TRP   B NE1 1 
ATOM   182  C CE2 . TRP   A 1 21  ? -2.644  9.017   -17.934 1.00 15.02 ? 27  TRP   B CE2 1 
ATOM   183  C CE3 . TRP   A 1 21  ? -4.133  7.152   -17.481 1.00 16.48 ? 27  TRP   B CE3 1 
ATOM   184  C CZ2 . TRP   A 1 21  ? -2.643  8.725   -19.315 1.00 18.66 ? 27  TRP   B CZ2 1 
ATOM   185  C CZ3 . TRP   A 1 21  ? -4.104  6.855   -18.843 1.00 18.64 ? 27  TRP   B CZ3 1 
ATOM   186  C CH2 . TRP   A 1 21  ? -3.322  7.601   -19.714 1.00 19.07 ? 27  TRP   B CH2 1 
ATOM   187  N N   . LEU   A 1 22  ? -4.985  8.992   -11.230 1.00 11.90 ? 28  LEU   B N   1 
ATOM   188  C CA  . LEU   A 1 22  ? -5.816  8.344   -10.200 1.00 12.11 ? 28  LEU   B CA  1 
ATOM   189  C C   . LEU   A 1 22  ? -7.054  9.210   -9.901  1.00 12.12 ? 28  LEU   B C   1 
ATOM   190  O O   . LEU   A 1 22  ? -7.014  10.440  -9.912  1.00 13.07 ? 28  LEU   B O   1 
ATOM   191  C CB  . LEU   A 1 22  ? -5.012  8.135   -8.915  1.00 11.09 ? 28  LEU   B CB  1 
ATOM   192  C CG  . LEU   A 1 22  ? -3.829  7.201   -9.054  1.00 12.56 ? 28  LEU   B CG  1 
ATOM   193  C CD1 . LEU   A 1 22  ? -3.153  7.010   -7.718  1.00 12.59 ? 28  LEU   B CD1 1 
ATOM   194  C CD2 . LEU   A 1 22  ? -4.198  5.865   -9.611  1.00 14.22 ? 28  LEU   B CD2 1 
ATOM   195  N N   . ILE   A 1 23  ? -8.111  8.478   -9.558  1.00 10.90 ? 29  ILE   B N   1 
ATOM   196  C CA  . ILE   A 1 23  ? -9.404  9.046   -9.104  1.00 12.77 ? 29  ILE   B CA  1 
ATOM   197  C C   . ILE   A 1 23  ? -9.641  8.585   -7.675  1.00 12.86 ? 29  ILE   B C   1 
ATOM   198  O O   . ILE   A 1 23  ? -9.811  7.361   -7.449  1.00 13.42 ? 29  ILE   B O   1 
ATOM   199  C CB  . ILE   A 1 23  ? -10.552 8.632   -10.002 1.00 13.69 ? 29  ILE   B CB  1 
ATOM   200  C CG1 . ILE   A 1 23  ? -10.357 9.049   -11.483 1.00 14.28 ? 29  ILE   B CG1 1 
ATOM   201  C CG2 . ILE   A 1 23  ? -11.863 9.242   -9.466  1.00 14.91 ? 29  ILE   B CG2 1 
ATOM   202  C CD1 . ILE   A 1 23  ? -11.337 8.487   -12.425 1.00 15.87 ? 29  ILE   B CD1 1 
ATOM   203  N N   . ILE   A 1 24  ? -9.582  9.559   -6.767  1.00 15.00 ? 30  ILE   B N   1 
ATOM   204  C CA  . ILE   A 1 24  ? -9.797  9.315   -5.314  1.00 14.94 ? 30  ILE   B CA  1 
ATOM   205  C C   . ILE   A 1 24  ? -11.225 9.722   -4.997  1.00 15.39 ? 30  ILE   B C   1 
ATOM   206  O O   . ILE   A 1 24  ? -11.652 10.874  -5.383  1.00 17.28 ? 30  ILE   B O   1 
ATOM   207  C CB  . ILE   A 1 24  ? -8.765  10.067  -4.481  1.00 15.87 ? 30  ILE   B CB  1 
ATOM   208  C CG1 . ILE   A 1 24  ? -7.382  9.433   -4.631  1.00 18.60 ? 30  ILE   B CG1 1 
ATOM   209  C CG2 . ILE   A 1 24  ? -9.174  10.059  -3.007  1.00 16.28 ? 30  ILE   B CG2 1 
ATOM   210  C CD1 . ILE   A 1 24  ? -6.335  10.259  -4.188  1.00 23.44 ? 30  ILE   B CD1 1 
ATOM   211  N N   . SER   A 1 25  ? -11.974 8.906   -4.296  1.00 14.77 ? 31  SER   B N   1 
ATOM   212  C CA  . SER   A 1 25  ? -13.382 9.171   -3.970  1.00 15.65 ? 31  SER   B CA  1 
ATOM   213  C C   . SER   A 1 25  ? -13.509 10.395  -3.041  1.00 14.76 ? 31  SER   B C   1 
ATOM   214  O O   . SER   A 1 25  ? -12.570 10.801  -2.393  1.00 15.70 ? 31  SER   B O   1 
ATOM   215  C CB  . SER   A 1 25  ? -13.965 7.946   -3.391  1.00 16.11 ? 31  SER   B CB  1 
ATOM   216  O OG  . SER   A 1 25  ? -13.302 7.640   -2.161  1.00 16.42 ? 31  SER   B OG  1 
ATOM   217  N N   . LYS   A 1 26  ? -14.716 10.974  -3.007  1.00 18.56 ? 32  LYS   B N   1 
ATOM   218  C CA  . LYS   A 1 26  ? -15.020 12.146  -2.157  1.00 19.51 ? 32  LYS   B CA  1 
ATOM   219  C C   . LYS   A 1 26  ? -14.636 11.898  -0.689  1.00 17.89 ? 32  LYS   B C   1 
ATOM   220  O O   . LYS   A 1 26  ? -14.125 12.815  -0.070  1.00 20.79 ? 32  LYS   B O   1 
ATOM   221  C CB  . LYS   A 1 26  ? -16.524 12.422  -2.287  1.00 23.90 ? 32  LYS   B CB  1 
ATOM   222  C CG  . LYS   A 1 26  ? -17.030 13.543  -1.420  1.00 27.26 ? 32  LYS   B CG  1 
ATOM   223  C CD  . LYS   A 1 26  ? -18.332 14.037  -1.959  1.00 26.87 ? 32  LYS   B CD  1 
ATOM   224  C CE  . LYS   A 1 26  ? -19.326 12.930  -2.166  1.00 32.25 ? 32  LYS   B CE  1 
ATOM   225  N NZ  . LYS   A 1 26  ? -20.604 13.537  -2.570  1.00 35.62 ? 32  LYS   B NZ  1 
ATOM   226  N N   . ASP   A 1 27  ? -14.901 10.692  -0.187  1.00 18.06 ? 33  ASP   B N   1 
ATOM   227  C CA  . ASP   A 1 27  ? -14.612 10.322  1.227   1.00 17.39 ? 33  ASP   B CA  1 
ATOM   228  C C   . ASP   A 1 27  ? -13.116 10.033  1.433   1.00 17.04 ? 33  ASP   B C   1 
ATOM   229  O O   . ASP   A 1 27  ? -12.706 9.800   2.586   1.00 16.52 ? 33  ASP   B O   1 
ATOM   230  C CB  . ASP   A 1 27  ? -15.505 9.196   1.729   1.00 19.16 ? 33  ASP   B CB  1 
ATOM   231  C CG  . ASP   A 1 27  ? -15.292 7.841   1.099   1.00 19.25 ? 33  ASP   B CG  1 
ATOM   232  O OD1 . ASP   A 1 27  ? -14.372 7.716   0.224   1.00 19.51 ? 33  ASP   B OD1 1 
ATOM   233  O OD2 . ASP   A 1 27  ? -16.015 6.900   1.540   1.00 23.88 ? 33  ASP   B OD2 1 
ATOM   234  N N   . ARG   A 1 28  ? -12.298 10.081  0.397   1.00 15.21 ? 34  ARG   B N   1 
ATOM   235  C CA  . ARG   A 1 28  ? -10.839 9.832   0.453   1.00 15.16 ? 34  ARG   B CA  1 
ATOM   236  C C   . ARG   A 1 28  ? -10.571 8.387   0.956   1.00 12.70 ? 34  ARG   B C   1 
ATOM   237  O O   . ARG   A 1 28  ? -9.437  8.162   1.442   1.00 13.94 ? 34  ARG   B O   1 
ATOM   238  C CB  . ARG   A 1 28  ? -10.121 10.951  1.224   1.00 18.63 ? 34  ARG   B CB  1 
ATOM   239  C CG  . ARG   A 1 28  ? -10.300 12.322  0.579   1.00 23.71 ? 34  ARG   B CG  1 
ATOM   240  C CD  . ARG   A 1 28  ? -9.673  13.503  1.286   1.00 31.49 ? 34  ARG   B CD  1 
ATOM   241  N NE  . ARG   A 1 28  ? -9.874  13.544  2.724   1.00 44.40 ? 34  ARG   B NE  1 
ATOM   242  C CZ  . ARG   A 1 28  ? -8.951  13.245  3.658   1.00 57.92 ? 34  ARG   B CZ  1 
ATOM   243  N NH1 . ARG   A 1 28  ? -7.718  12.848  3.329   1.00 53.60 ? 34  ARG   B NH1 1 
ATOM   244  N NH2 . ARG   A 1 28  ? -9.279  13.346  4.942   1.00 61.44 ? 34  ARG   B NH2 1 
ATOM   245  N N   . ARG   A 1 29  ? -11.469 7.453   0.737   1.00 12.02 ? 35  ARG   B N   1 
ATOM   246  C CA  . ARG   A 1 29  ? -11.281 6.060   1.185   1.00 13.62 ? 35  ARG   B CA  1 
ATOM   247  C C   . ARG   A 1 29  ? -11.139 5.068   0.037   1.00 12.98 ? 35  ARG   B C   1 
ATOM   248  O O   . ARG   A 1 29  ? -10.840 3.904   0.305   1.00 14.03 ? 35  ARG   B O   1 
ATOM   249  C CB  . ARG   A 1 29  ? -12.431 5.621   2.106   1.00 14.40 ? 35  ARG   B CB  1 
ATOM   250  C CG  . ARG   A 1 29  ? -12.501 6.508   3.343   1.00 17.79 ? 35  ARG   B CG  1 
ATOM   251  C CD  . ARG   A 1 29  ? -11.632 6.050   4.483   1.00 19.01 ? 35  ARG   B CD  1 
ATOM   252  N NE  . ARG   A 1 29  ? -12.231 4.855   5.086   1.00 19.47 ? 35  ARG   B NE  1 
ATOM   253  C CZ  . ARG   A 1 29  ? -11.647 4.106   6.033   1.00 19.17 ? 35  ARG   B CZ  1 
ATOM   254  N NH1 . ARG   A 1 29  ? -10.470 4.454   6.478   1.00 19.36 ? 35  ARG   B NH1 1 
ATOM   255  N NH2 . ARG   A 1 29  ? -12.258 3.051   6.518   1.00 20.43 ? 35  ARG   B NH2 1 
ATOM   256  N N   . GLN   A 1 30  ? -11.321 5.460   -1.230  1.00 12.32 ? 36  GLN   B N   1 
ATOM   257  C CA  . GLN   A 1 30  ? -11.186 4.587   -2.399  1.00 12.96 ? 36  GLN   B CA  1 
ATOM   258  C C   . GLN   A 1 30  ? -10.329 5.282   -3.458  1.00 12.31 ? 36  GLN   B C   1 
ATOM   259  O O   . GLN   A 1 30  ? -10.354 6.537   -3.575  1.00 12.98 ? 36  GLN   B O   1 
ATOM   260  C CB  . GLN   A 1 30  ? -12.542 4.228   -3.003  1.00 15.86 ? 36  GLN   B CB  1 
ATOM   261  C CG  . GLN   A 1 30  ? -13.559 3.777   -1.990  1.00 18.77 ? 36  GLN   B CG  1 
ATOM   262  C CD  . GLN   A 1 30  ? -14.766 3.210   -2.711  1.00 22.64 ? 36  GLN   B CD  1 
ATOM   263  O OE1 . GLN   A 1 30  ? -14.732 2.883   -3.908  1.00 25.26 ? 36  GLN   B OE1 1 
ATOM   264  N NE2 . GLN   A 1 30  ? -15.847 3.068   -1.972  1.00 27.09 ? 36  GLN   B NE2 1 
ATOM   265  N N   . VAL   A 1 31  ? -9.603  4.468   -4.215  1.00 11.81 ? 37  VAL   B N   1 
ATOM   266  C CA  . VAL   A 1 31  ? -8.798  4.983   -5.340  1.00 11.32 ? 37  VAL   B CA  1 
ATOM   267  C C   . VAL   A 1 31  ? -8.853  3.978   -6.470  1.00 11.78 ? 37  VAL   B C   1 
ATOM   268  O O   . VAL   A 1 31  ? -8.712  2.782   -6.244  1.00 11.49 ? 37  VAL   B O   1 
ATOM   269  C CB  . VAL   A 1 31  ? -7.390  5.346   -4.885  1.00 11.29 ? 37  VAL   B CB  1 
ATOM   270  C CG1 . VAL   A 1 31  ? -6.648  4.174   -4.241  1.00 11.14 ? 37  VAL   B CG1 1 
ATOM   271  C CG2 . VAL   A 1 31  ? -6.568  5.884   -6.044  1.00 12.33 ? 37  VAL   B CG2 1 
ATOM   272  N N   . ARG   A 1 32  ? -8.960  4.479   -7.690  1.00 11.95 ? 38  ARG   B N   1 
ATOM   273  C CA  . ARG   A 1 32  ? -8.841  3.649   -8.903  1.00 12.45 ? 38  ARG   B CA  1 
ATOM   274  C C   . ARG   A 1 32  ? -8.106  4.434   -9.986  1.00 12.35 ? 38  ARG   B C   1 
ATOM   275  O O   . ARG   A 1 32  ? -7.983  5.662   -9.943  1.00 12.21 ? 38  ARG   B O   1 
ATOM   276  C CB  . ARG   A 1 32  ? -10.211 3.207   -9.406  1.00 13.68 ? 38  ARG   B CB  1 
ATOM   277  C CG  . ARG   A 1 32  ? -11.058 4.368   -9.908  1.00 15.42 ? 38  ARG   B CG  1 
ATOM   278  C CD  . ARG   A 1 32  ? -12.479 3.861   -10.178 1.00 18.62 ? 38  ARG   B CD  1 
ATOM   279  N NE  . ARG   A 1 32  ? -13.336 4.949   -10.630 1.00 23.23 ? 38  ARG   B NE  1 
ATOM   280  C CZ  . ARG   A 1 32  ? -13.484 5.323   -11.883 1.00 20.35 ? 38  ARG   B CZ  1 
ATOM   281  N NH1 . ARG   A 1 32  ? -12.834 4.741   -12.855 1.00 22.74 ? 38  ARG   B NH1 1 
ATOM   282  N NH2 . ARG   A 1 32  ? -14.305 6.350   -12.148 1.00 25.14 ? 38  ARG   B NH2 1 
ATOM   283  N N   A MET   A 1 33  ? -7.637  3.652   -10.956 0.15 13.14 ? 39  MET   B N   1 
ATOM   284  N N   B MET   A 1 33  ? -7.551  3.706   -10.949 0.13 13.26 ? 39  MET   B N   1 
ATOM   285  C CA  A MET   A 1 33  ? -6.998  4.130   -12.203 0.15 14.55 ? 39  MET   B CA  1 
ATOM   286  C CA  B MET   A 1 33  ? -6.842  4.358   -12.077 0.13 14.41 ? 39  MET   B CA  1 
ATOM   287  C C   A MET   A 1 33  ? -8.077  4.731   -13.106 0.15 14.32 ? 39  MET   B C   1 
ATOM   288  C C   B MET   A 1 33  ? -7.859  4.691   -13.166 0.13 14.27 ? 39  MET   B C   1 
ATOM   289  O O   A MET   A 1 33  ? -9.078  4.061   -13.377 0.15 14.00 ? 39  MET   B O   1 
ATOM   290  O O   B MET   A 1 33  ? -8.527  3.753   -13.657 0.13 13.31 ? 39  MET   B O   1 
ATOM   291  C CB  A MET   A 1 33  ? -6.317  2.954   -12.911 0.15 15.98 ? 39  MET   B CB  1 
ATOM   292  C CB  B MET   A 1 33  ? -5.742  3.484   -12.675 0.13 16.11 ? 39  MET   B CB  1 
ATOM   293  C CG  A MET   A 1 33  ? -5.533  3.354   -14.143 0.15 18.24 ? 39  MET   B CG  1 
ATOM   294  C CG  B MET   A 1 33  ? -5.073  4.155   -13.864 0.13 17.84 ? 39  MET   B CG  1 
ATOM   295  S SD  A MET   A 1 33  ? -4.170  4.491   -13.745 0.15 20.89 ? 39  MET   B SD  1 
ATOM   296  S SD  B MET   A 1 33  ? -3.481  3.412   -14.223 0.13 20.13 ? 39  MET   B SD  1 
ATOM   297  C CE  A MET   A 1 33  ? -3.190  4.346   -15.236 0.15 21.08 ? 39  MET   B CE  1 
ATOM   298  C CE  B MET   A 1 33  ? -2.630  4.857   -14.836 0.13 20.53 ? 39  MET   B CE  1 
ATOM   299  N N   . GLY   A 1 34  ? -7.902  5.980   -13.522 1.00 13.83 ? 40  GLY   B N   1 
ATOM   300  C CA  . GLY   A 1 34  ? -8.749  6.539   -14.592 1.00 15.32 ? 40  GLY   B CA  1 
ATOM   301  C C   . GLY   A 1 34  ? -8.240  6.125   -15.955 1.00 15.59 ? 40  GLY   B C   1 
ATOM   302  O O   . GLY   A 1 34  ? -7.144  5.548   -16.075 1.00 16.05 ? 40  GLY   B O   1 
ATOM   303  N N   . ASP   A 1 35  ? -9.054  6.392   -16.991 1.00 18.78 ? 41  ASP   B N   1 
ATOM   304  C CA  . ASP   A 1 35  ? -8.651  5.980   -18.365 1.00 21.00 ? 41  ASP   B CA  1 
ATOM   305  C C   . ASP   A 1 35  ? -7.827  7.107   -19.011 1.00 20.96 ? 41  ASP   B C   1 
ATOM   306  O O   . ASP   A 1 35  ? -7.376  6.910   -20.169 1.00 21.05 ? 41  ASP   B O   1 
ATOM   307  C CB  . ASP   A 1 35  ? -9.867  5.498   -19.179 1.00 28.03 ? 41  ASP   B CB  1 
ATOM   308  C CG  . ASP   A 1 35  ? -10.382 4.088   -18.816 1.00 39.30 ? 41  ASP   B CG  1 
ATOM   309  O OD1 . ASP   A 1 35  ? -9.577  3.237   -18.332 1.00 44.84 ? 41  ASP   B OD1 1 
ATOM   310  O OD2 . ASP   A 1 35  ? -11.584 3.810   -19.049 1.00 45.05 ? 41  ASP   B OD2 1 
ATOM   311  N N   . THR   A 1 36  ? -7.558  8.189   -18.309 1.00 16.35 ? 42  THR   B N   1 
ATOM   312  C CA  . THR   A 1 36  ? -6.815  9.376   -18.845 1.00 16.93 ? 42  THR   B CA  1 
ATOM   313  C C   . THR   A 1 36  ? -6.235  10.199  -17.697 1.00 15.26 ? 42  THR   B C   1 
ATOM   314  O O   . THR   A 1 36  ? -6.611  10.014  -16.459 1.00 13.93 ? 42  THR   B O   1 
ATOM   315  C CB  . THR   A 1 36  ? -7.761  10.175  -19.755 1.00 18.63 ? 42  THR   B CB  1 
ATOM   316  O OG1 . THR   A 1 36  ? -7.010  11.184  -20.407 1.00 22.52 ? 42  THR   B OG1 1 
ATOM   317  C CG2 . THR   A 1 36  ? -8.873  10.820  -18.960 1.00 20.93 ? 42  THR   B CG2 1 
ATOM   318  N N   . HIS   A 1 37  ? -5.449  11.229  -17.990 1.00 16.38 ? 43  HIS   B N   1 
ATOM   319  C CA  . HIS   A 1 37  ? -5.058  12.269  -17.015 1.00 14.92 ? 43  HIS   B CA  1 
ATOM   320  C C   . HIS   A 1 37  ? -6.289  12.878  -16.384 1.00 16.47 ? 43  HIS   B C   1 
ATOM   321  O O   . HIS   A 1 37  ? -7.230  13.291  -17.133 1.00 17.62 ? 43  HIS   B O   1 
ATOM   322  C CB  . HIS   A 1 37  ? -4.187  13.299  -17.738 1.00 14.53 ? 43  HIS   B CB  1 
ATOM   323  C CG  . HIS   A 1 37  ? -3.532  14.333  -16.909 1.00 14.47 ? 43  HIS   B CG  1 
ATOM   324  N ND1 . HIS   A 1 37  ? -4.213  15.384  -16.304 1.00 14.73 ? 43  HIS   B ND1 1 
ATOM   325  C CD2 . HIS   A 1 37  ? -2.231  14.532  -16.665 1.00 14.14 ? 43  HIS   B CD2 1 
ATOM   326  C CE1 . HIS   A 1 37  ? -3.334  16.181  -15.739 1.00 14.63 ? 43  HIS   B CE1 1 
ATOM   327  N NE2 . HIS   A 1 37  ? -2.084  15.649  -15.914 1.00 14.02 ? 43  HIS   B NE2 1 
ATOM   328  N N   . GLN   A 1 38  ? -6.291  13.069  -15.069 1.00 14.91 ? 44  GLN   B N   1 
ATOM   329  C CA  . GLN   A 1 38  ? -7.469  13.548  -14.319 1.00 14.96 ? 44  GLN   B CA  1 
ATOM   330  C C   . GLN   A 1 38  ? -7.519  15.068  -14.110 1.00 17.00 ? 44  GLN   B C   1 
ATOM   331  O O   . GLN   A 1 38  ? -8.293  15.573  -13.257 1.00 17.10 ? 44  GLN   B O   1 
ATOM   332  C CB  . GLN   A 1 38  ? -7.543  12.788  -12.997 1.00 14.62 ? 44  GLN   B CB  1 
ATOM   333  C CG  . GLN   A 1 38  ? -7.872  11.357  -13.214 1.00 14.82 ? 44  GLN   B CG  1 
ATOM   334  C CD  . GLN   A 1 38  ? -9.079  11.097  -14.059 1.00 15.08 ? 44  GLN   B CD  1 
ATOM   335  O OE1 . GLN   A 1 38  ? -9.062  10.365  -15.056 1.00 17.99 ? 44  GLN   B OE1 1 
ATOM   336  N NE2 . GLN   A 1 38  ? -10.179 11.728  -13.707 1.00 14.26 ? 44  GLN   B NE2 1 
ATOM   337  N N   . ASN   A 1 39  ? -6.778  15.831  -14.902 1.00 15.27 ? 45  ASN   B N   1 
ATOM   338  C CA  . ASN   A 1 39  ? -7.008  17.299  -15.039 1.00 14.35 ? 45  ASN   B CA  1 
ATOM   339  C C   . ASN   A 1 39  ? -6.560  18.056  -13.807 1.00 15.59 ? 45  ASN   B C   1 
ATOM   340  O O   . ASN   A 1 39  ? -7.128  19.108  -13.494 1.00 18.21 ? 45  ASN   B O   1 
ATOM   341  C CB  . ASN   A 1 39  ? -8.449  17.658  -15.496 1.00 15.44 ? 45  ASN   B CB  1 
ATOM   342  C CG  . ASN   A 1 39  ? -8.498  18.998  -16.216 1.00 15.52 ? 45  ASN   B CG  1 
ATOM   343  O OD1 . ASN   A 1 39  ? -7.525  19.424  -16.830 1.00 14.52 ? 45  ASN   B OD1 1 
ATOM   344  N ND2 . ASN   A 1 39  ? -9.632  19.698  -16.122 1.00 15.26 ? 45  ASN   B ND2 1 
ATOM   345  N N   . VAL   A 1 40  ? -5.491  17.587  -13.176 1.00 17.94 ? 46  VAL   B N   1 
ATOM   346  C CA  . VAL   A 1 40  ? -4.840  18.206  -11.996 1.00 17.77 ? 46  VAL   B CA  1 
ATOM   347  C C   . VAL   A 1 40  ? -3.505  18.832  -12.433 1.00 16.42 ? 46  VAL   B C   1 
ATOM   348  O O   . VAL   A 1 40  ? -2.895  18.291  -13.339 1.00 16.43 ? 46  VAL   B O   1 
ATOM   349  C CB  . VAL   A 1 40  ? -4.637  17.177  -10.869 1.00 18.69 ? 46  VAL   B CB  1 
ATOM   350  C CG1 . VAL   A 1 40  ? -5.967  16.742  -10.268 1.00 22.13 ? 46  VAL   B CG1 1 
ATOM   351  C CG2 . VAL   A 1 40  ? -3.860  15.953  -11.336 1.00 19.43 ? 46  VAL   B CG2 1 
ATOM   352  N N   . SER   A 1 41  ? -3.008  19.844  -11.731 1.00 18.43 ? 47  SER   B N   1 
ATOM   353  C CA  . SER   A 1 41  ? -1.633  20.346  -11.933 1.00 19.04 ? 47  SER   B CA  1 
ATOM   354  C C   . SER   A 1 41  ? -0.592  19.357  -11.418 1.00 19.37 ? 47  SER   B C   1 
ATOM   355  O O   . SER   A 1 41  ? -0.900  18.572  -10.488 1.00 18.44 ? 47  SER   B O   1 
ATOM   356  C CB  . SER   A 1 41  ? -1.448  21.699  -11.294 1.00 22.33 ? 47  SER   B CB  1 
ATOM   357  O OG  . SER   A 1 41  ? -1.695  21.630  -9.904  1.00 25.87 ? 47  SER   B OG  1 
ATOM   358  N N   . ASP   A 1 42  ? 0.620   19.405  -11.952 1.00 19.35 ? 48  ASP   B N   1 
ATOM   359  C CA  . ASP   A 1 42  ? 1.753   18.588  -11.480 1.00 18.23 ? 48  ASP   B CA  1 
ATOM   360  C C   . ASP   A 1 42  ? 2.315   19.279  -10.238 1.00 20.18 ? 48  ASP   B C   1 
ATOM   361  O O   . ASP   A 1 42  ? 2.102   20.499  -10.020 1.00 20.45 ? 48  ASP   B O   1 
ATOM   362  C CB  . ASP   A 1 42  ? 2.809   18.382  -12.572 1.00 19.86 ? 48  ASP   B CB  1 
ATOM   363  C CG  . ASP   A 1 42  ? 3.649   17.112  -12.429 1.00 23.19 ? 48  ASP   B CG  1 
ATOM   364  O OD1 . ASP   A 1 42  ? 3.393   16.316  -11.465 1.00 18.53 ? 48  ASP   B OD1 1 
ATOM   365  O OD2 . ASP   A 1 42  ? 4.472   16.806  -13.353 1.00 25.88 ? 48  ASP   B OD2 1 
ATOM   366  N N   . ASN   A 1 43  ? 2.965   18.490  -9.377  1.00 17.84 ? 49  ASN   B N   1 
ATOM   367  C CA  . ASN   A 1 43  ? 3.646   19.018  -8.165  1.00 19.12 ? 49  ASN   B CA  1 
ATOM   368  C C   . ASN   A 1 43  ? 4.723   18.007  -7.776  1.00 20.03 ? 49  ASN   B C   1 
ATOM   369  O O   . ASN   A 1 43  ? 4.801   16.913  -8.376  1.00 19.58 ? 49  ASN   B O   1 
ATOM   370  C CB  . ASN   A 1 43  ? 2.666   19.313  -7.052  1.00 17.80 ? 49  ASN   B CB  1 
ATOM   371  C CG  . ASN   A 1 43  ? 2.069   18.051  -6.468  1.00 18.49 ? 49  ASN   B CG  1 
ATOM   372  O OD1 . ASN   A 1 43  ? 2.812   17.151  -6.073  1.00 19.87 ? 49  ASN   B OD1 1 
ATOM   373  N ND2 . ASN   A 1 43  ? 0.780   17.965  -6.354  1.00 17.98 ? 49  ASN   B ND2 1 
ATOM   374  N N   . LYS   A 1 44  ? 5.635   18.390  -6.897  1.00 20.88 ? 50  LYS   B N   1 
ATOM   375  C CA  . LYS   A 1 44  ? 6.815   17.549  -6.607  1.00 22.57 ? 50  LYS   B CA  1 
ATOM   376  C C   . LYS   A 1 44  ? 6.421   16.325  -5.753  1.00 17.72 ? 50  LYS   B C   1 
ATOM   377  O O   . LYS   A 1 44  ? 7.252   15.400  -5.703  1.00 19.90 ? 50  LYS   B O   1 
ATOM   378  C CB  . LYS   A 1 44  ? 7.854   18.401  -5.869  1.00 25.26 ? 50  LYS   B CB  1 
ATOM   379  C CG  . LYS   A 1 44  ? 7.413   18.815  -4.480  1.00 30.51 ? 50  LYS   B CG  1 
ATOM   380  C CD  . LYS   A 1 44  ? 8.558   19.347  -3.618  1.00 41.88 ? 50  LYS   B CD  1 
ATOM   381  C CE  . LYS   A 1 44  ? 8.082   19.731  -2.235  1.00 47.22 ? 50  LYS   B CE  1 
ATOM   382  N NZ  . LYS   A 1 44  ? 8.882   20.858  -1.697  1.00 53.34 ? 50  LYS   B NZ  1 
ATOM   383  N N   . GLU   A 1 45  ? 5.227   16.311  -5.158  1.00 17.10 ? 51  GLU   B N   1 
ATOM   384  C CA  . GLU   A 1 45  ? 4.768   15.165  -4.305  1.00 18.03 ? 51  GLU   B CA  1 
ATOM   385  C C   . GLU   A 1 45  ? 4.264   14.023  -5.197  1.00 17.57 ? 51  GLU   B C   1 
ATOM   386  O O   . GLU   A 1 45  ? 4.283   12.857  -4.734  1.00 17.68 ? 51  GLU   B O   1 
ATOM   387  C CB  . GLU   A 1 45  ? 3.650   15.580  -3.359  1.00 20.63 ? 51  GLU   B CB  1 
ATOM   388  C CG  . GLU   A 1 45  ? 4.017   16.647  -2.321  1.00 25.68 ? 51  GLU   B CG  1 
ATOM   389  C CD  . GLU   A 1 45  ? 2.802   16.956  -1.450  1.00 32.88 ? 51  GLU   B CD  1 
ATOM   390  O OE1 . GLU   A 1 45  ? 2.144   17.997  -1.699  1.00 44.75 ? 51  GLU   B OE1 1 
ATOM   391  O OE2 . GLU   A 1 45  ? 2.443   16.135  -0.578  1.00 40.24 ? 51  GLU   B OE2 1 
ATOM   392  N N   . ARG   A 1 46  ? 3.774   14.272  -6.411  1.00 15.96 ? 52  ARG   B N   1 
ATOM   393  C CA  . ARG   A 1 46  ? 3.045   13.203  -7.150  1.00 13.91 ? 52  ARG   B CA  1 
ATOM   394  C C   . ARG   A 1 46  ? 3.971   12.102  -7.646  1.00 14.15 ? 52  ARG   B C   1 
ATOM   395  O O   . ARG   A 1 46  ? 5.032   12.338  -8.248  1.00 15.03 ? 52  ARG   B O   1 
ATOM   396  C CB  . ARG   A 1 46  ? 2.339   13.776  -8.389  1.00 13.00 ? 52  ARG   B CB  1 
ATOM   397  C CG  . ARG   A 1 46  ? 1.252   14.787  -8.102  1.00 14.74 ? 52  ARG   B CG  1 
ATOM   398  C CD  . ARG   A 1 46  ? 0.308   14.938  -9.329  1.00 13.77 ? 52  ARG   B CD  1 
ATOM   399  N NE  . ARG   A 1 46  ? -0.647  15.989  -9.072  1.00 15.77 ? 52  ARG   B NE  1 
ATOM   400  C CZ  . ARG   A 1 46  ? -1.666  15.923  -8.227  1.00 15.49 ? 52  ARG   B CZ  1 
ATOM   401  N NH1 . ARG   A 1 46  ? -1.997  14.779  -7.634  1.00 15.60 ? 52  ARG   B NH1 1 
ATOM   402  N NH2 . ARG   A 1 46  ? -2.432  16.984  -7.984  1.00 18.98 ? 52  ARG   B NH2 1 
ATOM   403  N N   . PHE   A 1 47  ? 3.592   10.849  -7.429  1.00 12.51 ? 53  PHE   B N   1 
ATOM   404  C CA  . PHE   A 1 47  ? 4.316   9.741   -8.060  1.00 11.49 ? 53  PHE   B CA  1 
ATOM   405  C C   . PHE   A 1 47  ? 4.125   9.842   -9.589  1.00 14.01 ? 53  PHE   B C   1 
ATOM   406  O O   . PHE   A 1 47  ? 2.979   9.828   -10.041 1.00 14.86 ? 53  PHE   B O   1 
ATOM   407  C CB  . PHE   A 1 47  ? 3.821   8.390   -7.556  1.00 11.70 ? 53  PHE   B CB  1 
ATOM   408  C CG  . PHE   A 1 47  ? 4.266   8.118   -6.142  1.00 11.66 ? 53  PHE   B CG  1 
ATOM   409  C CD1 . PHE   A 1 47  ? 5.543   7.628   -5.897  1.00 12.04 ? 53  PHE   B CD1 1 
ATOM   410  C CD2 . PHE   A 1 47  ? 3.400   8.274   -5.073  1.00 12.76 ? 53  PHE   B CD2 1 
ATOM   411  C CE1 . PHE   A 1 47  ? 5.951   7.346   -4.600  1.00 13.10 ? 53  PHE   B CE1 1 
ATOM   412  C CE2 . PHE   A 1 47  ? 3.834   7.983   -3.773  1.00 12.60 ? 53  PHE   B CE2 1 
ATOM   413  C CZ  . PHE   A 1 47  ? 5.114   7.535   -3.558  1.00 11.83 ? 53  PHE   B CZ  1 
ATOM   414  N N   . SER   A 1 48  ? 5.198   9.924   -10.349 1.00 14.81 ? 54  SER   B N   1 
ATOM   415  C CA  . SER   A 1 48  ? 5.096   10.182  -11.812 1.00 15.82 ? 54  SER   B CA  1 
ATOM   416  C C   . SER   A 1 48  ? 4.980   8.903   -12.630 1.00 15.65 ? 54  SER   B C   1 
ATOM   417  O O   . SER   A 1 48  ? 4.262   8.936   -13.653 1.00 18.78 ? 54  SER   B O   1 
ATOM   418  C CB  . SER   A 1 48  ? 6.300   11.010  -12.273 1.00 16.80 ? 54  SER   B CB  1 
ATOM   419  O OG  . SER   A 1 48  ? 7.520   10.376  -12.048 1.00 16.59 ? 54  SER   B OG  1 
ATOM   420  N N   . ASN   A 1 49  ? 5.694   7.850   -12.313 1.00 14.65 ? 55  ASN   B N   1 
ATOM   421  C CA  . ASN   A 1 49  ? 5.914   6.696   -13.222 1.00 15.01 ? 55  ASN   B CA  1 
ATOM   422  C C   . ASN   A 1 49  ? 4.895   5.579   -12.990 1.00 14.46 ? 55  ASN   B C   1 
ATOM   423  O O   . ASN   A 1 49  ? 4.798   4.659   -13.806 1.00 15.98 ? 55  ASN   B O   1 
ATOM   424  C CB  . ASN   A 1 49  ? 7.322   6.113   -13.160 1.00 15.85 ? 55  ASN   B CB  1 
ATOM   425  C CG  . ASN   A 1 49  ? 8.395   6.990   -13.800 1.00 18.58 ? 55  ASN   B CG  1 
ATOM   426  O OD1 . ASN   A 1 49  ? 8.413   8.194   -13.602 1.00 20.55 ? 55  ASN   B OD1 1 
ATOM   427  N ND2 . ASN   A 1 49  ? 9.320   6.327   -14.486 1.00 21.24 ? 55  ASN   B ND2 1 
ATOM   428  N N   . TYR   A 1 50  ? 4.235   5.568   -11.816 1.00 12.81 ? 56  TYR   B N   1 
ATOM   429  C CA  . TYR   A 1 50  ? 3.389   4.430   -11.403 1.00 12.34 ? 56  TYR   B CA  1 
ATOM   430  C C   . TYR   A 1 50  ? 2.103   4.966   -10.782 1.00 11.71 ? 56  TYR   B C   1 
ATOM   431  O O   . TYR   A 1 50  ? 2.058   6.053   -10.222 1.00 12.63 ? 56  TYR   B O   1 
ATOM   432  C CB  . TYR   A 1 50  ? 4.141   3.598   -10.357 1.00 12.43 ? 56  TYR   B CB  1 
ATOM   433  C CG  . TYR   A 1 50  ? 5.575   3.271   -10.695 1.00 13.40 ? 56  TYR   B CG  1 
ATOM   434  C CD1 . TYR   A 1 50  ? 5.847   2.301   -11.650 1.00 14.99 ? 56  TYR   B CD1 1 
ATOM   435  C CD2 . TYR   A 1 50  ? 6.655   3.882   -10.082 1.00 14.70 ? 56  TYR   B CD2 1 
ATOM   436  C CE1 . TYR   A 1 50  ? 7.158   1.960   -11.992 1.00 17.73 ? 56  TYR   B CE1 1 
ATOM   437  C CE2 . TYR   A 1 50  ? 7.965   3.615   -10.465 1.00 15.59 ? 56  TYR   B CE2 1 
ATOM   438  C CZ  . TYR   A 1 50  ? 8.213   2.592   -11.362 1.00 15.92 ? 56  TYR   B CZ  1 
ATOM   439  O OH  . TYR   A 1 50  ? 9.527   2.286   -11.669 1.00 17.30 ? 56  TYR   B OH  1 
ATOM   440  N N   . PRO   A 1 51  ? 1.031   4.139   -10.759 1.00 11.28 ? 57  PRO   B N   1 
ATOM   441  C CA  . PRO   A 1 51  ? -0.268  4.574   -10.235 1.00 11.75 ? 57  PRO   B CA  1 
ATOM   442  C C   . PRO   A 1 51  ? -0.392  4.478   -8.690  1.00 10.50 ? 57  PRO   B C   1 
ATOM   443  O O   . PRO   A 1 51  ? -1.173  3.748   -8.138  1.00 11.43 ? 57  PRO   B O   1 
ATOM   444  C CB  . PRO   A 1 51  ? -1.305  3.654   -10.933 1.00 13.54 ? 57  PRO   B CB  1 
ATOM   445  C CG  . PRO   A 1 51  ? -0.510  2.759   -11.833 1.00 15.59 ? 57  PRO   B CG  1 
ATOM   446  C CD  . PRO   A 1 51  ? 0.930   2.885   -11.486 1.00 12.52 ? 57  PRO   B CD  1 
ATOM   447  N N   . MET   A 1 52  ? 0.478   5.250   -8.033  1.00 10.40 ? 58  MET   B N   1 
ATOM   448  C CA  . MET   A 1 52  ? 0.709   5.224   -6.568  1.00 9.89  ? 58  MET   B CA  1 
ATOM   449  C C   . MET   A 1 52  ? 0.142   6.470   -5.894  1.00 9.80  ? 58  MET   B C   1 
ATOM   450  O O   . MET   A 1 52  ? -0.018  7.565   -6.478  1.00 10.77 ? 58  MET   B O   1 
ATOM   451  C CB  . MET   A 1 52  ? 2.197   5.115   -6.280  1.00 10.76 ? 58  MET   B CB  1 
ATOM   452  C CG  . MET   A 1 52  ? 2.807   3.839   -6.707  1.00 10.51 ? 58  MET   B CG  1 
ATOM   453  S SD  . MET   A 1 52  ? 4.624   3.968   -6.688  1.00 12.23 ? 58  MET   B SD  1 
ATOM   454  C CE  . MET   A 1 52  ? 5.144   2.334   -7.174  1.00 13.08 ? 58  MET   B CE  1 
ATOM   455  N N   . VAL   A 1 53  ? -0.199  6.299   -4.613  1.00 10.27 ? 59  VAL   B N   1 
ATOM   456  C CA  . VAL   A 1 53  ? -0.737  7.382   -3.754  1.00 10.41 ? 59  VAL   B CA  1 
ATOM   457  C C   . VAL   A 1 53  ? -0.392  7.042   -2.311  1.00 10.89 ? 59  VAL   B C   1 
ATOM   458  O O   . VAL   A 1 53  ? -0.277  5.837   -1.959  1.00 10.93 ? 59  VAL   B O   1 
ATOM   459  C CB  . VAL   A 1 53  ? -2.246  7.597   -3.977  1.00 10.66 ? 59  VAL   B CB  1 
ATOM   460  C CG1 . VAL   A 1 53  ? -3.070  6.372   -3.633  1.00 11.31 ? 59  VAL   B CG1 1 
ATOM   461  C CG2 . VAL   A 1 53  ? -2.753  8.831   -3.221  1.00 10.85 ? 59  VAL   B CG2 1 
ATOM   462  N N   . LEU   A 1 54  ? -0.223  8.053   -1.482  1.00 10.69 ? 60  LEU   B N   1 
ATOM   463  C CA  . LEU   A 1 54  ? 0.012   7.871   -0.022  1.00 11.47 ? 60  LEU   B CA  1 
ATOM   464  C C   . LEU   A 1 54  ? -1.218  8.156   0.802   1.00 11.65 ? 60  LEU   B C   1 
ATOM   465  O O   . LEU   A 1 54  ? -2.080  9.033   0.439   1.00 12.18 ? 60  LEU   B O   1 
ATOM   466  C CB  . LEU   A 1 54  ? 1.126   8.796   0.462   1.00 11.49 ? 60  LEU   B CB  1 
ATOM   467  C CG  . LEU   A 1 54  ? 2.453   8.644   -0.253  1.00 11.89 ? 60  LEU   B CG  1 
ATOM   468  C CD1 . LEU   A 1 54  ? 3.601   9.447   0.366   1.00 14.16 ? 60  LEU   B CD1 1 
ATOM   469  C CD2 . LEU   A 1 54  ? 2.890   7.188   -0.317  1.00 12.61 ? 60  LEU   B CD2 1 
ATOM   470  N N   . GLY   A 1 55  ? -1.315  7.544   1.975   1.00 11.79 ? 61  GLY   B N   1 
ATOM   471  C CA  . GLY   A 1 55  ? -2.255  8.045   3.006   1.00 12.14 ? 61  GLY   B CA  1 
ATOM   472  C C   . GLY   A 1 55  ? -1.818  9.398   3.564   1.00 12.08 ? 61  GLY   B C   1 
ATOM   473  O O   . GLY   A 1 55  ? -0.642  9.704   3.539   1.00 12.54 ? 61  GLY   B O   1 
ATOM   474  N N   . ALA   A 1 56  ? -2.758  10.168  4.069   1.00 13.24 ? 62  ALA   B N   1 
ATOM   475  C CA  . ALA   A 1 56  ? -2.494  11.486  4.680   1.00 15.70 ? 62  ALA   B CA  1 
ATOM   476  C C   . ALA   A 1 56  ? -1.783  11.351  6.034   1.00 15.94 ? 62  ALA   B C   1 
ATOM   477  O O   . ALA   A 1 56  ? -0.994  12.247  6.411   1.00 18.96 ? 62  ALA   B O   1 
ATOM   478  C CB  . ALA   A 1 56  ? -3.801  12.201  4.785   1.00 17.55 ? 62  ALA   B CB  1 
ATOM   479  N N   . GLN   A 1 57  ? -2.045  10.251  6.721   1.00 14.69 ? 63  GLN   B N   1 
ATOM   480  C CA  . GLN   A 1 57  ? -1.555  10.091  8.112   1.00 15.34 ? 63  GLN   B CA  1 
ATOM   481  C C   . GLN   A 1 57  ? -0.053  9.835   8.075   1.00 15.84 ? 63  GLN   B C   1 
ATOM   482  O O   . GLN   A 1 57  ? 0.470   9.142   7.174   1.00 16.99 ? 63  GLN   B O   1 
ATOM   483  C CB  . GLN   A 1 57  ? -2.319  8.954   8.798   1.00 17.49 ? 63  GLN   B CB  1 
ATOM   484  C CG  . GLN   A 1 57  ? -3.771  9.282   9.085   1.00 19.15 ? 63  GLN   B CG  1 
ATOM   485  C CD  . GLN   A 1 57  ? -4.642  9.352   7.839   1.00 19.09 ? 63  GLN   B CD  1 
ATOM   486  O OE1 . GLN   A 1 57  ? -4.478  8.556   6.919   1.00 17.23 ? 63  GLN   B OE1 1 
ATOM   487  N NE2 . GLN   A 1 57  ? -5.623  10.221  7.807   1.00 21.88 ? 63  GLN   B NE2 1 
ATOM   488  N N   . ARG   A 1 58  ? 0.680   10.393  9.045   1.00 16.72 ? 64  ARG   B N   1 
ATOM   489  C CA  . ARG   A 1 58  ? 2.101   10.133  9.290   1.00 16.66 ? 64  ARG   B CA  1 
ATOM   490  C C   . ARG   A 1 58  ? 2.255   9.475   10.658  1.00 15.43 ? 64  ARG   B C   1 
ATOM   491  O O   . ARG   A 1 58  ? 1.601   9.924   11.614  1.00 18.97 ? 64  ARG   B O   1 
ATOM   492  C CB  . ARG   A 1 58  ? 2.923   11.439  9.357   1.00 21.30 ? 64  ARG   B CB  1 
ATOM   493  C CG  . ARG   A 1 58  ? 3.263   12.134  8.037   1.00 29.44 ? 64  ARG   B CG  1 
ATOM   494  C CD  . ARG   A 1 58  ? 2.114   12.225  7.057   1.00 30.74 ? 64  ARG   B CD  1 
ATOM   495  N NE  . ARG   A 1 58  ? 1.894   13.338  6.122   1.00 36.61 ? 64  ARG   B NE  1 
ATOM   496  C CZ  . ARG   A 1 58  ? 2.758   14.270  5.711   1.00 37.86 ? 64  ARG   B CZ  1 
ATOM   497  N NH1 . ARG   A 1 58  ? 2.345   15.191  4.855   1.00 45.15 ? 64  ARG   B NH1 1 
ATOM   498  N NH2 . ARG   A 1 58  ? 4.008   14.299  6.120   1.00 39.24 ? 64  ARG   B NH2 1 
ATOM   499  N N   . PHE   A 1 59  ? 3.057   8.446   10.748  1.00 14.59 ? 65  PHE   B N   1 
ATOM   500  C CA  . PHE   A 1 59  ? 3.255   7.696   12.013  1.00 15.16 ? 65  PHE   B CA  1 
ATOM   501  C C   . PHE   A 1 59  ? 4.732   7.697   12.350  1.00 13.64 ? 65  PHE   B C   1 
ATOM   502  O O   . PHE   A 1 59  ? 5.569   7.342   11.532  1.00 13.24 ? 65  PHE   B O   1 
ATOM   503  C CB  . PHE   A 1 59  ? 2.766   6.243   11.819  1.00 16.38 ? 65  PHE   B CB  1 
ATOM   504  C CG  . PHE   A 1 59  ? 1.305   6.135   11.423  1.00 18.49 ? 65  PHE   B CG  1 
ATOM   505  C CD1 . PHE   A 1 59  ? 0.325   6.714   12.230  1.00 20.90 ? 65  PHE   B CD1 1 
ATOM   506  C CD2 . PHE   A 1 59  ? 0.901   5.515   10.270  1.00 25.83 ? 65  PHE   B CD2 1 
ATOM   507  C CE1 . PHE   A 1 59  ? -1.029  6.666   11.920  1.00 23.37 ? 65  PHE   B CE1 1 
ATOM   508  C CE2 . PHE   A 1 59  ? -0.461  5.442   9.972   1.00 21.30 ? 65  PHE   B CE2 1 
ATOM   509  C CZ  . PHE   A 1 59  ? -1.397  6.040   10.767  1.00 22.21 ? 65  PHE   B CZ  1 
ATOM   510  N N   A SER   A 1 60  ? 5.074   8.080   13.592  0.25 13.99 ? 66  SER   B N   1 
ATOM   511  N N   B SER   A 1 60  ? 5.066   8.068   13.594  0.25 14.58 ? 66  SER   B N   1 
ATOM   512  C CA  A SER   A 1 60  ? 6.478   8.097   14.093  0.25 14.27 ? 66  SER   B CA  1 
ATOM   513  C CA  B SER   A 1 60  ? 6.459   8.092   14.119  0.25 15.27 ? 66  SER   B CA  1 
ATOM   514  C C   A SER   A 1 60  ? 6.624   7.301   15.402  0.25 13.75 ? 66  SER   B C   1 
ATOM   515  C C   B SER   A 1 60  ? 6.557   7.384   15.468  0.25 14.89 ? 66  SER   B C   1 
ATOM   516  O O   A SER   A 1 60  ? 7.772   7.166   15.891  0.25 13.74 ? 66  SER   B O   1 
ATOM   517  O O   B SER   A 1 60  ? 7.561   7.606   16.170  0.25 14.58 ? 66  SER   B O   1 
ATOM   518  C CB  A SER   A 1 60  ? 6.980   9.524   14.206  0.25 14.40 ? 66  SER   B CB  1 
ATOM   519  C CB  B SER   A 1 60  ? 6.928   9.495   14.277  0.25 15.54 ? 66  SER   B CB  1 
ATOM   520  O OG  A SER   A 1 60  ? 7.291   10.051  12.902  0.25 14.96 ? 66  SER   B OG  1 
ATOM   521  O OG  B SER   A 1 60  ? 6.060   10.166  15.155  0.25 17.05 ? 66  SER   B OG  1 
ATOM   522  N N   A SER   A 1 61  ? 5.533   6.720   15.904  0.25 13.99 ? 67  SER   B N   1 
ATOM   523  N N   B SER   A 1 61  ? 5.546   6.603   15.832  0.25 15.75 ? 67  SER   B N   1 
ATOM   524  C CA  A SER   A 1 61  ? 5.528   5.893   17.136  0.25 15.05 ? 67  SER   B CA  1 
ATOM   525  C CA  B SER   A 1 61  ? 5.471   5.935   17.147  0.25 17.26 ? 67  SER   B CA  1 
ATOM   526  C C   A SER   A 1 61  ? 4.298   4.985   17.139  0.25 15.92 ? 67  SER   B C   1 
ATOM   527  C C   B SER   A 1 61  ? 4.226   5.060   17.209  0.25 17.17 ? 67  SER   B C   1 
ATOM   528  O O   A SER   A 1 61  ? 3.440   5.162   16.279  0.25 15.46 ? 67  SER   B O   1 
ATOM   529  O O   B SER   A 1 61  ? 3.264   5.377   16.489  0.25 16.58 ? 67  SER   B O   1 
ATOM   530  C CB  A SER   A 1 61  ? 5.533   6.787   18.359  0.25 15.14 ? 67  SER   B CB  1 
ATOM   531  C CB  B SER   A 1 61  ? 5.440   6.971   18.240  0.25 18.14 ? 67  SER   B CB  1 
ATOM   532  O OG  A SER   A 1 61  ? 4.266   7.389   18.519  0.25 15.19 ? 67  SER   B OG  1 
ATOM   533  O OG  B SER   A 1 61  ? 5.336   6.330   19.491  0.25 21.37 ? 67  SER   B OG  1 
ATOM   534  N N   . GLY   A 1 62  ? 4.230   4.049   18.082  1.00 17.18 ? 68  GLY   B N   1 
ATOM   535  C CA  . GLY   A 1 62  ? 2.993   3.300   18.353  1.00 17.84 ? 68  GLY   B CA  1 
ATOM   536  C C   . GLY   A 1 62  ? 2.757   2.124   17.421  1.00 14.31 ? 68  GLY   B C   1 
ATOM   537  O O   . GLY   A 1 62  ? 3.624   1.736   16.613  1.00 16.54 ? 68  GLY   B O   1 
ATOM   538  N N   . LYS   A 1 63  ? 1.569   1.603   17.613  1.00 14.44 ? 69  LYS   B N   1 
ATOM   539  C CA  . LYS   A 1 63  ? 1.066   0.450   16.884  1.00 15.64 ? 69  LYS   B CA  1 
ATOM   540  C C   . LYS   A 1 63  ? -0.146  0.948   16.100  1.00 15.40 ? 69  LYS   B C   1 
ATOM   541  O O   . LYS   A 1 63  ? -1.053  1.576   16.670  1.00 17.15 ? 69  LYS   B O   1 
ATOM   542  C CB  . LYS   A 1 63  ? 0.730   -0.676  17.860  1.00 16.73 ? 69  LYS   B CB  1 
ATOM   543  C CG  . LYS   A 1 63  ? 1.925   -1.284  18.598  1.00 18.06 ? 69  LYS   B CG  1 
ATOM   544  C CD  . LYS   A 1 63  ? 1.515   -2.350  19.671  1.00 21.88 ? 69  LYS   B CD  1 
ATOM   545  C CE  . LYS   A 1 63  ? 2.685   -3.041  20.340  1.00 25.17 ? 69  LYS   B CE  1 
ATOM   546  N NZ  . LYS   A 1 63  ? 2.242   -4.043  21.343  1.00 27.17 ? 69  LYS   B NZ  1 
ATOM   547  N N   . MET   A 1 64  ? -0.235  0.569   14.824  1.00 13.84 ? 70  MET   B N   1 
ATOM   548  C CA  . MET   A 1 64  ? -1.282  0.988   13.871  1.00 14.09 ? 70  MET   B CA  1 
ATOM   549  C C   . MET   A 1 64  ? -1.745  -0.218  13.052  1.00 12.57 ? 70  MET   B C   1 
ATOM   550  O O   . MET   A 1 64  ? -0.922  -1.020  12.668  1.00 13.56 ? 70  MET   B O   1 
ATOM   551  C CB  . MET   A 1 64  ? -0.738  1.997   12.878  1.00 14.44 ? 70  MET   B CB  1 
ATOM   552  C CG  . MET   A 1 64  ? -0.466  3.372   13.451  1.00 14.94 ? 70  MET   B CG  1 
ATOM   553  S SD  . MET   A 1 64  ? 0.932   3.615   14.597  1.00 18.22 ? 70  MET   B SD  1 
ATOM   554  C CE  . MET   A 1 64  ? 2.326   2.920   13.734  1.00 17.82 ? 70  MET   B CE  1 
ATOM   555  N N   . TYR   A 1 65  ? -3.019  -0.294  12.742  1.00 13.34 ? 71  TYR   B N   1 
ATOM   556  C CA  . TYR   A 1 65  ? -3.598  -1.389  11.938  1.00 13.38 ? 71  TYR   B CA  1 
ATOM   557  C C   . TYR   A 1 65  ? -4.643  -0.789  11.022  1.00 14.34 ? 71  TYR   B C   1 
ATOM   558  O O   . TYR   A 1 65  ? -5.473  0.059   11.470  1.00 14.74 ? 71  TYR   B O   1 
ATOM   559  C CB  . TYR   A 1 65  ? -4.214  -2.425  12.865  1.00 14.56 ? 71  TYR   B CB  1 
ATOM   560  C CG  . TYR   A 1 65  ? -4.877  -3.566  12.155  1.00 13.75 ? 71  TYR   B CG  1 
ATOM   561  C CD1 . TYR   A 1 65  ? -4.107  -4.559  11.593  1.00 14.08 ? 71  TYR   B CD1 1 
ATOM   562  C CD2 . TYR   A 1 65  ? -6.260  -3.590  11.957  1.00 14.61 ? 71  TYR   B CD2 1 
ATOM   563  C CE1 . TYR   A 1 65  ? -4.687  -5.627  10.910  1.00 14.79 ? 71  TYR   B CE1 1 
ATOM   564  C CE2 . TYR   A 1 65  ? -6.839  -4.635  11.249  1.00 13.89 ? 71  TYR   B CE2 1 
ATOM   565  C CZ  . TYR   A 1 65  ? -6.069  -5.662  10.752  1.00 13.95 ? 71  TYR   B CZ  1 
ATOM   566  O OH  . TYR   A 1 65  ? -6.634  -6.688  10.054  1.00 16.35 ? 71  TYR   B OH  1 
ATOM   567  N N   . TRP   A 1 66  ? -4.665  -1.232  9.770   1.00 12.15 ? 72  TRP   B N   1 
ATOM   568  C CA  . TRP   A 1 66  ? -5.767  -0.875  8.843   1.00 12.50 ? 72  TRP   B CA  1 
ATOM   569  C C   . TRP   A 1 66  ? -5.976  -2.025  7.852   1.00 12.10 ? 72  TRP   B C   1 
ATOM   570  O O   . TRP   A 1 66  ? -5.120  -2.943  7.733   1.00 13.40 ? 72  TRP   B O   1 
ATOM   571  C CB  . TRP   A 1 66  ? -5.546  0.479   8.130   1.00 12.78 ? 72  TRP   B CB  1 
ATOM   572  C CG  . TRP   A 1 66  ? -4.343  0.585   7.253   1.00 12.10 ? 72  TRP   B CG  1 
ATOM   573  C CD1 . TRP   A 1 66  ? -4.280  0.423   5.877   1.00 11.96 ? 72  TRP   B CD1 1 
ATOM   574  C CD2 . TRP   A 1 66  ? -3.002  0.911   7.637   1.00 13.01 ? 72  TRP   B CD2 1 
ATOM   575  N NE1 . TRP   A 1 66  ? -3.005  0.624   5.426   1.00 11.81 ? 72  TRP   B NE1 1 
ATOM   576  C CE2 . TRP   A 1 66  ? -2.195  0.922   6.488   1.00 12.45 ? 72  TRP   B CE2 1 
ATOM   577  C CE3 . TRP   A 1 66  ? -2.393  1.215   8.857   1.00 14.15 ? 72  TRP   B CE3 1 
ATOM   578  C CZ2 . TRP   A 1 66  ? -0.843  1.209   6.499   1.00 12.90 ? 72  TRP   B CZ2 1 
ATOM   579  C CZ3 . TRP   A 1 66  ? -1.051  1.484   8.894   1.00 15.85 ? 72  TRP   B CZ3 1 
ATOM   580  C CH2 . TRP   A 1 66  ? -0.275  1.433   7.735   1.00 14.25 ? 72  TRP   B CH2 1 
ATOM   581  N N   . GLU   A 1 67  ? -7.089  -1.994  7.100   1.00 12.17 ? 73  GLU   B N   1 
ATOM   582  C CA  . GLU   A 1 67  ? -7.455  -3.052  6.137   1.00 11.39 ? 73  GLU   B CA  1 
ATOM   583  C C   . GLU   A 1 67  ? -7.811  -2.454  4.788   1.00 11.39 ? 73  GLU   B C   1 
ATOM   584  O O   . GLU   A 1 67  ? -8.366  -1.362  4.740   1.00 12.12 ? 73  GLU   B O   1 
ATOM   585  C CB  . GLU   A 1 67  ? -8.639  -3.863  6.655   1.00 13.02 ? 73  GLU   B CB  1 
ATOM   586  C CG  . GLU   A 1 67  ? -8.256  -4.686  7.883   1.00 15.81 ? 73  GLU   B CG  1 
ATOM   587  C CD  . GLU   A 1 67  ? -9.369  -5.541  8.465   1.00 19.48 ? 73  GLU   B CD  1 
ATOM   588  O OE1 . GLU   A 1 67  ? -10.525 -5.444  7.955   1.00 23.98 ? 73  GLU   B OE1 1 
ATOM   589  O OE2 . GLU   A 1 67  ? -9.081  -6.343  9.439   1.00 18.48 ? 73  GLU   B OE2 1 
ATOM   590  N N   . VAL   A 1 68  ? -7.434  -3.172  3.750   1.00 11.88 ? 74  VAL   B N   1 
ATOM   591  C CA  . VAL   A 1 68  ? -7.648  -2.724  2.363   1.00 11.18 ? 74  VAL   B CA  1 
ATOM   592  C C   . VAL   A 1 68  ? -8.334  -3.830  1.580   1.00 11.65 ? 74  VAL   B C   1 
ATOM   593  O O   . VAL   A 1 68  ? -7.867  -4.998  1.613   1.00 11.99 ? 74  VAL   B O   1 
ATOM   594  C CB  . VAL   A 1 68  ? -6.328  -2.327  1.676   1.00 11.52 ? 74  VAL   B CB  1 
ATOM   595  C CG1 . VAL   A 1 68  ? -6.619  -1.758  0.302   1.00 12.60 ? 74  VAL   B CG1 1 
ATOM   596  C CG2 . VAL   A 1 68  ? -5.523  -1.384  2.547   1.00 12.93 ? 74  VAL   B CG2 1 
ATOM   597  N N   . ASP   A 1 69  ? -9.369  -3.462  0.808   1.00 11.83 ? 75  ASP   B N   1 
ATOM   598  C CA  . ASP   A 1 69  ? -10.110 -4.383  -0.088  1.00 13.56 ? 75  ASP   B CA  1 
ATOM   599  C C   . ASP   A 1 69  ? -9.435  -4.393  -1.442  1.00 11.22 ? 75  ASP   B C   1 
ATOM   600  O O   . ASP   A 1 69  ? -9.173  -3.277  -2.017  1.00 12.47 ? 75  ASP   B O   1 
ATOM   601  C CB  . ASP   A 1 69  ? -11.582 -3.965  -0.192  1.00 14.57 ? 75  ASP   B CB  1 
ATOM   602  C CG  . ASP   A 1 69  ? -12.447 -5.043  -0.848  1.00 17.52 ? 75  ASP   B CG  1 
ATOM   603  O OD1 . ASP   A 1 69  ? -12.211 -5.362  -1.983  1.00 17.43 ? 75  ASP   B OD1 1 
ATOM   604  O OD2 . ASP   A 1 69  ? -13.237 -5.699  -0.114  1.00 22.99 ? 75  ASP   B OD2 1 
ATOM   605  N N   . VAL   A 1 70  ? -9.084  -5.580  -1.945  1.00 11.60 ? 76  VAL   B N   1 
ATOM   606  C CA  . VAL   A 1 70  ? -8.387  -5.807  -3.238  1.00 12.26 ? 76  VAL   B CA  1 
ATOM   607  C C   . VAL   A 1 70  ? -9.239  -6.667  -4.196  1.00 13.02 ? 76  VAL   B C   1 
ATOM   608  O O   . VAL   A 1 70  ? -8.714  -7.239  -5.139  1.00 13.73 ? 76  VAL   B O   1 
ATOM   609  C CB  . VAL   A 1 70  ? -6.967  -6.402  -3.003  1.00 12.20 ? 76  VAL   B CB  1 
ATOM   610  C CG1 . VAL   A 1 70  ? -6.070  -5.458  -2.160  1.00 11.72 ? 76  VAL   B CG1 1 
ATOM   611  C CG2 . VAL   A 1 70  ? -6.967  -7.768  -2.352  1.00 13.02 ? 76  VAL   B CG2 1 
ATOM   612  N N   . THR   A 1 71  ? -10.522 -6.820  -3.902  1.00 13.61 ? 77  THR   B N   1 
ATOM   613  C CA  . THR   A 1 71  ? -11.435 -7.682  -4.683  1.00 15.60 ? 77  THR   B CA  1 
ATOM   614  C C   . THR   A 1 71  ? -11.279 -7.375  -6.174  1.00 14.89 ? 77  THR   B C   1 
ATOM   615  O O   . THR   A 1 71  ? -11.317 -6.207  -6.590  1.00 15.01 ? 77  THR   B O   1 
ATOM   616  C CB  . THR   A 1 71  ? -12.875 -7.469  -4.232  1.00 15.82 ? 77  THR   B CB  1 
ATOM   617  O OG1 . THR   A 1 71  ? -13.039 -7.815  -2.848  1.00 19.59 ? 77  THR   B OG1 1 
ATOM   618  C CG2 . THR   A 1 71  ? -13.781 -8.327  -5.096  1.00 18.00 ? 77  THR   B CG2 1 
ATOM   619  N N   . GLN   A 1 72  ? -11.193 -8.456  -6.941  1.00 17.97 ? 78  GLN   B N   1 
ATOM   620  C CA  . GLN   A 1 72  ? -11.151 -8.569  -8.417  1.00 21.24 ? 78  GLN   B CA  1 
ATOM   621  C C   . GLN   A 1 72  ? -10.036 -7.730  -9.043  1.00 20.91 ? 78  GLN   B C   1 
ATOM   622  O O   . GLN   A 1 72  ? -10.056 -7.439  -10.264 1.00 25.31 ? 78  GLN   B O   1 
ATOM   623  C CB  . GLN   A 1 72  ? -12.547 -8.333  -8.968  1.00 30.69 ? 78  GLN   B CB  1 
ATOM   624  C CG  . GLN   A 1 72  ? -12.934 -6.878  -9.008  1.00 36.04 ? 78  GLN   B CG  1 
ATOM   625  C CD  . GLN   A 1 72  ? -13.492 -6.514  -10.361 1.00 38.74 ? 78  GLN   B CD  1 
ATOM   626  O OE1 . GLN   A 1 72  ? -14.367 -5.655  -10.464 1.00 40.42 ? 78  GLN   B OE1 1 
ATOM   627  N NE2 . GLN   A 1 72  ? -12.939 -7.129  -11.402 1.00 43.66 ? 78  GLN   B NE2 1 
ATOM   628  N N   . LYS   A 1 73  ? -8.965  -7.442  -8.316  1.00 14.02 ? 79  LYS   B N   1 
ATOM   629  C CA  . LYS   A 1 73  ? -7.765  -6.879  -8.942  1.00 12.66 ? 79  LYS   B CA  1 
ATOM   630  C C   . LYS   A 1 73  ? -6.737  -7.930  -9.361  1.00 12.26 ? 79  LYS   B C   1 
ATOM   631  O O   . LYS   A 1 73  ? -6.546  -8.964  -8.613  1.00 14.46 ? 79  LYS   B O   1 
ATOM   632  C CB  . LYS   A 1 73  ? -7.130  -5.884  -7.966  1.00 13.16 ? 79  LYS   B CB  1 
ATOM   633  C CG  . LYS   A 1 73  ? -8.001  -4.618  -7.777  1.00 13.60 ? 79  LYS   B CG  1 
ATOM   634  C CD  . LYS   A 1 73  ? -7.351  -3.469  -7.088  1.00 14.22 ? 79  LYS   B CD  1 
ATOM   635  C CE  . LYS   A 1 73  ? -6.218  -2.846  -7.877  1.00 12.94 ? 79  LYS   B CE  1 
ATOM   636  N NZ  . LYS   A 1 73  ? -6.638  -2.354  -9.226  1.00 11.82 ? 79  LYS   B NZ  1 
ATOM   637  N N   . GLU   A 1 74  ? -6.087  -7.697  -10.471 1.00 11.23 ? 80  GLU   B N   1 
ATOM   638  C CA  . GLU   A 1 74  ? -5.034  -8.571  -10.992 1.00 11.48 ? 80  GLU   B CA  1 
ATOM   639  C C   . GLU   A 1 74  ? -3.646  -8.141  -10.524 1.00 11.79 ? 80  GLU   B C   1 
ATOM   640  O O   . GLU   A 1 74  ? -2.685  -8.869  -10.675 1.00 12.32 ? 80  GLU   B O   1 
ATOM   641  C CB  . GLU   A 1 74  ? -5.021  -8.538  -12.538 1.00 12.85 ? 80  GLU   B CB  1 
ATOM   642  C CG  . GLU   A 1 74  ? -6.259  -9.108  -13.196 1.00 15.09 ? 80  GLU   B CG  1 
ATOM   643  C CD  . GLU   A 1 74  ? -6.246  -8.898  -14.712 1.00 14.67 ? 80  GLU   B CD  1 
ATOM   644  O OE1 . GLU   A 1 74  ? -7.066  -9.564  -15.366 1.00 18.20 ? 80  GLU   B OE1 1 
ATOM   645  O OE2 . GLU   A 1 74  ? -5.395  -8.123  -15.212 1.00 16.98 ? 80  GLU   B OE2 1 
ATOM   646  N N   . ALA   A 1 75  ? -3.492  -6.876  -10.102 1.00 11.51 ? 81  ALA   B N   1 
ATOM   647  C CA  . ALA   A 1 75  ? -2.178  -6.323  -9.748  1.00 11.01 ? 81  ALA   B CA  1 
ATOM   648  C C   . ALA   A 1 75  ? -2.387  -5.189  -8.763  1.00 11.75 ? 81  ALA   B C   1 
ATOM   649  O O   . ALA   A 1 75  ? -3.296  -4.353  -8.963  1.00 11.38 ? 81  ALA   B O   1 
ATOM   650  C CB  . ALA   A 1 75  ? -1.431  -5.824  -10.946 1.00 12.50 ? 81  ALA   B CB  1 
ATOM   651  N N   . TRP   A 1 76  ? -1.512  -5.079  -7.773  1.00 10.49 ? 82  TRP   B N   1 
ATOM   652  C CA  . TRP   A 1 76  ? -1.521  -4.001  -6.748  1.00 10.97 ? 82  TRP   B CA  1 
ATOM   653  C C   . TRP   A 1 76  ? -0.305  -4.168  -5.871  1.00 11.17 ? 82  TRP   B C   1 
ATOM   654  O O   . TRP   A 1 76  ? 0.293   -5.238  -5.824  1.00 11.13 ? 82  TRP   B O   1 
ATOM   655  C CB  . TRP   A 1 76  ? -2.791  -4.056  -5.898  1.00 11.41 ? 82  TRP   B CB  1 
ATOM   656  C CG  . TRP   A 1 76  ? -3.147  -5.378  -5.305  1.00 10.96 ? 82  TRP   B CG  1 
ATOM   657  C CD1 . TRP   A 1 76  ? -4.040  -6.296  -5.790  1.00 12.27 ? 82  TRP   B CD1 1 
ATOM   658  C CD2 . TRP   A 1 76  ? -2.592  -6.062  -4.152  1.00 11.45 ? 82  TRP   B CD2 1 
ATOM   659  N NE1 . TRP   A 1 76  ? -4.146  -7.397  -5.010  1.00 12.52 ? 82  TRP   B NE1 1 
ATOM   660  C CE2 . TRP   A 1 76  ? -3.225  -7.296  -3.993  1.00 12.82 ? 82  TRP   B CE2 1 
ATOM   661  C CE3 . TRP   A 1 76  ? -1.607  -5.709  -3.201  1.00 12.14 ? 82  TRP   B CE3 1 
ATOM   662  C CZ2 . TRP   A 1 76  ? -2.963  -8.188  -2.970  1.00 12.27 ? 82  TRP   B CZ2 1 
ATOM   663  C CZ3 . TRP   A 1 76  ? -1.299  -6.610  -2.191  1.00 12.46 ? 82  TRP   B CZ3 1 
ATOM   664  C CH2 . TRP   A 1 76  ? -1.990  -7.824  -2.073  1.00 12.61 ? 82  TRP   B CH2 1 
ATOM   665  N N   . ASP   A 1 77  ? 0.087   -3.084  -5.223  1.00 11.07 ? 83  ASP   B N   1 
ATOM   666  C CA  . ASP   A 1 77  ? 1.116   -3.106  -4.134  1.00 11.86 ? 83  ASP   B CA  1 
ATOM   667  C C   . ASP   A 1 77  ? 0.493   -2.423  -2.907  1.00 10.48 ? 83  ASP   B C   1 
ATOM   668  O O   . ASP   A 1 77  ? -0.191  -1.396  -3.075  1.00 10.31 ? 83  ASP   B O   1 
ATOM   669  C CB  . ASP   A 1 77  ? 2.396   -2.360  -4.508  1.00 13.39 ? 83  ASP   B CB  1 
ATOM   670  C CG  . ASP   A 1 77  ? 2.995   -2.473  -5.903  1.00 16.70 ? 83  ASP   B CG  1 
ATOM   671  O OD1 . ASP   A 1 77  ? 2.936   -3.550  -6.432  1.00 20.82 ? 83  ASP   B OD1 1 
ATOM   672  O OD2 . ASP   A 1 77  ? 3.537   -1.449  -6.442  1.00 18.66 ? 83  ASP   B OD2 1 
ATOM   673  N N   . LEU   A 1 78  ? 0.777   -2.901  -1.697  1.00 10.24 ? 84  LEU   B N   1 
ATOM   674  C CA  . LEU   A 1 78  ? 0.263   -2.308  -0.452  1.00 10.38 ? 84  LEU   B CA  1 
ATOM   675  C C   . LEU   A 1 78  ? 1.372   -2.359  0.595   1.00 9.92  ? 84  LEU   B C   1 
ATOM   676  O O   . LEU   A 1 78  ? 2.115   -3.350  0.694   1.00 10.19 ? 84  LEU   B O   1 
ATOM   677  C CB  . LEU   A 1 78  ? -0.917  -3.116  0.067   1.00 10.75 ? 84  LEU   B CB  1 
ATOM   678  C CG  . LEU   A 1 78  ? -2.238  -2.987  -0.660  1.00 11.55 ? 84  LEU   B CG  1 
ATOM   679  C CD1 . LEU   A 1 78  ? -3.258  -3.990  -0.105  1.00 11.80 ? 84  LEU   B CD1 1 
ATOM   680  C CD2 . LEU   A 1 78  ? -2.740  -1.574  -0.597  1.00 12.05 ? 84  LEU   B CD2 1 
ATOM   681  N N   . GLY   A 1 79  ? 1.367   -1.361  1.466   1.00 8.82  ? 85  GLY   B N   1 
ATOM   682  C CA  . GLY   A 1 79  ? 2.152   -1.429  2.717   1.00 10.19 ? 85  GLY   B CA  1 
ATOM   683  C C   . GLY   A 1 79  ? 2.323   -0.057  3.299   1.00 9.12  ? 85  GLY   B C   1 
ATOM   684  O O   . GLY   A 1 79  ? 1.370   0.712   3.417   1.00 9.68  ? 85  GLY   B O   1 
ATOM   685  N N   A VAL   A 1 80  ? 3.563   0.224   3.715   0.25 9.36  ? 86  VAL   B N   1 
ATOM   686  N N   B VAL   A 1 80  ? 3.556   0.270   3.653   0.25 9.75  ? 86  VAL   B N   1 
ATOM   687  C CA  A VAL   A 1 80  ? 4.002   1.552   4.230   0.25 9.48  ? 86  VAL   B CA  1 
ATOM   688  C CA  B VAL   A 1 80  ? 3.894   1.549   4.327   0.25 10.16 ? 86  VAL   B CA  1 
ATOM   689  C C   A VAL   A 1 80  ? 5.292   1.999   3.554   0.25 9.60  ? 86  VAL   B C   1 
ATOM   690  C C   B VAL   A 1 80  ? 5.261   1.981   3.766   0.25 10.15 ? 86  VAL   B C   1 
ATOM   691  O O   A VAL   A 1 80  ? 6.079   1.194   3.022   0.25 9.92  ? 86  VAL   B O   1 
ATOM   692  O O   B VAL   A 1 80  ? 6.020   1.100   3.389   0.25 10.65 ? 86  VAL   B O   1 
ATOM   693  C CB  A VAL   A 1 80  ? 4.218   1.592   5.752   0.25 9.77  ? 86  VAL   B CB  1 
ATOM   694  C CB  B VAL   A 1 80  ? 3.836   1.340   5.858   0.25 11.01 ? 86  VAL   B CB  1 
ATOM   695  C CG1 A VAL   A 1 80  ? 2.899   1.432   6.461   0.25 9.31  ? 86  VAL   B CG1 1 
ATOM   696  C CG1 B VAL   A 1 80  ? 4.985   0.472   6.345   0.25 10.85 ? 86  VAL   B CG1 1 
ATOM   697  C CG2 A VAL   A 1 80  ? 5.219   0.552   6.219   0.25 9.64  ? 86  VAL   B CG2 1 
ATOM   698  C CG2 B VAL   A 1 80  ? 3.767   2.643   6.630   0.25 11.47 ? 86  VAL   B CG2 1 
ATOM   699  N N   . CYS   A 1 81  ? 5.549   3.289   3.664   1.00 9.93  ? 87  CYS   B N   1 
ATOM   700  C CA  . CYS   A 1 81  ? 6.824   3.795   3.184   1.00 10.75 ? 87  CYS   B CA  1 
ATOM   701  C C   . CYS   A 1 81  ? 7.254   5.018   3.993   1.00 10.60 ? 87  CYS   B C   1 
ATOM   702  O O   . CYS   A 1 81  ? 6.423   5.653   4.677   1.00 10.71 ? 87  CYS   B O   1 
ATOM   703  C CB  . CYS   A 1 81  ? 6.736   4.158   1.703   1.00 11.75 ? 87  CYS   B CB  1 
ATOM   704  S SG  . CYS   A 1 81  ? 5.629   5.525   1.280   1.00 12.39 ? 87  CYS   B SG  1 
ATOM   705  N N   A ARG   A 1 82  ? 8.523   5.356   3.873   0.25 10.62 ? 88  ARG   B N   1 
ATOM   706  N N   B ARG   A 1 82  ? 8.535   5.345   3.899   0.25 10.53 ? 88  ARG   B N   1 
ATOM   707  C CA  A ARG   A 1 82  ? 9.021   6.621   4.456   0.25 11.54 ? 88  ARG   B CA  1 
ATOM   708  C CA  B ARG   A 1 82  ? 9.094   6.573   4.524   0.25 11.36 ? 88  ARG   B CA  1 
ATOM   709  C C   A ARG   A 1 82  ? 8.312   7.817   3.828   0.25 11.47 ? 88  ARG   B C   1 
ATOM   710  C C   B ARG   A 1 82  ? 8.489   7.816   3.834   0.25 11.46 ? 88  ARG   B C   1 
ATOM   711  O O   A ARG   A 1 82  ? 7.988   7.824   2.647   0.25 11.41 ? 88  ARG   B O   1 
ATOM   712  O O   B ARG   A 1 82  ? 8.376   7.816   2.581   0.25 11.48 ? 88  ARG   B O   1 
ATOM   713  C CB  A ARG   A 1 82  ? 10.510  6.778   4.184   0.25 12.44 ? 88  ARG   B CB  1 
ATOM   714  C CB  B ARG   A 1 82  ? 10.625  6.508   4.419   0.25 12.17 ? 88  ARG   B CB  1 
ATOM   715  C CG  A ARG   A 1 82  ? 11.304  5.634   4.773   0.25 13.08 ? 88  ARG   B CG  1 
ATOM   716  C CG  B ARG   A 1 82  ? 11.358  7.552   5.252   0.25 12.42 ? 88  ARG   B CG  1 
ATOM   717  C CD  A ARG   A 1 82  ? 12.779  5.957   4.831   0.25 14.24 ? 88  ARG   B CD  1 
ATOM   718  C CD  B ARG   A 1 82  ? 12.864  7.530   5.094   0.25 12.63 ? 88  ARG   B CD  1 
ATOM   719  N NE  A ARG   A 1 82  ? 13.539  4.831   5.345   0.25 13.82 ? 88  ARG   B NE  1 
ATOM   720  N NE  B ARG   A 1 82  ? 13.399  6.227   5.419   0.25 12.88 ? 88  ARG   B NE  1 
ATOM   721  C CZ  A ARG   A 1 82  ? 14.596  4.318   4.744   0.25 13.86 ? 88  ARG   B CZ  1 
ATOM   722  C CZ  B ARG   A 1 82  ? 14.107  5.463   4.581   0.25 12.83 ? 88  ARG   B CZ  1 
ATOM   723  N NH1 A ARG   A 1 82  ? 15.028  4.843   3.612   0.25 14.38 ? 88  ARG   B NH1 1 
ATOM   724  N NH1 B ARG   A 1 82  ? 14.455  5.913   3.397   0.25 13.79 ? 88  ARG   B NH1 1 
ATOM   725  N NH2 A ARG   A 1 82  ? 15.217  3.296   5.293   0.25 15.05 ? 88  ARG   B NH2 1 
ATOM   726  N NH2 B ARG   A 1 82  ? 14.511  4.267   4.961   0.25 12.20 ? 88  ARG   B NH2 1 
ATOM   727  N N   . ASP   A 1 83  ? 8.154   8.873   4.600   1.00 12.30 ? 89  ASP   B N   1 
ATOM   728  C CA  . ASP   A 1 83  ? 7.590   10.109  4.030   1.00 13.45 ? 89  ASP   B CA  1 
ATOM   729  C C   . ASP   A 1 83  ? 8.544   10.615  2.941   1.00 14.57 ? 89  ASP   B C   1 
ATOM   730  O O   . ASP   A 1 83  ? 8.030   11.335  2.044   1.00 16.92 ? 89  ASP   B O   1 
ATOM   731  C CB  . ASP   A 1 83  ? 7.384   11.151  5.138   1.00 15.66 ? 89  ASP   B CB  1 
ATOM   732  C CG  . ASP   A 1 83  ? 8.598   11.626  5.881   1.00 18.40 ? 89  ASP   B CG  1 
ATOM   733  O OD1 . ASP   A 1 83  ? 9.720   11.065  5.690   1.00 23.51 ? 89  ASP   B OD1 1 
ATOM   734  O OD2 . ASP   A 1 83  ? 8.408   12.614  6.648   1.00 23.07 ? 89  ASP   B OD2 1 
ATOM   735  N N   . SER   A 1 84  ? 9.853   10.371  3.001   1.00 13.17 ? 90  SER   B N   1 
ATOM   736  C CA  . SER   A 1 84  ? 10.867  10.943  2.088   1.00 15.31 ? 90  SER   B CA  1 
ATOM   737  C C   . SER   A 1 84  ? 11.172  10.063  0.858   1.00 14.03 ? 90  SER   B C   1 
ATOM   738  O O   . SER   A 1 84  ? 12.166  10.286  0.182   1.00 15.62 ? 90  SER   B O   1 
ATOM   739  C CB  . SER   A 1 84  ? 12.127  11.221  2.887   1.00 16.65 ? 90  SER   B CB  1 
ATOM   740  O OG  . SER   A 1 84  ? 12.576  10.095  3.497   1.00 18.95 ? 90  SER   B OG  1 
ATOM   741  N N   . VAL   A 1 85  ? 10.377  9.027   0.570   1.00 13.08 ? 91  VAL   B N   1 
ATOM   742  C CA  . VAL   A 1 85  ? 10.631  8.199   -0.635  1.00 12.83 ? 91  VAL   B CA  1 
ATOM   743  C C   . VAL   A 1 85  ? 10.633  9.070   -1.902  1.00 12.83 ? 91  VAL   B C   1 
ATOM   744  O O   . VAL   A 1 85  ? 9.862   10.051  -2.033  1.00 14.12 ? 91  VAL   B O   1 
ATOM   745  C CB  . VAL   A 1 85  ? 9.672   6.999   -0.812  1.00 12.61 ? 91  VAL   B CB  1 
ATOM   746  C CG1 . VAL   A 1 85  ? 9.863   5.986   0.297   1.00 12.60 ? 91  VAL   B CG1 1 
ATOM   747  C CG2 . VAL   A 1 85  ? 8.240   7.399   -0.979  1.00 12.15 ? 91  VAL   B CG2 1 
ATOM   748  N N   . GLN   A 1 86  ? 11.460  8.622   -2.835  1.00 14.10 ? 92  GLN   B N   1 
ATOM   749  C CA  . GLN   A 1 86  ? 11.508  9.173   -4.232  1.00 15.98 ? 92  GLN   B CA  1 
ATOM   750  C C   . GLN   A 1 86  ? 10.112  9.140   -4.861  1.00 15.37 ? 92  GLN   B C   1 
ATOM   751  O O   . GLN   A 1 86  ? 9.423   8.137   -4.738  1.00 15.46 ? 92  GLN   B O   1 
ATOM   752  C CB  . GLN   A 1 86  ? 12.498  8.305   -5.015  1.00 17.49 ? 92  GLN   B CB  1 
ATOM   753  C CG  . GLN   A 1 86  ? 12.646  8.585   -6.516  1.00 21.35 ? 92  GLN   B CG  1 
ATOM   754  C CD  . GLN   A 1 86  ? 13.550  7.562   -7.189  1.00 23.85 ? 92  GLN   B CD  1 
ATOM   755  O OE1 . GLN   A 1 86  ? 14.253  6.758   -6.539  1.00 25.90 ? 92  GLN   B OE1 1 
ATOM   756  N NE2 . GLN   A 1 86  ? 13.550  7.542   -8.524  1.00 25.24 ? 92  GLN   B NE2 1 
ATOM   757  N N   . ARG   A 1 87  ? 9.729   10.201  -5.564  1.00 14.60 ? 93  ARG   B N   1 
ATOM   758  C CA  . ARG   A 1 87  ? 8.395   10.313  -6.219  1.00 14.10 ? 93  ARG   B CA  1 
ATOM   759  C C   . ARG   A 1 87  ? 8.558   10.221  -7.736  1.00 14.97 ? 93  ARG   B C   1 
ATOM   760  O O   . ARG   A 1 87  ? 7.611   9.772   -8.372  1.00 14.83 ? 93  ARG   B O   1 
ATOM   761  C CB  . ARG   A 1 87  ? 7.651   11.585  -5.869  1.00 14.69 ? 93  ARG   B CB  1 
ATOM   762  C CG  . ARG   A 1 87  ? 7.554   11.885  -4.376  1.00 14.16 ? 93  ARG   B CG  1 
ATOM   763  C CD  . ARG   A 1 87  ? 6.839   10.758  -3.616  1.00 14.44 ? 93  ARG   B CD  1 
ATOM   764  N NE  . ARG   A 1 87  ? 6.953   10.987  -2.151  1.00 15.37 ? 93  ARG   B NE  1 
ATOM   765  C CZ  . ARG   A 1 87  ? 6.151   11.764  -1.444  1.00 14.99 ? 93  ARG   B CZ  1 
ATOM   766  N NH1 . ARG   A 1 87  ? 5.135   12.372  -1.995  1.00 16.88 ? 93  ARG   B NH1 1 
ATOM   767  N NH2 . ARG   A 1 87  ? 6.370   11.936  -0.157  1.00 17.18 ? 93  ARG   B NH2 1 
ATOM   768  N N   . LYS   A 1 88  ? 9.703   10.644  -8.289  1.00 14.69 ? 94  LYS   B N   1 
ATOM   769  C CA  . LYS   A 1 88  ? 9.854   10.819  -9.758  1.00 15.08 ? 94  LYS   B CA  1 
ATOM   770  C C   . LYS   A 1 88  ? 10.771  9.760   -10.323 1.00 16.95 ? 94  LYS   B C   1 
ATOM   771  O O   . LYS   A 1 88  ? 11.766  9.409   -9.664  1.00 19.17 ? 94  LYS   B O   1 
ATOM   772  C CB  . LYS   A 1 88  ? 10.387  12.219  -10.059 1.00 16.04 ? 94  LYS   B CB  1 
ATOM   773  C CG  . LYS   A 1 88  ? 9.610   13.336  -9.415  1.00 17.00 ? 94  LYS   B CG  1 
ATOM   774  C CD  . LYS   A 1 88  ? 8.136   13.372  -9.788  1.00 18.49 ? 94  LYS   B CD  1 
ATOM   775  C CE  . LYS   A 1 88  ? 7.465   14.582  -9.202  1.00 18.08 ? 94  LYS   B CE  1 
ATOM   776  N NZ  . LYS   A 1 88  ? 6.005   14.678  -9.480  1.00 19.21 ? 94  LYS   B NZ  1 
ATOM   777  N N   . GLY   A 1 89  ? 10.515  9.310   -11.531 1.00 16.85 ? 95  GLY   B N   1 
ATOM   778  C CA  . GLY   A 1 89  ? 11.374  8.332   -12.196 1.00 17.77 ? 95  GLY   B CA  1 
ATOM   779  C C   . GLY   A 1 89  ? 11.141  6.907   -11.752 1.00 18.74 ? 95  GLY   B C   1 
ATOM   780  O O   . GLY   A 1 89  ? 10.101  6.621   -11.051 1.00 18.90 ? 95  GLY   B O   1 
ATOM   781  N N   . GLN   A 1 90  ? 12.019  6.010   -12.190 1.00 18.94 ? 96  GLN   B N   1 
ATOM   782  C CA  . GLN   A 1 90  ? 11.917  4.575   -11.921 1.00 21.70 ? 96  GLN   B CA  1 
ATOM   783  C C   . GLN   A 1 90  ? 12.622  4.231   -10.619 1.00 20.67 ? 96  GLN   B C   1 
ATOM   784  O O   . GLN   A 1 90  ? 13.621  4.909   -10.258 1.00 20.96 ? 96  GLN   B O   1 
ATOM   785  C CB  . GLN   A 1 90  ? 12.550  3.778   -13.067 1.00 26.04 ? 96  GLN   B CB  1 
ATOM   786  C CG  . GLN   A 1 90  ? 11.880  4.051   -14.392 1.00 33.32 ? 96  GLN   B CG  1 
ATOM   787  C CD  . GLN   A 1 90  ? 12.759  3.564   -15.505 1.00 45.12 ? 96  GLN   B CD  1 
ATOM   788  O OE1 . GLN   A 1 90  ? 12.519  2.496   -16.062 1.00 55.95 ? 96  GLN   B OE1 1 
ATOM   789  N NE2 . GLN   A 1 90  ? 13.818  4.322   -15.771 1.00 47.28 ? 96  GLN   B NE2 1 
ATOM   790  N N   . PHE   A 1 91  ? 12.039  3.297   -9.886  1.00 17.67 ? 97  PHE   B N   1 
ATOM   791  C CA  . PHE   A 1 91  ? 12.617  2.754   -8.640  1.00 17.67 ? 97  PHE   B CA  1 
ATOM   792  C C   . PHE   A 1 91  ? 11.972  1.417   -8.300  1.00 16.49 ? 97  PHE   B C   1 
ATOM   793  O O   . PHE   A 1 91  ? 10.869  1.084   -8.750  1.00 18.13 ? 97  PHE   B O   1 
ATOM   794  C CB  . PHE   A 1 91  ? 12.424  3.756   -7.491  1.00 16.79 ? 97  PHE   B CB  1 
ATOM   795  C CG  . PHE   A 1 91  ? 10.988  4.149   -7.234  1.00 15.92 ? 97  PHE   B CG  1 
ATOM   796  C CD1 . PHE   A 1 91  ? 10.179  3.360   -6.417  1.00 15.64 ? 97  PHE   B CD1 1 
ATOM   797  C CD2 . PHE   A 1 91  ? 10.439  5.303   -7.762  1.00 16.04 ? 97  PHE   B CD2 1 
ATOM   798  C CE1 . PHE   A 1 91  ? 8.870   3.739   -6.140  1.00 14.29 ? 97  PHE   B CE1 1 
ATOM   799  C CE2 . PHE   A 1 91  ? 9.129   5.665   -7.483  1.00 15.67 ? 97  PHE   B CE2 1 
ATOM   800  C CZ  . PHE   A 1 91  ? 8.362   4.897   -6.657  1.00 15.71 ? 97  PHE   B CZ  1 
ATOM   801  N N   A SER   A 1 92  ? 12.681  0.605   -7.521  0.25 17.37 ? 98  SER   B N   1 
ATOM   802  N N   B SER   A 1 92  ? 12.695  0.651   -7.486  0.25 16.62 ? 98  SER   B N   1 
ATOM   803  C CA  A SER   A 1 92  ? 12.149  -0.681  -7.015  0.25 18.00 ? 98  SER   B CA  1 
ATOM   804  C CA  B SER   A 1 92  ? 12.259  -0.656  -6.941  0.25 16.85 ? 98  SER   B CA  1 
ATOM   805  C C   A SER   A 1 92  ? 11.589  -0.474  -5.607  0.25 16.23 ? 98  SER   B C   1 
ATOM   806  C C   B SER   A 1 92  ? 11.585  -0.442  -5.581  0.25 15.50 ? 98  SER   B C   1 
ATOM   807  O O   A SER   A 1 92  ? 12.109  0.380   -4.858  0.25 16.57 ? 98  SER   B O   1 
ATOM   808  O O   B SER   A 1 92  ? 12.011  0.477   -4.833  0.25 15.65 ? 98  SER   B O   1 
ATOM   809  C CB  A SER   A 1 92  ? 13.192  -1.751  -7.005  0.25 20.98 ? 98  SER   B CB  1 
ATOM   810  C CB  B SER   A 1 92  ? 13.428  -1.597  -6.815  0.25 18.35 ? 98  SER   B CB  1 
ATOM   811  O OG  A SER   A 1 92  ? 14.372  -1.249  -6.411  0.25 24.28 ? 98  SER   B OG  1 
ATOM   812  O OG  B SER   A 1 92  ? 13.922  -1.941  -8.105  0.25 20.29 ? 98  SER   B OG  1 
ATOM   813  N N   . LEU   A 1 93  ? 10.556  -1.240  -5.285  1.00 15.30 ? 99  LEU   B N   1 
ATOM   814  C CA  . LEU   A 1 93  ? 9.962   -1.276  -3.942  1.00 15.83 ? 99  LEU   B CA  1 
ATOM   815  C C   . LEU   A 1 93  ? 10.830  -2.171  -3.075  1.00 16.03 ? 99  LEU   B C   1 
ATOM   816  O O   . LEU   A 1 93  ? 10.779  -3.392  -3.169  1.00 19.22 ? 99  LEU   B O   1 
ATOM   817  C CB  . LEU   A 1 93  ? 8.532   -1.789  -4.028  1.00 15.91 ? 99  LEU   B CB  1 
ATOM   818  C CG  . LEU   A 1 93  ? 7.563   -0.880  -4.774  1.00 16.75 ? 99  LEU   B CG  1 
ATOM   819  C CD1 . LEU   A 1 93  ? 6.188   -1.531  -4.866  1.00 17.87 ? 99  LEU   B CD1 1 
ATOM   820  C CD2 . LEU   A 1 93  ? 7.426   0.481   -4.122  1.00 17.82 ? 99  LEU   B CD2 1 
ATOM   821  N N   . SER   A 1 94  ? 11.619  -1.583  -2.173  1.00 15.17 ? 100 SER   B N   1 
ATOM   822  C CA  . SER   A 1 94  ? 12.534  -2.337  -1.307  1.00 15.50 ? 100 SER   B CA  1 
ATOM   823  C C   . SER   A 1 94  ? 12.731  -1.545  -0.030  1.00 13.54 ? 100 SER   B C   1 
ATOM   824  O O   . SER   A 1 94  ? 12.591  -0.317  -0.043  1.00 13.25 ? 100 SER   B O   1 
ATOM   825  C CB  . SER   A 1 94  ? 13.892  -2.552  -1.938  1.00 17.41 ? 100 SER   B CB  1 
ATOM   826  O OG  . SER   A 1 94  ? 14.555  -1.318  -2.112  1.00 20.93 ? 100 SER   B OG  1 
ATOM   827  N N   . PRO   A 1 95  ? 13.083  -2.205  1.061   1.00 12.91 ? 101 PRO   B N   1 
ATOM   828  C CA  . PRO   A 1 95  ? 13.409  -1.476  2.282   1.00 13.67 ? 101 PRO   B CA  1 
ATOM   829  C C   . PRO   A 1 95  ? 14.583  -0.516  2.090   1.00 14.34 ? 101 PRO   B C   1 
ATOM   830  O O   . PRO   A 1 95  ? 14.529  0.586   2.686   1.00 14.16 ? 101 PRO   B O   1 
ATOM   831  C CB  . PRO   A 1 95  ? 13.735  -2.567  3.325   1.00 14.57 ? 101 PRO   B CB  1 
ATOM   832  C CG  . PRO   A 1 95  ? 12.905  -3.753  2.809   1.00 14.93 ? 101 PRO   B CG  1 
ATOM   833  C CD  . PRO   A 1 95  ? 13.027  -3.650  1.299   1.00 15.30 ? 101 PRO   B CD  1 
ATOM   834  N N   . GLU   A 1 96  ? 15.544  -0.842  1.214   1.00 15.30 ? 102 GLU   B N   1 
ATOM   835  C CA  . GLU   A 1 96  ? 16.675  0.094   0.955   1.00 17.53 ? 102 GLU   B CA  1 
ATOM   836  C C   . GLU   A 1 96  ? 16.155  1.435   0.415   1.00 17.64 ? 102 GLU   B C   1 
ATOM   837  O O   . GLU   A 1 96  ? 16.773  2.489   0.616   1.00 19.08 ? 102 GLU   B O   1 
ATOM   838  C CB  . GLU   A 1 96  ? 17.681  -0.586  0.035   1.00 23.55 ? 102 GLU   B CB  1 
ATOM   839  C CG  . GLU   A 1 96  ? 18.136  -1.929  0.572   1.00 32.54 ? 102 GLU   B CG  1 
ATOM   840  C CD  . GLU   A 1 96  ? 17.489  -3.163  -0.049  1.00 40.07 ? 102 GLU   B CD  1 
ATOM   841  O OE1 . GLU   A 1 96  ? 16.405  -3.614  0.446   1.00 26.60 ? 102 GLU   B OE1 1 
ATOM   842  O OE2 . GLU   A 1 96  ? 18.105  -3.698  -1.020  1.00 49.82 ? 102 GLU   B OE2 1 
ATOM   843  N N   . ASN   A 1 97  ? 15.086  1.412   -0.371  1.00 15.50 ? 103 ASN   B N   1 
ATOM   844  C CA  . ASN   A 1 97  ? 14.455  2.611   -0.959  1.00 14.52 ? 103 ASN   B CA  1 
ATOM   845  C C   . ASN   A 1 97  ? 13.356  3.164   -0.051  1.00 13.49 ? 103 ASN   B C   1 
ATOM   846  O O   . ASN   A 1 97  ? 12.740  4.142   -0.421  1.00 14.61 ? 103 ASN   B O   1 
ATOM   847  C CB  . ASN   A 1 97  ? 13.925  2.307   -2.379  1.00 15.78 ? 103 ASN   B CB  1 
ATOM   848  C CG  . ASN   A 1 97  ? 15.015  2.134   -3.408  1.00 18.16 ? 103 ASN   B CG  1 
ATOM   849  O OD1 . ASN   A 1 97  ? 16.145  2.618   -3.223  1.00 20.90 ? 103 ASN   B OD1 1 
ATOM   850  N ND2 . ASN   A 1 97  ? 14.702  1.427   -4.490  1.00 19.71 ? 103 ASN   B ND2 1 
ATOM   851  N N   . GLY   A 1 98  ? 13.116  2.581   1.126   1.00 12.33 ? 104 GLY   B N   1 
ATOM   852  C CA  . GLY   A 1 98  ? 12.140  3.150   2.060   1.00 11.71 ? 104 GLY   B CA  1 
ATOM   853  C C   . GLY   A 1 98  ? 10.715  2.610   1.945   1.00 10.26 ? 104 GLY   B C   1 
ATOM   854  O O   . GLY   A 1 98  ? 9.790   3.272   2.360   1.00 11.17 ? 104 GLY   B O   1 
ATOM   855  N N   . PHE   A 1 99  ? 10.574  1.374   1.404   1.00 10.92 ? 105 PHE   B N   1 
ATOM   856  C CA  . PHE   A 1 99  ? 9.243   0.732   1.258   1.00 10.50 ? 105 PHE   B CA  1 
ATOM   857  C C   . PHE   A 1 99  ? 9.180   -0.614  1.968   1.00 9.70  ? 105 PHE   B C   1 
ATOM   858  O O   . PHE   A 1 99  ? 10.140  -1.417  1.738   1.00 11.33 ? 105 PHE   B O   1 
ATOM   859  C CB  . PHE   A 1 99  ? 8.901   0.515   -0.225  1.00 11.05 ? 105 PHE   B CB  1 
ATOM   860  C CG  . PHE   A 1 99  ? 8.842   1.761   -1.080  1.00 10.55 ? 105 PHE   B CG  1 
ATOM   861  C CD1 . PHE   A 1 99  ? 9.978   2.241   -1.678  1.00 11.33 ? 105 PHE   B CD1 1 
ATOM   862  C CD2 . PHE   A 1 99  ? 7.654   2.452   -1.254  1.00 10.78 ? 105 PHE   B CD2 1 
ATOM   863  C CE1 . PHE   A 1 99  ? 9.940   3.384   -2.463  1.00 11.90 ? 105 PHE   B CE1 1 
ATOM   864  C CE2 . PHE   A 1 99  ? 7.610   3.579   -2.040  1.00 11.18 ? 105 PHE   B CE2 1 
ATOM   865  C CZ  . PHE   A 1 99  ? 8.759   4.037   -2.635  1.00 10.77 ? 105 PHE   B CZ  1 
ATOM   866  N N   . TRP   A 1 100 ? 8.069   -0.897  2.627   1.00 9.26  ? 106 TRP   B N   1 
ATOM   867  C CA  . TRP   A 1 100 ? 7.766   -2.190  3.281   1.00 9.32  ? 106 TRP   B CA  1 
ATOM   868  C C   . TRP   A 1 100 ? 6.408   -2.641  2.749   1.00 8.90  ? 106 TRP   B C   1 
ATOM   869  O O   . TRP   A 1 100 ? 5.381   -2.145  3.228   1.00 9.45  ? 106 TRP   B O   1 
ATOM   870  C CB  . TRP   A 1 100 ? 7.833   -2.109  4.819   1.00 9.23  ? 106 TRP   B CB  1 
ATOM   871  C CG  . TRP   A 1 100 ? 9.218   -1.737  5.271   1.00 9.42  ? 106 TRP   B CG  1 
ATOM   872  C CD1 . TRP   A 1 100 ? 10.232  -2.581  5.653   1.00 10.71 ? 106 TRP   B CD1 1 
ATOM   873  C CD2 . TRP   A 1 100 ? 9.761   -0.394  5.420   1.00 10.15 ? 106 TRP   B CD2 1 
ATOM   874  N NE1 . TRP   A 1 100 ? 11.380  -1.843  5.943   1.00 11.19 ? 106 TRP   B NE1 1 
ATOM   875  C CE2 . TRP   A 1 100 ? 11.100  -0.520  5.796   1.00 11.39 ? 106 TRP   B CE2 1 
ATOM   876  C CE3 . TRP   A 1 100 ? 9.215   0.868   5.212   1.00 10.37 ? 106 TRP   B CE3 1 
ATOM   877  C CZ2 . TRP   A 1 100 ? 11.924  0.606   5.974   1.00 11.78 ? 106 TRP   B CZ2 1 
ATOM   878  C CZ3 . TRP   A 1 100 ? 10.028  1.971   5.407   1.00 12.97 ? 106 TRP   B CZ3 1 
ATOM   879  C CH2 . TRP   A 1 100 ? 11.353  1.828   5.741   1.00 12.23 ? 106 TRP   B CH2 1 
ATOM   880  N N   . THR   A 1 101 ? 6.441   -3.486  1.704   1.00 9.65  ? 107 THR   B N   1 
ATOM   881  C CA  . THR   A 1 101 ? 5.249   -3.743  0.855   1.00 9.84  ? 107 THR   B CA  1 
ATOM   882  C C   . THR   A 1 101 ? 5.169   -5.227  0.483   1.00 9.86  ? 107 THR   B C   1 
ATOM   883  O O   . THR   A 1 101 ? 6.167   -5.935  0.473   1.00 9.54  ? 107 THR   B O   1 
ATOM   884  C CB  . THR   A 1 101 ? 5.285   -2.893  -0.424  1.00 10.85 ? 107 THR   B CB  1 
ATOM   885  O OG1 . THR   A 1 101 ? 6.391   -3.264  -1.220  1.00 11.87 ? 107 THR   B OG1 1 
ATOM   886  C CG2 . THR   A 1 101 ? 5.272   -1.404  -0.094  1.00 11.13 ? 107 THR   B CG2 1 
ATOM   887  N N   . ILE   A 1 102 ? 3.954   -5.610  0.084   1.00 9.74  ? 108 ILE   B N   1 
ATOM   888  C CA  . ILE   A 1 102 ? 3.693   -6.885  -0.660  1.00 9.93  ? 108 ILE   B CA  1 
ATOM   889  C C   . ILE   A 1 102 ? 2.937   -6.509  -1.916  1.00 10.20 ? 108 ILE   B C   1 
ATOM   890  O O   . ILE   A 1 102 ? 2.321   -5.411  -1.974  1.00 10.50 ? 108 ILE   B O   1 
ATOM   891  C CB  . ILE   A 1 102 ? 2.953   -7.912  0.205   1.00 10.19 ? 108 ILE   B CB  1 
ATOM   892  C CG1 . ILE   A 1 102 ? 1.515   -7.524  0.541   1.00 10.90 ? 108 ILE   B CG1 1 
ATOM   893  C CG2 . ILE   A 1 102 ? 3.753   -8.204  1.459   1.00 10.63 ? 108 ILE   B CG2 1 
ATOM   894  C CD1 . ILE   A 1 102 ? 0.663   -8.623  1.143   1.00 12.05 ? 108 ILE   B CD1 1 
ATOM   895  N N   . TRP   A 1 103 ? 2.862   -7.447  -2.821  1.00 9.74  ? 109 TRP   B N   1 
ATOM   896  C CA  . TRP   A 1 103 ? 2.149   -7.220  -4.093  1.00 10.21 ? 109 TRP   B CA  1 
ATOM   897  C C   . TRP   A 1 103 ? 1.585   -8.491  -4.683  1.00 11.08 ? 109 TRP   B C   1 
ATOM   898  O O   . TRP   A 1 103 ? 2.014   -9.624  -4.360  1.00 11.03 ? 109 TRP   B O   1 
ATOM   899  C CB  . TRP   A 1 103 ? 3.004   -6.486  -5.071  1.00 12.32 ? 109 TRP   B CB  1 
ATOM   900  C CG  . TRP   A 1 103 ? 4.187   -7.214  -5.589  1.00 13.72 ? 109 TRP   B CG  1 
ATOM   901  C CD1 . TRP   A 1 103 ? 4.202   -8.261  -6.465  1.00 14.96 ? 109 TRP   B CD1 1 
ATOM   902  C CD2 . TRP   A 1 103 ? 5.535   -6.804  -5.421  1.00 15.26 ? 109 TRP   B CD2 1 
ATOM   903  N NE1 . TRP   A 1 103 ? 5.477   -8.548  -6.831  1.00 17.51 ? 109 TRP   B NE1 1 
ATOM   904  C CE2 . TRP   A 1 103 ? 6.319   -7.666  -6.218  1.00 15.38 ? 109 TRP   B CE2 1 
ATOM   905  C CE3 . TRP   A 1 103 ? 6.141   -5.787  -4.686  1.00 16.89 ? 109 TRP   B CE3 1 
ATOM   906  C CZ2 . TRP   A 1 103 ? 7.707   -7.543  -6.284  1.00 19.14 ? 109 TRP   B CZ2 1 
ATOM   907  C CZ3 . TRP   A 1 103 ? 7.508   -5.663  -4.767  1.00 19.74 ? 109 TRP   B CZ3 1 
ATOM   908  C CH2 . TRP   A 1 103 ? 8.263   -6.535  -5.537  1.00 19.06 ? 109 TRP   B CH2 1 
ATOM   909  N N   . LEU   A 1 104 ? 0.606   -8.275  -5.579  1.00 10.60 ? 110 LEU   B N   1 
ATOM   910  C CA  . LEU   A 1 104 ? 0.132   -9.295  -6.530  1.00 10.90 ? 110 LEU   B CA  1 
ATOM   911  C C   . LEU   A 1 104 ? 0.583   -8.859  -7.904  1.00 10.15 ? 110 LEU   B C   1 
ATOM   912  O O   . LEU   A 1 104 ? 0.360   -7.730  -8.298  1.00 10.70 ? 110 LEU   B O   1 
ATOM   913  C CB  . LEU   A 1 104 ? -1.379  -9.376  -6.474  1.00 11.37 ? 110 LEU   B CB  1 
ATOM   914  C CG  . LEU   A 1 104 ? -2.039  -10.256 -7.528  1.00 11.71 ? 110 LEU   B CG  1 
ATOM   915  C CD1 . LEU   A 1 104 ? -1.596  -11.710 -7.418  1.00 12.50 ? 110 LEU   B CD1 1 
ATOM   916  C CD2 . LEU   A 1 104 ? -3.540  -10.115 -7.449  1.00 13.89 ? 110 LEU   B CD2 1 
ATOM   917  N N   . TRP   A 1 105 ? 1.095   -9.811  -8.689  1.00 11.33 ? 111 TRP   B N   1 
ATOM   918  C CA  . TRP   A 1 105 ? 1.531   -9.549  -10.074 1.00 12.08 ? 111 TRP   B CA  1 
ATOM   919  C C   . TRP   A 1 105 ? 1.575   -10.870 -10.828 1.00 13.89 ? 111 TRP   B C   1 
ATOM   920  O O   . TRP   A 1 105 ? 2.189   -11.836 -10.335 1.00 13.97 ? 111 TRP   B O   1 
ATOM   921  C CB  . TRP   A 1 105 ? 2.922   -8.924  -10.057 1.00 15.04 ? 111 TRP   B CB  1 
ATOM   922  C CG  . TRP   A 1 105 ? 3.542   -8.777  -11.385 1.00 17.93 ? 111 TRP   B CG  1 
ATOM   923  C CD1 . TRP   A 1 105 ? 4.601   -9.472  -11.904 1.00 20.68 ? 111 TRP   B CD1 1 
ATOM   924  C CD2 . TRP   A 1 105 ? 3.089   -7.884  -12.393 1.00 18.02 ? 111 TRP   B CD2 1 
ATOM   925  N NE1 . TRP   A 1 105 ? 4.850   -9.026  -13.162 1.00 20.72 ? 111 TRP   B NE1 1 
ATOM   926  C CE2 . TRP   A 1 105 ? 3.955   -8.055  -13.484 1.00 17.25 ? 111 TRP   B CE2 1 
ATOM   927  C CE3 . TRP   A 1 105 ? 2.120   -6.893  -12.460 1.00 18.26 ? 111 TRP   B CE3 1 
ATOM   928  C CZ2 . TRP   A 1 105 ? 3.851   -7.298  -14.641 1.00 22.43 ? 111 TRP   B CZ2 1 
ATOM   929  C CZ3 . TRP   A 1 105 ? 1.963   -6.186  -13.630 1.00 23.89 ? 111 TRP   B CZ3 1 
ATOM   930  C CH2 . TRP   A 1 105 ? 2.805   -6.408  -14.722 1.00 23.00 ? 111 TRP   B CH2 1 
ATOM   931  N N   . GLN   A 1 106 ? 0.846   -10.972 -11.944 1.00 12.66 ? 112 GLN   B N   1 
ATOM   932  C CA  . GLN   A 1 106 ? 0.886   -12.199 -12.810 1.00 13.03 ? 112 GLN   B CA  1 
ATOM   933  C C   . GLN   A 1 106 ? 0.643   -13.427 -11.974 1.00 13.72 ? 112 GLN   B C   1 
ATOM   934  O O   . GLN   A 1 106 ? 1.390   -14.456 -12.122 1.00 15.67 ? 112 GLN   B O   1 
ATOM   935  C CB  . GLN   A 1 106 ? 2.194   -12.238 -13.594 1.00 14.02 ? 112 GLN   B CB  1 
ATOM   936  C CG  . GLN   A 1 106 ? 2.297   -11.037 -14.515 1.00 15.65 ? 112 GLN   B CG  1 
ATOM   937  C CD  . GLN   A 1 106 ? 3.427   -11.064 -15.514 1.00 17.89 ? 112 GLN   B CD  1 
ATOM   938  O OE1 . GLN   A 1 106 ? 3.463   -10.263 -16.472 1.00 20.99 ? 112 GLN   B OE1 1 
ATOM   939  N NE2 . GLN   A 1 106 ? 4.352   -11.987 -15.325 1.00 17.50 ? 112 GLN   B NE2 1 
ATOM   940  N N   . ASP   A 1 107 ? -0.416  -13.436 -11.213 1.00 14.65 ? 113 ASP   B N   1 
ATOM   941  C CA  . ASP   A 1 107 ? -0.903  -14.614 -10.492 1.00 17.76 ? 113 ASP   B CA  1 
ATOM   942  C C   . ASP   A 1 107 ? 0.058   -15.112 -9.401  1.00 18.52 ? 113 ASP   B C   1 
ATOM   943  O O   . ASP   A 1 107 ? -0.219  -16.195 -8.844  1.00 26.47 ? 113 ASP   B O   1 
ATOM   944  C CB  . ASP   A 1 107 ? -1.081  -15.728 -11.530 1.00 20.24 ? 113 ASP   B CB  1 
ATOM   945  C CG  . ASP   A 1 107 ? -2.021  -16.796 -11.117 1.00 27.60 ? 113 ASP   B CG  1 
ATOM   946  O OD1 . ASP   A 1 107 ? -3.001  -16.496 -10.372 1.00 33.43 ? 113 ASP   B OD1 1 
ATOM   947  O OD2 . ASP   A 1 107 ? -1.787  -17.947 -11.606 1.00 34.37 ? 113 ASP   B OD2 1 
ATOM   948  N N   . SER   A 1 108 ? 1.024   -14.314 -8.982  1.00 14.88 ? 114 SER   B N   1 
ATOM   949  C CA  . SER   A 1 108 ? 1.868   -14.638 -7.796  1.00 16.53 ? 114 SER   B CA  1 
ATOM   950  C C   . SER   A 1 108 ? 1.872   -13.464 -6.806  1.00 13.94 ? 114 SER   B C   1 
ATOM   951  O O   . SER   A 1 108 ? 1.885   -12.252 -7.195  1.00 13.86 ? 114 SER   B O   1 
ATOM   952  C CB  . SER   A 1 108 ? 3.216   -15.081 -8.217  1.00 22.63 ? 114 SER   B CB  1 
ATOM   953  O OG  . SER   A 1 108 ? 4.005   -14.036 -8.727  1.00 31.35 ? 114 SER   B OG  1 
ATOM   954  N N   . TYR   A 1 109 ? 1.919   -13.796 -5.536  1.00 13.01 ? 115 TYR   B N   1 
ATOM   955  C CA  . TYR   A 1 109 ? 2.074   -12.817 -4.425  1.00 12.38 ? 115 TYR   B CA  1 
ATOM   956  C C   . TYR   A 1 109 ? 3.524   -12.822 -3.988  1.00 11.96 ? 115 TYR   B C   1 
ATOM   957  O O   . TYR   A 1 109 ? 4.129   -13.893 -3.823  1.00 12.66 ? 115 TYR   B O   1 
ATOM   958  C CB  . TYR   A 1 109 ? 1.164   -13.193 -3.282  1.00 12.46 ? 115 TYR   B CB  1 
ATOM   959  C CG  . TYR   A 1 109 ? -0.318  -13.180 -3.645  1.00 13.02 ? 115 TYR   B CG  1 
ATOM   960  C CD1 . TYR   A 1 109 ? -0.974  -14.325 -4.060  1.00 14.20 ? 115 TYR   B CD1 1 
ATOM   961  C CD2 . TYR   A 1 109 ? -1.068  -12.023 -3.510  1.00 12.20 ? 115 TYR   B CD2 1 
ATOM   962  C CE1 . TYR   A 1 109 ? -2.344  -14.317 -4.327  1.00 14.78 ? 115 TYR   B CE1 1 
ATOM   963  C CE2 . TYR   A 1 109 ? -2.422  -11.986 -3.810  1.00 12.74 ? 115 TYR   B CE2 1 
ATOM   964  C CZ  . TYR   A 1 109 ? -3.050  -13.138 -4.244  1.00 13.45 ? 115 TYR   B CZ  1 
ATOM   965  O OH  . TYR   A 1 109 ? -4.387  -13.145 -4.583  1.00 14.89 ? 115 TYR   B OH  1 
ATOM   966  N N   A GLU   A 1 110 ? 4.114   -11.643 -3.786  0.25 11.70 ? 116 GLU   B N   1 
ATOM   967  N N   B GLU   A 1 110 ? 4.105   -11.635 -3.808  0.25 11.57 ? 116 GLU   B N   1 
ATOM   968  C CA  A GLU   A 1 110 ? 5.548   -11.497 -3.410  0.25 12.14 ? 116 GLU   B CA  1 
ATOM   969  C CA  B GLU   A 1 110 ? 5.532   -11.440 -3.438  0.25 11.85 ? 116 GLU   B CA  1 
ATOM   970  C C   A GLU   A 1 110 ? 5.721   -10.351 -2.409  0.25 10.87 ? 116 GLU   B C   1 
ATOM   971  C C   B GLU   A 1 110 ? 5.618   -10.407 -2.304  0.25 10.39 ? 116 GLU   B C   1 
ATOM   972  O O   A GLU   A 1 110 ? 5.041   -9.321  -2.527  0.25 10.99 ? 116 GLU   B O   1 
ATOM   973  O O   B GLU   A 1 110 ? 4.718   -9.535  -2.178  0.25 9.57  ? 116 GLU   B O   1 
ATOM   974  C CB  A GLU   A 1 110 ? 6.425   -11.290 -4.639  0.25 13.71 ? 116 GLU   B CB  1 
ATOM   975  C CB  B GLU   A 1 110 ? 6.362   -11.014 -4.648  0.25 13.49 ? 116 GLU   B CB  1 
ATOM   976  C CG  A GLU   A 1 110 ? 6.407   -12.491 -5.585  0.25 15.35 ? 116 GLU   B CG  1 
ATOM   977  C CG  B GLU   A 1 110 ? 6.277   -11.981 -5.832  0.25 15.76 ? 116 GLU   B CG  1 
ATOM   978  C CD  A GLU   A 1 110 ? 7.046   -12.237 -6.938  0.25 17.44 ? 116 GLU   B CD  1 
ATOM   979  C CD  B GLU   A 1 110 ? 7.280   -13.127 -5.820  0.25 17.68 ? 116 GLU   B CD  1 
ATOM   980  O OE1 A GLU   A 1 110 ? 6.836   -11.142 -7.488  0.25 18.95 ? 116 GLU   B OE1 1 
ATOM   981  O OE1 B GLU   A 1 110 ? 8.191   -13.116 -4.982  0.25 21.57 ? 116 GLU   B OE1 1 
ATOM   982  O OE2 A GLU   A 1 110 ? 7.749   -13.135 -7.452  0.25 18.03 ? 116 GLU   B OE2 1 
ATOM   983  O OE2 B GLU   A 1 110 ? 7.161   -14.006 -6.691  0.25 22.62 ? 116 GLU   B OE2 1 
ATOM   984  N N   . ALA   A 1 111 ? 6.663   -10.511 -1.480  1.00 11.01 ? 117 ALA   B N   1 
ATOM   985  C CA  . ALA   A 1 111 ? 7.071   -9.418  -0.587  1.00 11.03 ? 117 ALA   B CA  1 
ATOM   986  C C   . ALA   A 1 111 ? 8.152   -8.602  -1.282  1.00 12.03 ? 117 ALA   B C   1 
ATOM   987  O O   . ALA   A 1 111 ? 9.092   -9.145  -1.914  1.00 12.11 ? 117 ALA   B O   1 
ATOM   988  C CB  . ALA   A 1 111 ? 7.574   -9.933  0.755   1.00 11.13 ? 117 ALA   B CB  1 
ATOM   989  N N   . GLY   A 1 112 ? 8.069   -7.271  -1.115  1.00 12.29 ? 118 GLY   B N   1 
ATOM   990  C CA  . GLY   A 1 112 ? 9.015   -6.303  -1.694  1.00 13.58 ? 118 GLY   B CA  1 
ATOM   991  C C   . GLY   A 1 112 ? 10.341  -6.247  -0.982  1.00 14.34 ? 118 GLY   B C   1 
ATOM   992  O O   . GLY   A 1 112 ? 10.760  -5.223  -0.485  1.00 16.67 ? 118 GLY   B O   1 
ATOM   993  N N   . THR   A 1 113 ? 11.031  -7.361  -0.831  1.00 17.32 ? 119 THR   B N   1 
ATOM   994  C CA  . THR   A 1 113 ? 12.449  -7.411  -0.437  1.00 18.14 ? 119 THR   B CA  1 
ATOM   995  C C   . THR   A 1 113 ? 13.332  -7.242  -1.675  1.00 19.16 ? 119 THR   B C   1 
ATOM   996  O O   . THR   A 1 113 ? 12.808  -7.275  -2.764  1.00 20.72 ? 119 THR   B O   1 
ATOM   997  C CB  . THR   A 1 113 ? 12.691  -8.716  0.289   1.00 15.39 ? 119 THR   B CB  1 
ATOM   998  O OG1 . THR   A 1 113 ? 12.240  -9.803  -0.556  1.00 15.03 ? 119 THR   B OG1 1 
ATOM   999  C CG2 . THR   A 1 113 ? 12.002  -8.845  1.613   1.00 17.16 ? 119 THR   B CG2 1 
ATOM   1000 N N   . SER   A 1 114 ? 14.652  -7.132  -1.503  1.00 22.78 ? 120 SER   B N   1 
ATOM   1001 C CA  . SER   A 1 114 ? 15.580  -7.062  -2.651  1.00 26.84 ? 120 SER   B CA  1 
ATOM   1002 C C   . SER   A 1 114 ? 16.611  -8.190  -2.536  1.00 25.68 ? 120 SER   B C   1 
ATOM   1003 O O   . SER   A 1 114 ? 17.454  -8.185  -1.635  1.00 28.53 ? 120 SER   B O   1 
ATOM   1004 C CB  . SER   A 1 114 ? 16.233  -5.701  -2.736  1.00 31.98 ? 120 SER   B CB  1 
ATOM   1005 O OG  . SER   A 1 114 ? 17.023  -5.647  -3.915  1.00 34.28 ? 120 SER   B OG  1 
ATOM   1006 N N   . PRO   A 1 115 ? 16.486  -9.263  -3.331  1.00 23.97 ? 121 PRO   B N   1 
ATOM   1007 C CA  . PRO   A 1 115 ? 15.417  -9.441  -4.312  1.00 23.27 ? 121 PRO   B CA  1 
ATOM   1008 C C   . PRO   A 1 115 ? 14.079  -9.901  -3.690  1.00 19.00 ? 121 PRO   B C   1 
ATOM   1009 O O   . PRO   A 1 115 ? 14.044  -10.221 -2.512  1.00 18.48 ? 121 PRO   B O   1 
ATOM   1010 C CB  . PRO   A 1 115 ? 16.001  -10.532 -5.215  1.00 26.61 ? 121 PRO   B CB  1 
ATOM   1011 C CG  . PRO   A 1 115 ? 16.779  -11.405 -4.264  1.00 26.14 ? 121 PRO   B CG  1 
ATOM   1012 C CD  . PRO   A 1 115 ? 17.361  -10.456 -3.231  1.00 26.37 ? 121 PRO   B CD  1 
ATOM   1013 N N   . GLN   A 1 116 ? 13.011  -9.904  -4.470  1.00 18.89 ? 122 GLN   B N   1 
ATOM   1014 C CA  . GLN   A 1 116 ? 11.639  -10.175 -3.954  1.00 18.31 ? 122 GLN   B CA  1 
ATOM   1015 C C   . GLN   A 1 116 ? 11.528  -11.609 -3.402  1.00 16.41 ? 122 GLN   B C   1 
ATOM   1016 O O   . GLN   A 1 116 ? 12.249  -12.507 -3.857  1.00 16.90 ? 122 GLN   B O   1 
ATOM   1017 C CB  . GLN   A 1 116 ? 10.539  -9.828  -4.965  1.00 22.34 ? 122 GLN   B CB  1 
ATOM   1018 C CG  . GLN   A 1 116 ? 10.262  -10.858 -6.036  1.00 28.53 ? 122 GLN   B CG  1 
ATOM   1019 C CD  . GLN   A 1 116 ? 10.707  -10.396 -7.397  1.00 37.37 ? 122 GLN   B CD  1 
ATOM   1020 O OE1 . GLN   A 1 116 ? 11.702  -9.680  -7.529  1.00 44.06 ? 122 GLN   B OE1 1 
ATOM   1021 N NE2 . GLN   A 1 116 ? 9.986   -10.840 -8.415  1.00 43.20 ? 122 GLN   B NE2 1 
ATOM   1022 N N   . THR   A 1 117 ? 10.609  -11.803 -2.479  1.00 13.68 ? 123 THR   B N   1 
ATOM   1023 C CA  . THR   A 1 117 ? 10.381  -13.073 -1.770  1.00 12.68 ? 123 THR   B CA  1 
ATOM   1024 C C   . THR   A 1 117 ? 9.028   -13.647 -2.152  1.00 12.76 ? 123 THR   B C   1 
ATOM   1025 O O   . THR   A 1 117 ? 8.006   -12.982 -1.968  1.00 13.27 ? 123 THR   B O   1 
ATOM   1026 C CB  . THR   A 1 117 ? 10.497  -12.861 -0.255  1.00 12.37 ? 123 THR   B CB  1 
ATOM   1027 O OG1 . THR   A 1 117 ? 11.797  -12.355 0.030   1.00 13.82 ? 123 THR   B OG1 1 
ATOM   1028 C CG2 . THR   A 1 117 ? 10.243  -14.144 0.491   1.00 13.15 ? 123 THR   B CG2 1 
ATOM   1029 N N   . THR   A 1 118 ? 8.985   -14.898 -2.582  1.00 13.43 ? 124 THR   B N   1 
ATOM   1030 C CA  . THR   A 1 118 ? 7.743   -15.632 -2.854  1.00 13.68 ? 124 THR   B CA  1 
ATOM   1031 C C   . THR   A 1 118 ? 6.880   -15.771 -1.623  1.00 13.07 ? 124 THR   B C   1 
ATOM   1032 O O   . THR   A 1 118 ? 7.410   -16.194 -0.528  1.00 14.94 ? 124 THR   B O   1 
ATOM   1033 C CB  . THR   A 1 118 ? 8.126   -17.031 -3.377  1.00 17.06 ? 124 THR   B CB  1 
ATOM   1034 O OG1 . THR   A 1 118 ? 8.807   -16.819 -4.601  1.00 20.25 ? 124 THR   B OG1 1 
ATOM   1035 C CG2 . THR   A 1 118 ? 6.919   -17.927 -3.482  1.00 20.36 ? 124 THR   B CG2 1 
ATOM   1036 N N   . LEU   A 1 119 ? 5.592   -15.462 -1.687  1.00 12.52 ? 125 LEU   B N   1 
ATOM   1037 C CA  . LEU   A 1 119 ? 4.623   -15.654 -0.595  1.00 11.72 ? 125 LEU   B CA  1 
ATOM   1038 C C   . LEU   A 1 119 ? 3.838   -16.938 -0.892  1.00 14.59 ? 125 LEU   B C   1 
ATOM   1039 O O   . LEU   A 1 119 ? 3.798   -17.395 -2.070  1.00 19.64 ? 125 LEU   B O   1 
ATOM   1040 C CB  . LEU   A 1 119 ? 3.650   -14.480 -0.426  1.00 11.95 ? 125 LEU   B CB  1 
ATOM   1041 C CG  . LEU   A 1 119 ? 4.361   -13.147 -0.176  1.00 11.43 ? 125 LEU   B CG  1 
ATOM   1042 C CD1 . LEU   A 1 119 ? 3.402   -11.968 -0.179  1.00 11.91 ? 125 LEU   B CD1 1 
ATOM   1043 C CD2 . LEU   A 1 119 ? 5.150   -13.202 1.146   1.00 13.34 ? 125 LEU   B CD2 1 
ATOM   1044 N N   . HIS   A 1 120 ? 3.348   -17.577 0.148   1.00 14.25 ? 126 HIS   B N   1 
ATOM   1045 C CA  . HIS   A 1 120 ? 2.620   -18.872 0.091   1.00 15.29 ? 126 HIS   B CA  1 
ATOM   1046 C C   . HIS   A 1 120 ? 1.214   -18.601 0.589   1.00 16.33 ? 126 HIS   B C   1 
ATOM   1047 O O   . HIS   A 1 120 ? 0.979   -18.585 1.813   1.00 21.39 ? 126 HIS   B O   1 
ATOM   1048 C CB  . HIS   A 1 120 ? 3.368   -19.918 0.941   1.00 16.38 ? 126 HIS   B CB  1 
ATOM   1049 C CG  . HIS   A 1 120 ? 4.783   -20.171 0.510   1.00 16.38 ? 126 HIS   B CG  1 
ATOM   1050 N ND1 . HIS   A 1 120 ? 5.867   -19.541 1.124   1.00 20.42 ? 126 HIS   B ND1 1 
ATOM   1051 C CD2 . HIS   A 1 120 ? 5.300   -20.960 -0.447  1.00 20.51 ? 126 HIS   B CD2 1 
ATOM   1052 C CE1 . HIS   A 1 120 ? 6.978   -19.908 0.501   1.00 21.89 ? 126 HIS   B CE1 1 
ATOM   1053 N NE2 . HIS   A 1 120 ? 6.675   -20.827 -0.407  1.00 19.76 ? 126 HIS   B NE2 1 
ATOM   1054 N N   . ILE   A 1 121 ? 0.297   -18.316 -0.302  1.00 18.85 ? 127 ILE   B N   1 
ATOM   1055 C CA  . ILE   A 1 121 ? -1.097  -17.980 0.095   1.00 20.16 ? 127 ILE   B CA  1 
ATOM   1056 C C   . ILE   A 1 121 ? -2.029  -19.040 -0.549  1.00 21.17 ? 127 ILE   B C   1 
ATOM   1057 O O   . ILE   A 1 121 ? -1.984  -19.210 -1.748  1.00 28.12 ? 127 ILE   B O   1 
ATOM   1058 C CB  . ILE   A 1 121 ? -1.447  -16.524 -0.303  1.00 21.46 ? 127 ILE   B CB  1 
ATOM   1059 C CG1 . ILE   A 1 121 ? -0.423  -15.513 0.231   1.00 19.47 ? 127 ILE   B CG1 1 
ATOM   1060 C CG2 . ILE   A 1 121 ? -2.844  -16.213 0.216   1.00 26.86 ? 127 ILE   B CG2 1 
ATOM   1061 C CD1 . ILE   A 1 121 ? -0.784  -14.075 -0.047  1.00 19.75 ? 127 ILE   B CD1 1 
ATOM   1062 N N   . GLN   A 1 122 ? -2.732  -19.802 0.269   1.00 25.84 ? 128 GLN   B N   1 
ATOM   1063 C CA  . GLN   A 1 122 ? -3.622  -20.896 -0.233  1.00 27.80 ? 128 GLN   B CA  1 
ATOM   1064 C C   . GLN   A 1 122 ? -4.989  -20.302 -0.613  1.00 25.78 ? 128 GLN   B C   1 
ATOM   1065 O O   . GLN   A 1 122 ? -5.584  -20.772 -1.619  1.00 26.29 ? 128 GLN   B O   1 
ATOM   1066 C CB  . GLN   A 1 122 ? -3.700  -22.000 0.831   1.00 30.47 ? 128 GLN   B CB  1 
ATOM   1067 C CG  . GLN   A 1 122 ? -4.777  -23.065 0.573   1.00 40.40 ? 128 GLN   B CG  1 
ATOM   1068 C CD  . GLN   A 1 122 ? -4.523  -24.021 -0.582  1.00 45.17 ? 128 GLN   B CD  1 
ATOM   1069 O OE1 . GLN   A 1 122 ? -3.390  -24.352 -0.936  1.00 48.87 ? 128 GLN   B OE1 1 
ATOM   1070 N NE2 . GLN   A 1 122 ? -5.600  -24.500 -1.189  1.00 48.27 ? 128 GLN   B NE2 1 
ATOM   1071 N N   . VAL   A 1 123 ? -5.418  -19.247 0.080   1.00 22.18 ? 129 VAL   B N   1 
ATOM   1072 C CA  . VAL   A 1 123 ? -6.746  -18.585 -0.145  1.00 19.57 ? 129 VAL   B CA  1 
ATOM   1073 C C   . VAL   A 1 123 ? -6.531  -17.177 -0.701  1.00 19.28 ? 129 VAL   B C   1 
ATOM   1074 O O   . VAL   A 1 123 ? -6.084  -16.308 0.068   1.00 17.45 ? 129 VAL   B O   1 
ATOM   1075 C CB  . VAL   A 1 123 ? -7.568  -18.545 1.150   1.00 21.48 ? 129 VAL   B CB  1 
ATOM   1076 C CG1 . VAL   A 1 123 ? -8.890  -17.773 1.012   1.00 21.04 ? 129 VAL   B CG1 1 
ATOM   1077 C CG2 . VAL   A 1 123 ? -7.833  -19.960 1.681   1.00 24.33 ? 129 VAL   B CG2 1 
ATOM   1078 N N   . PRO   A 1 124 ? -6.698  -16.899 -2.017  1.00 18.13 ? 130 PRO   B N   1 
ATOM   1079 C CA  . PRO   A 1 124 ? -6.428  -15.566 -2.550  1.00 18.31 ? 130 PRO   B CA  1 
ATOM   1080 C C   . PRO   A 1 124 ? -7.180  -14.526 -1.747  1.00 17.24 ? 130 PRO   B C   1 
ATOM   1081 O O   . PRO   A 1 124 ? -8.362  -14.626 -1.526  1.00 17.25 ? 130 PRO   B O   1 
ATOM   1082 C CB  . PRO   A 1 124 ? -6.946  -15.674 -3.995  1.00 21.05 ? 130 PRO   B CB  1 
ATOM   1083 C CG  . PRO   A 1 124 ? -6.620  -17.135 -4.319  1.00 20.83 ? 130 PRO   B CG  1 
ATOM   1084 C CD  . PRO   A 1 124 ? -7.069  -17.854 -3.090  1.00 20.25 ? 130 PRO   B CD  1 
ATOM   1085 N N   . PRO   A 1 125 ? -6.499  -13.533 -1.149  1.00 14.71 ? 131 PRO   B N   1 
ATOM   1086 C CA  . PRO   A 1 125 ? -7.181  -12.573 -0.306  1.00 14.12 ? 131 PRO   B CA  1 
ATOM   1087 C C   . PRO   A 1 125 ? -8.062  -11.581 -1.066  1.00 14.21 ? 131 PRO   B C   1 
ATOM   1088 O O   . PRO   A 1 125 ? -7.625  -11.052 -2.071  1.00 15.08 ? 131 PRO   B O   1 
ATOM   1089 C CB  . PRO   A 1 125 ? -6.020  -11.881 0.434   1.00 15.06 ? 131 PRO   B CB  1 
ATOM   1090 C CG  . PRO   A 1 125 ? -4.802  -12.175 -0.375  1.00 17.30 ? 131 PRO   B CG  1 
ATOM   1091 C CD  . PRO   A 1 125 ? -5.031  -13.425 -1.159  1.00 16.08 ? 131 PRO   B CD  1 
ATOM   1092 N N   . CYS   A 1 126 ? -9.210  -11.280 -0.490  1.00 14.25 ? 132 CYS   B N   1 
ATOM   1093 C CA  . CYS   A 1 126 ? -10.053 -10.162 -0.969  1.00 15.14 ? 132 CYS   B CA  1 
ATOM   1094 C C   . CYS   A 1 126 ? -9.838  -8.931  -0.089  1.00 13.98 ? 132 CYS   B C   1 
ATOM   1095 O O   . CYS   A 1 126 ? -10.142 -7.826  -0.513  1.00 13.81 ? 132 CYS   B O   1 
ATOM   1096 C CB  . CYS   A 1 126 ? -11.531 -10.506 -0.983  1.00 16.97 ? 132 CYS   B CB  1 
ATOM   1097 S SG  . CYS   A 1 126 ? -11.910 -11.911 -2.081  1.00 24.09 ? 132 CYS   B SG  1 
ATOM   1098 N N   A GLN   A 1 127 ? -9.378  -9.106  1.161   0.25 13.92 ? 133 GLN   B N   1 
ATOM   1099 N N   B GLN   A 1 127 ? -9.257  -9.149  1.094   0.25 14.10 ? 133 GLN   B N   1 
ATOM   1100 C CA  A GLN   A 1 127 ? -8.997  -7.974  2.056   0.25 14.33 ? 133 GLN   B CA  1 
ATOM   1101 C CA  B GLN   A 1 127 ? -8.979  -8.084  2.081   0.25 14.93 ? 133 GLN   B CA  1 
ATOM   1102 C C   A GLN   A 1 127 ? -7.719  -8.340  2.820   0.25 13.56 ? 133 GLN   B C   1 
ATOM   1103 C C   B GLN   A 1 127 ? -7.627  -8.397  2.730   0.25 13.92 ? 133 GLN   B C   1 
ATOM   1104 O O   A GLN   A 1 127 ? -7.600  -9.495  3.305   0.25 12.34 ? 133 GLN   B O   1 
ATOM   1105 O O   B GLN   A 1 127 ? -7.307  -9.599  2.962   0.25 12.41 ? 133 GLN   B O   1 
ATOM   1106 C CB  A GLN   A 1 127 ? -10.057 -7.568  3.088   0.25 15.99 ? 133 GLN   B CB  1 
ATOM   1107 C CB  B GLN   A 1 127 ? -10.126 -7.955  3.084   0.25 17.45 ? 133 GLN   B CB  1 
ATOM   1108 C CG  A GLN   A 1 127 ? -11.381 -7.093  2.507   0.25 17.90 ? 133 GLN   B CG  1 
ATOM   1109 C CG  B GLN   A 1 127 ? -11.408 -7.410  2.470   0.25 19.63 ? 133 GLN   B CG  1 
ATOM   1110 C CD  A GLN   A 1 127 ? -12.333 -8.249  2.318   0.25 19.61 ? 133 GLN   B CD  1 
ATOM   1111 C CD  B GLN   A 1 127 ? -12.471 -7.067  3.485   0.25 20.85 ? 133 GLN   B CD  1 
ATOM   1112 O OE1 A GLN   A 1 127 ? -12.315 -9.212  3.080   0.25 19.84 ? 133 GLN   B OE1 1 
ATOM   1113 O OE1 B GLN   A 1 127 ? -12.230 -7.031  4.690   0.25 24.82 ? 133 GLN   B OE1 1 
ATOM   1114 N NE2 A GLN   A 1 127 ? -13.155 -8.171  1.281   0.25 20.02 ? 133 GLN   B NE2 1 
ATOM   1115 N NE2 B GLN   A 1 127 ? -13.664 -6.802  2.996   0.25 22.92 ? 133 GLN   B NE2 1 
ATOM   1116 N N   . ILE   A 1 128 ? -6.825  -7.347  2.918   1.00 13.08 ? 134 ILE   B N   1 
ATOM   1117 C CA  . ILE   A 1 128 ? -5.451  -7.441  3.491   1.00 12.82 ? 134 ILE   B CA  1 
ATOM   1118 C C   . ILE   A 1 128 ? -5.466  -6.562  4.741   1.00 13.13 ? 134 ILE   B C   1 
ATOM   1119 O O   . ILE   A 1 128 ? -5.859  -5.362  4.681   1.00 12.15 ? 134 ILE   B O   1 
ATOM   1120 C CB  . ILE   A 1 128 ? -4.398  -6.960  2.495   1.00 13.72 ? 134 ILE   B CB  1 
ATOM   1121 C CG1 . ILE   A 1 128 ? -4.366  -7.749  1.167   1.00 16.13 ? 134 ILE   B CG1 1 
ATOM   1122 C CG2 . ILE   A 1 128 ? -3.022  -6.910  3.195   1.00 14.12 ? 134 ILE   B CG2 1 
ATOM   1123 C CD1 . ILE   A 1 128 ? -3.878  -9.090  1.300   1.00 15.96 ? 134 ILE   B CD1 1 
ATOM   1124 N N   . GLY   A 1 129 ? -4.966  -7.081  5.869   1.00 11.95 ? 135 GLY   B N   1 
ATOM   1125 C CA  . GLY   A 1 129 ? -4.685  -6.298  7.072   1.00 11.93 ? 135 GLY   B CA  1 
ATOM   1126 C C   . GLY   A 1 129 ? -3.211  -5.953  7.164   1.00 11.82 ? 135 GLY   B C   1 
ATOM   1127 O O   . GLY   A 1 129 ? -2.366  -6.789  6.841   1.00 12.20 ? 135 GLY   B O   1 
ATOM   1128 N N   . ILE   A 1 130 ? -2.921  -4.694  7.490   1.00 12.33 ? 136 ILE   B N   1 
ATOM   1129 C CA  . ILE   A 1 130 ? -1.532  -4.168  7.611   1.00 11.17 ? 136 ILE   B CA  1 
ATOM   1130 C C   . ILE   A 1 130 ? -1.322  -3.667  9.026   1.00 11.64 ? 136 ILE   B C   1 
ATOM   1131 O O   . ILE   A 1 130 ? -2.112  -2.859  9.521   1.00 12.32 ? 136 ILE   B O   1 
ATOM   1132 C CB  . ILE   A 1 130 ? -1.281  -3.048  6.588   1.00 12.37 ? 136 ILE   B CB  1 
ATOM   1133 C CG1 . ILE   A 1 130 ? -1.527  -3.596  5.189   1.00 14.24 ? 136 ILE   B CG1 1 
ATOM   1134 C CG2 . ILE   A 1 130 ? 0.131   -2.473  6.711   1.00 12.95 ? 136 ILE   B CG2 1 
ATOM   1135 C CD1 . ILE   A 1 130 ? -1.491  -2.573  4.140   1.00 18.22 ? 136 ILE   B CD1 1 
ATOM   1136 N N   . PHE   A 1 131 ? -0.329  -4.219  9.686   1.00 11.64 ? 137 PHE   B N   1 
ATOM   1137 C CA  . PHE   A 1 131 ? 0.017   -3.877  11.087  1.00 11.14 ? 137 PHE   B CA  1 
ATOM   1138 C C   . PHE   A 1 131 ? 1.427   -3.301  11.091  1.00 11.24 ? 137 PHE   B C   1 
ATOM   1139 O O   . PHE   A 1 131 ? 2.369   -3.918  10.569  1.00 11.86 ? 137 PHE   B O   1 
ATOM   1140 C CB  . PHE   A 1 131 ? -0.019  -5.117  11.962  1.00 12.42 ? 137 PHE   B CB  1 
ATOM   1141 C CG  . PHE   A 1 131 ? 0.426   -4.882  13.383  1.00 14.06 ? 137 PHE   B CG  1 
ATOM   1142 C CD1 . PHE   A 1 131 ? -0.340  -4.123  14.227  1.00 15.07 ? 137 PHE   B CD1 1 
ATOM   1143 C CD2 . PHE   A 1 131 ? 1.581   -5.469  13.876  1.00 15.77 ? 137 PHE   B CD2 1 
ATOM   1144 C CE1 . PHE   A 1 131 ? 0.062   -3.909  15.545  1.00 18.09 ? 137 PHE   B CE1 1 
ATOM   1145 C CE2 . PHE   A 1 131 ? 2.000   -5.242  15.188  1.00 17.58 ? 137 PHE   B CE2 1 
ATOM   1146 C CZ  . PHE   A 1 131 ? 1.227   -4.466  16.009  1.00 16.55 ? 137 PHE   B CZ  1 
ATOM   1147 N N   . VAL   A 1 132 ? 1.598   -2.150  11.747  1.00 11.68 ? 138 VAL   B N   1 
ATOM   1148 C CA  . VAL   A 1 132 ? 2.917   -1.506  11.947  1.00 11.53 ? 138 VAL   B CA  1 
ATOM   1149 C C   . VAL   A 1 132 ? 3.146   -1.336  13.458  1.00 11.20 ? 138 VAL   B C   1 
ATOM   1150 O O   . VAL   A 1 132 ? 2.320   -0.747  14.141  1.00 13.20 ? 138 VAL   B O   1 
ATOM   1151 C CB  . VAL   A 1 132 ? 3.022   -0.162  11.216  1.00 11.89 ? 138 VAL   B CB  1 
ATOM   1152 C CG1 . VAL   A 1 132 ? 4.401   0.480   11.446  1.00 13.91 ? 138 VAL   B CG1 1 
ATOM   1153 C CG2 . VAL   A 1 132 ? 2.763   -0.330  9.720   1.00 13.42 ? 138 VAL   B CG2 1 
ATOM   1154 N N   . ASP   A 1 133 ? 4.264   -1.864  13.928  1.00 11.94 ? 139 ASP   B N   1 
ATOM   1155 C CA  . ASP   A 1 133 ? 4.758   -1.551  15.298  1.00 13.19 ? 139 ASP   B CA  1 
ATOM   1156 C C   . ASP   A 1 133 ? 6.041   -0.730  15.140  1.00 11.97 ? 139 ASP   B C   1 
ATOM   1157 O O   . ASP   A 1 133 ? 7.084   -1.270  14.784  1.00 12.51 ? 139 ASP   B O   1 
ATOM   1158 C CB  . ASP   A 1 133 ? 4.958   -2.798  16.112  1.00 13.08 ? 139 ASP   B CB  1 
ATOM   1159 C CG  . ASP   A 1 133 ? 5.381   -2.535  17.562  1.00 16.17 ? 139 ASP   B CG  1 
ATOM   1160 O OD1 . ASP   A 1 133 ? 6.000   -1.474  17.849  1.00 18.12 ? 139 ASP   B OD1 1 
ATOM   1161 O OD2 . ASP   A 1 133 ? 5.138   -3.503  18.348  1.00 21.10 ? 139 ASP   B OD2 1 
ATOM   1162 N N   . TYR   A 1 134 ? 5.922   0.577   15.331  1.00 13.46 ? 140 TYR   B N   1 
ATOM   1163 C CA  . TYR   A 1 134 ? 7.057   1.493   15.049  1.00 12.77 ? 140 TYR   B CA  1 
ATOM   1164 C C   . TYR   A 1 134 ? 8.288   1.170   15.920  1.00 14.45 ? 140 TYR   B C   1 
ATOM   1165 O O   . TYR   A 1 134 ? 9.379   0.967   15.437  1.00 15.40 ? 140 TYR   B O   1 
ATOM   1166 C CB  . TYR   A 1 134 ? 6.626   2.968   15.198  1.00 13.06 ? 140 TYR   B CB  1 
ATOM   1167 C CG  . TYR   A 1 134 ? 7.605   3.873   14.485  1.00 13.59 ? 140 TYR   B CG  1 
ATOM   1168 C CD1 . TYR   A 1 134 ? 8.855   4.150   15.019  1.00 13.55 ? 140 TYR   B CD1 1 
ATOM   1169 C CD2 . TYR   A 1 134 ? 7.349   4.406   13.227  1.00 13.73 ? 140 TYR   B CD2 1 
ATOM   1170 C CE1 . TYR   A 1 134 ? 9.803   4.893   14.356  1.00 13.81 ? 140 TYR   B CE1 1 
ATOM   1171 C CE2 . TYR   A 1 134 ? 8.288   5.169   12.549  1.00 12.96 ? 140 TYR   B CE2 1 
ATOM   1172 C CZ  . TYR   A 1 134 ? 9.527   5.444   13.107  1.00 13.29 ? 140 TYR   B CZ  1 
ATOM   1173 O OH  . TYR   A 1 134 ? 10.497  6.148   12.459  1.00 13.58 ? 140 TYR   B OH  1 
ATOM   1174 N N   . GLU   A 1 135 ? 8.027   1.045   17.203  1.00 16.18 ? 141 GLU   B N   1 
ATOM   1175 C CA  . GLU   A 1 135 ? 9.135   0.831   18.166  1.00 16.40 ? 141 GLU   B CA  1 
ATOM   1176 C C   . GLU   A 1 135 ? 9.796   -0.504  17.924  1.00 15.68 ? 141 GLU   B C   1 
ATOM   1177 O O   . GLU   A 1 135 ? 11.046  -0.550  17.939  1.00 19.07 ? 141 GLU   B O   1 
ATOM   1178 C CB  . GLU   A 1 135 ? 8.632   0.972   19.590  1.00 18.17 ? 141 GLU   B CB  1 
ATOM   1179 C CG  . GLU   A 1 135 ? 8.608   2.447   20.034  1.00 24.95 ? 141 GLU   B CG  1 
ATOM   1180 C CD  . GLU   A 1 135 ? 7.543   3.249   19.363  1.00 27.26 ? 141 GLU   B CD  1 
ATOM   1181 O OE1 . GLU   A 1 135 ? 7.751   4.399   19.166  1.00 26.12 ? 141 GLU   B OE1 1 
ATOM   1182 O OE2 . GLU   A 1 135 ? 6.476   2.665   19.015  1.00 28.11 ? 141 GLU   B OE2 1 
ATOM   1183 N N   . ALA   A 1 136 ? 9.026   -1.569  17.669  1.00 14.55 ? 142 ALA   B N   1 
ATOM   1184 C CA  . ALA   A 1 136 ? 9.568   -2.912  17.443  1.00 16.30 ? 142 ALA   B CA  1 
ATOM   1185 C C   . ALA   A 1 136 ? 10.247  -3.033  16.076  1.00 15.43 ? 142 ALA   B C   1 
ATOM   1186 O O   . ALA   A 1 136 ? 11.000  -3.987  15.861  1.00 17.63 ? 142 ALA   B O   1 
ATOM   1187 C CB  . ALA   A 1 136 ? 8.459   -3.931  17.573  1.00 17.33 ? 142 ALA   B CB  1 
ATOM   1188 N N   . GLY   A 1 137 ? 10.000  -2.121  15.129  1.00 13.13 ? 143 GLY   B N   1 
ATOM   1189 C CA  . GLY   A 1 137 ? 10.525  -2.226  13.770  1.00 12.90 ? 143 GLY   B CA  1 
ATOM   1190 C C   . GLY   A 1 137 ? 9.868   -3.371  12.982  1.00 11.82 ? 143 GLY   B C   1 
ATOM   1191 O O   . GLY   A 1 137 ? 10.600  -4.185  12.377  1.00 12.53 ? 143 GLY   B O   1 
ATOM   1192 N N   . VAL   A 1 138 ? 8.542   -3.482  13.056  1.00 11.90 ? 144 VAL   B N   1 
ATOM   1193 C CA  . VAL   A 1 138 ? 7.774   -4.596  12.419  1.00 12.00 ? 144 VAL   B CA  1 
ATOM   1194 C C   . VAL   A 1 138 ? 6.710   -4.019  11.504  1.00 11.49 ? 144 VAL   B C   1 
ATOM   1195 O O   . VAL   A 1 138 ? 5.930   -3.132  11.911  1.00 12.06 ? 144 VAL   B O   1 
ATOM   1196 C CB  . VAL   A 1 138 ? 7.137   -5.464  13.520  1.00 13.12 ? 144 VAL   B CB  1 
ATOM   1197 C CG1 . VAL   A 1 138 ? 6.084   -6.430  12.976  1.00 13.99 ? 144 VAL   B CG1 1 
ATOM   1198 C CG2 . VAL   A 1 138 ? 8.234   -6.171  14.312  1.00 14.73 ? 144 VAL   B CG2 1 
ATOM   1199 N N   . VAL   A 1 139 ? 6.602   -4.650  10.337  1.00 11.06 ? 145 VAL   B N   1 
ATOM   1200 C CA  . VAL   A 1 139 ? 5.423   -4.480  9.432   1.00 10.62 ? 145 VAL   B CA  1 
ATOM   1201 C C   . VAL   A 1 139 ? 4.893   -5.870  9.067   1.00 9.78  ? 145 VAL   B C   1 
ATOM   1202 O O   . VAL   A 1 139 ? 5.672   -6.661  8.501   1.00 11.16 ? 145 VAL   B O   1 
ATOM   1203 C CB  . VAL   A 1 139 ? 5.784   -3.713  8.149   1.00 10.80 ? 145 VAL   B CB  1 
ATOM   1204 C CG1 . VAL   A 1 139 ? 4.538   -3.487  7.294   1.00 10.49 ? 145 VAL   B CG1 1 
ATOM   1205 C CG2 . VAL   A 1 139 ? 6.500   -2.407  8.486   1.00 10.89 ? 145 VAL   B CG2 1 
ATOM   1206 N N   . SER   A 1 140 ? 3.653   -6.161  9.392   1.00 10.82 ? 146 SER   B N   1 
ATOM   1207 C CA  . SER   A 1 140 ? 3.050   -7.476  9.112   1.00 11.57 ? 146 SER   B CA  1 
ATOM   1208 C C   . SER   A 1 140 ? 1.784   -7.336  8.274   1.00 10.42 ? 146 SER   B C   1 
ATOM   1209 O O   . SER   A 1 140 ? 1.068   -6.366  8.390   1.00 11.27 ? 146 SER   B O   1 
ATOM   1210 C CB  . SER   A 1 140 ? 2.741   -8.243  10.399  1.00 11.91 ? 146 SER   B CB  1 
ATOM   1211 O OG  . SER   A 1 140 ? 3.930   -8.567  11.128  1.00 13.21 ? 146 SER   B OG  1 
ATOM   1212 N N   . PHE   A 1 141 ? 1.527   -8.381  7.495   1.00 10.16 ? 147 PHE   B N   1 
ATOM   1213 C CA  . PHE   A 1 141 ? 0.407   -8.476  6.546   1.00 10.68 ? 147 PHE   B CA  1 
ATOM   1214 C C   . PHE   A 1 141 ? -0.409  -9.701  6.877   1.00 10.52 ? 147 PHE   B C   1 
ATOM   1215 O O   . PHE   A 1 141 ? 0.190   -10.809 7.038   1.00 10.94 ? 147 PHE   B O   1 
ATOM   1216 C CB  . PHE   A 1 141 ? 0.924   -8.497  5.095   1.00 10.37 ? 147 PHE   B CB  1 
ATOM   1217 C CG  . PHE   A 1 141 ? 1.680   -7.265  4.706   1.00 10.48 ? 147 PHE   B CG  1 
ATOM   1218 C CD1 . PHE   A 1 141 ? 3.032   -7.113  5.023   1.00 10.44 ? 147 PHE   B CD1 1 
ATOM   1219 C CD2 . PHE   A 1 141 ? 1.041   -6.243  4.002   1.00 10.96 ? 147 PHE   B CD2 1 
ATOM   1220 C CE1 . PHE   A 1 141 ? 3.711   -5.943  4.679   1.00 10.34 ? 147 PHE   B CE1 1 
ATOM   1221 C CE2 . PHE   A 1 141 ? 1.738   -5.090  3.671   1.00 10.62 ? 147 PHE   B CE2 1 
ATOM   1222 C CZ  . PHE   A 1 141 ? 3.074   -4.935  4.002   1.00 9.84  ? 147 PHE   B CZ  1 
ATOM   1223 N N   . TYR   A 1 142 ? -1.723  -9.551  6.847   1.00 10.97 ? 148 TYR   B N   1 
ATOM   1224 C CA  . TYR   A 1 142 ? -2.678  -10.593 7.286   1.00 12.94 ? 148 TYR   B CA  1 
ATOM   1225 C C   . TYR   A 1 142 ? -3.722  -10.815 6.196   1.00 12.91 ? 148 TYR   B C   1 
ATOM   1226 O O   . TYR   A 1 142 ? -4.216  -9.859  5.567   1.00 12.74 ? 148 TYR   B O   1 
ATOM   1227 C CB  . TYR   A 1 142 ? -3.310  -10.270 8.630   1.00 13.43 ? 148 TYR   B CB  1 
ATOM   1228 C CG  . TYR   A 1 142 ? -2.298  -10.214 9.750   1.00 13.63 ? 148 TYR   B CG  1 
ATOM   1229 C CD1 . TYR   A 1 142 ? -1.867  -11.367 10.377  1.00 14.65 ? 148 TYR   B CD1 1 
ATOM   1230 C CD2 . TYR   A 1 142 ? -1.684  -9.024  10.114  1.00 14.51 ? 148 TYR   B CD2 1 
ATOM   1231 C CE1 . TYR   A 1 142 ? -0.891  -11.311 11.360  1.00 14.96 ? 148 TYR   B CE1 1 
ATOM   1232 C CE2 . TYR   A 1 142 ? -0.716  -8.943  11.101  1.00 15.19 ? 148 TYR   B CE2 1 
ATOM   1233 C CZ  . TYR   A 1 142 ? -0.325  -10.103 11.747  1.00 15.68 ? 148 TYR   B CZ  1 
ATOM   1234 O OH  . TYR   A 1 142 ? 0.683   -10.082 12.697  1.00 17.54 ? 148 TYR   B OH  1 
ATOM   1235 N N   . ASN   A 1 143 ? -4.151  -12.056 6.031   1.00 13.77 ? 149 ASN   B N   1 
ATOM   1236 C CA  . ASN   A 1 143 ? -5.171  -12.468 5.015   1.00 13.24 ? 149 ASN   B CA  1 
ATOM   1237 C C   . ASN   A 1 143 ? -6.541  -12.446 5.695   1.00 13.34 ? 149 ASN   B C   1 
ATOM   1238 O O   . ASN   A 1 143 ? -6.880  -13.438 6.415   1.00 15.32 ? 149 ASN   B O   1 
ATOM   1239 C CB  . ASN   A 1 143 ? -4.803  -13.846 4.464   1.00 13.41 ? 149 ASN   B CB  1 
ATOM   1240 C CG  . ASN   A 1 143 ? -5.733  -14.322 3.354   1.00 13.73 ? 149 ASN   B CG  1 
ATOM   1241 O OD1 . ASN   A 1 143 ? -6.825  -13.758 3.238   1.00 15.84 ? 149 ASN   B OD1 1 
ATOM   1242 N ND2 . ASN   A 1 143 ? -5.273  -15.256 2.581   1.00 15.25 ? 149 ASN   B ND2 1 
ATOM   1243 N N   . ILE   A 1 144 ? -7.339  -11.405 5.540   1.00 14.43 ? 150 ILE   B N   1 
ATOM   1244 C CA  . ILE   A 1 144 ? -8.596  -11.259 6.300   1.00 15.65 ? 150 ILE   B CA  1 
ATOM   1245 C C   . ILE   A 1 144 ? -9.588  -12.319 5.779   1.00 16.72 ? 150 ILE   B C   1 
ATOM   1246 O O   . ILE   A 1 144 ? -10.418 -12.801 6.603   1.00 20.04 ? 150 ILE   B O   1 
ATOM   1247 C CB  . ILE   A 1 144 ? -9.145  -9.837  6.147   1.00 16.34 ? 150 ILE   B CB  1 
ATOM   1248 C CG1 . ILE   A 1 144 ? -8.117  -8.776  6.592   1.00 16.86 ? 150 ILE   B CG1 1 
ATOM   1249 C CG2 . ILE   A 1 144 ? -10.487 -9.701  6.859   1.00 19.01 ? 150 ILE   B CG2 1 
ATOM   1250 C CD1 . ILE   A 1 144 ? -7.486  -9.084  7.925   1.00 21.46 ? 150 ILE   B CD1 1 
ATOM   1251 N N   . THR   A 1 145 ? -9.515  -12.693 4.505   1.00 16.65 ? 151 THR   B N   1 
ATOM   1252 C CA  . THR   A 1 145 ? -10.422 -13.696 3.866   1.00 16.90 ? 151 THR   B CA  1 
ATOM   1253 C C   . THR   A 1 145 ? -10.195 -15.047 4.542   1.00 20.46 ? 151 THR   B C   1 
ATOM   1254 O O   . THR   A 1 145 ? -11.184 -15.801 4.686   1.00 24.33 ? 151 THR   B O   1 
ATOM   1255 C CB  . THR   A 1 145 ? -10.138 -13.762 2.357   1.00 17.12 ? 151 THR   B CB  1 
ATOM   1256 O OG1 . THR   A 1 145 ? -10.238 -12.450 1.819   1.00 17.11 ? 151 THR   B OG1 1 
ATOM   1257 C CG2 . THR   A 1 145 ? -11.120 -14.675 1.647   1.00 19.04 ? 151 THR   B CG2 1 
ATOM   1258 N N   . ASP   A 1 146 ? -8.965  -15.366 4.939   1.00 19.30 ? 152 ASP   B N   1 
ATOM   1259 C CA  . ASP   A 1 146 ? -8.567  -16.643 5.601   1.00 19.75 ? 152 ASP   B CA  1 
ATOM   1260 C C   . ASP   A 1 146 ? -8.389  -16.480 7.115   1.00 19.98 ? 152 ASP   B C   1 
ATOM   1261 O O   . ASP   A 1 146 ? -7.325  -16.857 7.603   1.00 20.54 ? 152 ASP   B O   1 
ATOM   1262 C CB  . ASP   A 1 146 ? -7.383  -17.212 4.862   1.00 20.49 ? 152 ASP   B CB  1 
ATOM   1263 C CG  . ASP   A 1 146 ? -6.931  -18.550 5.386   1.00 25.05 ? 152 ASP   B CG  1 
ATOM   1264 O OD1 . ASP   A 1 146 ? -7.812  -19.397 5.608   1.00 25.33 ? 152 ASP   B OD1 1 
ATOM   1265 O OD2 . ASP   A 1 146 ? -5.723  -18.710 5.589   1.00 24.69 ? 152 ASP   B OD2 1 
ATOM   1266 N N   . HIS   A 1 147 ? -9.371  -15.912 7.801   1.00 22.05 ? 153 HIS   B N   1 
ATOM   1267 C CA  . HIS   A 1 147 ? -9.426  -15.888 9.287   1.00 25.40 ? 153 HIS   B CA  1 
ATOM   1268 C C   . HIS   A 1 147 ? -8.195  -15.139 9.825   1.00 24.38 ? 153 HIS   B C   1 
ATOM   1269 O O   . HIS   A 1 147 ? -7.756  -15.423 10.938  1.00 27.83 ? 153 HIS   B O   1 
ATOM   1270 C CB  . HIS   A 1 147 ? -9.430  -17.299 9.900   1.00 30.91 ? 153 HIS   B CB  1 
ATOM   1271 C CG  . HIS   A 1 147 ? -10.436 -18.267 9.356   1.00 39.89 ? 153 HIS   B CG  1 
ATOM   1272 N ND1 . HIS   A 1 147 ? -11.785 -18.196 9.674   1.00 46.70 ? 153 HIS   B ND1 1 
ATOM   1273 C CD2 . HIS   A 1 147 ? -10.282 -19.366 8.583   1.00 43.10 ? 153 HIS   B CD2 1 
ATOM   1274 C CE1 . HIS   A 1 147 ? -12.428 -19.189 9.086   1.00 47.84 ? 153 HIS   B CE1 1 
ATOM   1275 N NE2 . HIS   A 1 147 ? -11.525 -19.925 8.407   1.00 47.77 ? 153 HIS   B NE2 1 
ATOM   1276 N N   . GLY   A 1 148 ? -7.647  -14.191 9.059   1.00 20.39 ? 154 GLY   B N   1 
ATOM   1277 C CA  . GLY   A 1 148 ? -6.540  -13.362 9.579   1.00 17.79 ? 154 GLY   B CA  1 
ATOM   1278 C C   . GLY   A 1 148 ? -5.191  -14.040 9.531   1.00 16.31 ? 154 GLY   B C   1 
ATOM   1279 O O   . GLY   A 1 148 ? -4.342  -13.617 10.316  1.00 16.55 ? 154 GLY   B O   1 
ATOM   1280 N N   . SER   A 1 149 ? -4.984  -15.046 8.722   1.00 15.14 ? 155 SER   B N   1 
ATOM   1281 C CA  . SER   A 1 149 ? -3.725  -15.818 8.708   1.00 13.70 ? 155 SER   B CA  1 
ATOM   1282 C C   . SER   A 1 149 ? -2.559  -14.910 8.315   1.00 14.46 ? 155 SER   B C   1 
ATOM   1283 O O   . SER   A 1 149 ? -2.695  -14.014 7.434   1.00 14.24 ? 155 SER   B O   1 
ATOM   1284 C CB  . SER   A 1 149 ? -3.799  -17.042 7.805   1.00 14.85 ? 155 SER   B CB  1 
ATOM   1285 O OG  . SER   A 1 149 ? -4.165  -16.740 6.461   1.00 16.01 ? 155 SER   B OG  1 
ATOM   1286 N N   . LEU   A 1 150 ? -1.396  -15.148 8.841   1.00 13.66 ? 156 LEU   B N   1 
ATOM   1287 C CA  . LEU   A 1 150 ? -0.194  -14.329 8.506   1.00 12.33 ? 156 LEU   B CA  1 
ATOM   1288 C C   . LEU   A 1 150 ? 0.206   -14.582 7.069   1.00 12.05 ? 156 LEU   B C   1 
ATOM   1289 O O   . LEU   A 1 150 ? 0.357   -15.730 6.581   1.00 13.08 ? 156 LEU   B O   1 
ATOM   1290 C CB  . LEU   A 1 150 ? 0.974   -14.695 9.437   1.00 12.67 ? 156 LEU   B CB  1 
ATOM   1291 C CG  . LEU   A 1 150 ? 2.281   -13.918 9.211   1.00 13.22 ? 156 LEU   B CG  1 
ATOM   1292 C CD1 . LEU   A 1 150 ? 2.134   -12.451 9.551   1.00 13.19 ? 156 LEU   B CD1 1 
ATOM   1293 C CD2 . LEU   A 1 150 ? 3.383   -14.574 10.103  1.00 13.96 ? 156 LEU   B CD2 1 
ATOM   1294 N N   . ILE   A 1 151 ? 0.486   -13.482 6.347   1.00 10.55 ? 157 ILE   B N   1 
ATOM   1295 C CA  . ILE   A 1 151 ? 1.071   -13.505 5.009   1.00 11.49 ? 157 ILE   B CA  1 
ATOM   1296 C C   . ILE   A 1 151 ? 2.583   -13.280 5.042   1.00 10.41 ? 157 ILE   B C   1 
ATOM   1297 O O   . ILE   A 1 151 ? 3.374   -13.984 4.426   1.00 11.20 ? 157 ILE   B O   1 
ATOM   1298 C CB  . ILE   A 1 151 ? 0.375   -12.454 4.121   1.00 11.32 ? 157 ILE   B CB  1 
ATOM   1299 C CG1 . ILE   A 1 151 ? -1.091  -12.778 3.900   1.00 12.38 ? 157 ILE   B CG1 1 
ATOM   1300 C CG2 . ILE   A 1 151 ? 1.115   -12.319 2.785   1.00 11.75 ? 157 ILE   B CG2 1 
ATOM   1301 C CD1 . ILE   A 1 151 ? -1.859  -11.687 3.163   1.00 12.88 ? 157 ILE   B CD1 1 
ATOM   1302 N N   . TYR   A 1 152 ? 3.023   -12.249 5.764   1.00 10.41 ? 158 TYR   B N   1 
ATOM   1303 C CA  . TYR   A 1 152 ? 4.451   -11.865 5.737   1.00 9.67  ? 158 TYR   B CA  1 
ATOM   1304 C C   . TYR   A 1 152 ? 4.726   -10.899 6.895   1.00 9.74  ? 158 TYR   B C   1 
ATOM   1305 O O   . TYR   A 1 152 ? 3.888   -10.006 7.174   1.00 10.51 ? 158 TYR   B O   1 
ATOM   1306 C CB  . TYR   A 1 152 ? 4.861   -11.138 4.425   1.00 10.05 ? 158 TYR   B CB  1 
ATOM   1307 C CG  . TYR   A 1 152 ? 6.340   -11.028 4.259   1.00 10.34 ? 158 TYR   B CG  1 
ATOM   1308 C CD1 . TYR   A 1 152 ? 7.124   -12.088 3.802   1.00 10.78 ? 158 TYR   B CD1 1 
ATOM   1309 C CD2 . TYR   A 1 152 ? 7.016   -9.860  4.598   1.00 10.63 ? 158 TYR   B CD2 1 
ATOM   1310 C CE1 . TYR   A 1 152 ? 8.496   -11.982 3.713   1.00 11.78 ? 158 TYR   B CE1 1 
ATOM   1311 C CE2 . TYR   A 1 152 ? 8.382   -9.742  4.482   1.00 10.77 ? 158 TYR   B CE2 1 
ATOM   1312 C CZ  . TYR   A 1 152 ? 9.133   -10.818 4.072   1.00 11.70 ? 158 TYR   B CZ  1 
ATOM   1313 O OH  . TYR   A 1 152 ? 10.496  -10.777 4.005   1.00 14.18 ? 158 TYR   B OH  1 
ATOM   1314 N N   . THR   A 1 153 ? 5.915   -11.011 7.505   1.00 10.18 ? 159 THR   B N   1 
ATOM   1315 C CA  . THR   A 1 153 ? 6.450   -10.072 8.519   1.00 10.41 ? 159 THR   B CA  1 
ATOM   1316 C C   . THR   A 1 153 ? 7.821   -9.579  8.098   1.00 10.20 ? 159 THR   B C   1 
ATOM   1317 O O   . THR   A 1 153 ? 8.759   -10.356 7.935   1.00 11.27 ? 159 THR   B O   1 
ATOM   1318 C CB  . THR   A 1 153 ? 6.505   -10.719 9.911   1.00 11.08 ? 159 THR   B CB  1 
ATOM   1319 O OG1 . THR   A 1 153 ? 5.173   -10.920 10.338  1.00 11.45 ? 159 THR   B OG1 1 
ATOM   1320 C CG2 . THR   A 1 153 ? 7.256   -9.842  10.886  1.00 12.39 ? 159 THR   B CG2 1 
ATOM   1321 N N   . PHE   A 1 154 ? 7.937   -8.245  7.906   1.00 10.49 ? 160 PHE   B N   1 
ATOM   1322 C CA  . PHE   A 1 154 ? 9.252   -7.562  7.870   1.00 10.33 ? 160 PHE   B CA  1 
ATOM   1323 C C   . PHE   A 1 154 ? 9.620   -7.257  9.322   1.00 11.22 ? 160 PHE   B C   1 
ATOM   1324 O O   . PHE   A 1 154 ? 8.861   -6.592  10.013  1.00 11.26 ? 160 PHE   B O   1 
ATOM   1325 C CB  . PHE   A 1 154 ? 9.158   -6.216  7.141   1.00 10.77 ? 160 PHE   B CB  1 
ATOM   1326 C CG  . PHE   A 1 154 ? 8.918   -6.278  5.640   1.00 9.63  ? 160 PHE   B CG  1 
ATOM   1327 C CD1 . PHE   A 1 154 ? 7.616   -6.278  5.135   1.00 9.65  ? 160 PHE   B CD1 1 
ATOM   1328 C CD2 . PHE   A 1 154 ? 9.972   -6.224  4.743   1.00 10.49 ? 160 PHE   B CD2 1 
ATOM   1329 C CE1 . PHE   A 1 154 ? 7.411   -6.277  3.758   1.00 10.37 ? 160 PHE   B CE1 1 
ATOM   1330 C CE2 . PHE   A 1 154 ? 9.745   -6.231  3.359   1.00 10.68 ? 160 PHE   B CE2 1 
ATOM   1331 C CZ  . PHE   A 1 154 ? 8.457   -6.241  2.895   1.00 9.45  ? 160 PHE   B CZ  1 
ATOM   1332 N N   . SER   A 1 155 ? 10.779  -7.751  9.730   1.00 12.94 ? 161 SER   B N   1 
ATOM   1333 C CA  . SER   A 1 155 ? 11.277  -7.399  11.068  1.00 13.72 ? 161 SER   B CA  1 
ATOM   1334 C C   . SER   A 1 155 ? 12.654  -6.766  10.924  1.00 14.36 ? 161 SER   B C   1 
ATOM   1335 O O   . SER   A 1 155 ? 13.241  -6.735  9.853   1.00 16.16 ? 161 SER   B O   1 
ATOM   1336 C CB  . SER   A 1 155 ? 11.242  -8.636  11.924  1.00 15.44 ? 161 SER   B CB  1 
ATOM   1337 O OG  . SER   A 1 155 ? 12.234  -9.553  11.533  1.00 19.74 ? 161 SER   B OG  1 
ATOM   1338 N N   . GLU   A 1 156 ? 13.143  -6.208  12.037  1.00 17.50 ? 162 GLU   B N   1 
ATOM   1339 C CA  . GLU   A 1 156 ? 14.422  -5.438  12.028  1.00 18.54 ? 162 GLU   B CA  1 
ATOM   1340 C C   . GLU   A 1 156 ? 14.328  -4.291  11.026  1.00 17.00 ? 162 GLU   B C   1 
ATOM   1341 O O   . GLU   A 1 156 ? 15.337  -3.962  10.336  1.00 18.93 ? 162 GLU   B O   1 
ATOM   1342 C CB  . GLU   A 1 156 ? 15.619  -6.318  11.676  1.00 23.06 ? 162 GLU   B CB  1 
ATOM   1343 C CG  . GLU   A 1 156 ? 15.709  -7.623  12.439  1.00 27.60 ? 162 GLU   B CG  1 
ATOM   1344 C CD  . GLU   A 1 156 ? 17.036  -8.281  12.123  1.00 38.64 ? 162 GLU   B CD  1 
ATOM   1345 O OE1 . GLU   A 1 156 ? 17.119  -8.993  11.096  1.00 43.85 ? 162 GLU   B OE1 1 
ATOM   1346 O OE2 . GLU   A 1 156 ? 18.014  -7.980  12.834  1.00 42.83 ? 162 GLU   B OE2 1 
ATOM   1347 N N   . CYS   A 1 157 ? 13.135  -3.692  10.922  1.00 14.99 ? 163 CYS   B N   1 
ATOM   1348 C CA  . CYS   A 1 157 ? 12.936  -2.600  9.950   1.00 14.04 ? 163 CYS   B CA  1 
ATOM   1349 C C   . CYS   A 1 157 ? 13.722  -1.353  10.404  1.00 14.99 ? 163 CYS   B C   1 
ATOM   1350 O O   . CYS   A 1 157 ? 13.658  -1.019  11.630  1.00 17.51 ? 163 CYS   B O   1 
ATOM   1351 C CB  . CYS   A 1 157 ? 11.472  -2.200  9.742   1.00 12.61 ? 163 CYS   B CB  1 
ATOM   1352 S SG  . CYS   A 1 157 ? 10.454  -3.524  9.043   1.00 13.37 ? 163 CYS   B SG  1 
ATOM   1353 N N   . VAL   A 1 158 ? 14.333  -0.671  9.463   1.00 14.72 ? 164 VAL   B N   1 
ATOM   1354 C CA  . VAL   A 1 158 ? 15.028  0.607   9.775   1.00 15.92 ? 164 VAL   B CA  1 
ATOM   1355 C C   . VAL   A 1 158 ? 14.206  1.706   9.095   1.00 14.06 ? 164 VAL   B C   1 
ATOM   1356 O O   . VAL   A 1 158 ? 14.447  2.116   7.955   1.00 16.92 ? 164 VAL   B O   1 
ATOM   1357 C CB  . VAL   A 1 158 ? 16.531  0.507   9.400   1.00 19.11 ? 164 VAL   B CB  1 
ATOM   1358 C CG1 . VAL   A 1 158 ? 17.200  1.865   9.693   1.00 20.65 ? 164 VAL   B CG1 1 
ATOM   1359 C CG2 . VAL   A 1 158 ? 17.188  -0.635  10.170  1.00 21.28 ? 164 VAL   B CG2 1 
ATOM   1360 N N   . PHE   A 1 159 ? 13.150  2.187   9.759   1.00 13.25 ? 165 PHE   B N   1 
ATOM   1361 C CA  . PHE   A 1 159 ? 12.170  3.119   9.177   1.00 13.75 ? 165 PHE   B CA  1 
ATOM   1362 C C   . PHE   A 1 159 ? 12.903  4.395   8.782   1.00 15.53 ? 165 PHE   B C   1 
ATOM   1363 O O   . PHE   A 1 159 ? 12.696  4.930   7.683   1.00 16.35 ? 165 PHE   B O   1 
ATOM   1364 C CB  . PHE   A 1 159 ? 10.960  3.286   10.070  1.00 13.57 ? 165 PHE   B CB  1 
ATOM   1365 C CG  . PHE   A 1 159 ? 10.144  2.029   10.295  1.00 11.93 ? 165 PHE   B CG  1 
ATOM   1366 C CD1 . PHE   A 1 159 ? 9.775   1.230   9.210   1.00 12.92 ? 165 PHE   B CD1 1 
ATOM   1367 C CD2 . PHE   A 1 159 ? 9.747   1.630   11.564  1.00 13.58 ? 165 PHE   B CD2 1 
ATOM   1368 C CE1 . PHE   A 1 159 ? 8.996   0.098   9.426   1.00 12.60 ? 165 PHE   B CE1 1 
ATOM   1369 C CE2 . PHE   A 1 159 ? 8.938   0.527   11.779  1.00 13.75 ? 165 PHE   B CE2 1 
ATOM   1370 C CZ  . PHE   A 1 159 ? 8.568   -0.247  10.701  1.00 12.75 ? 165 PHE   B CZ  1 
ATOM   1371 N N   . ALA   A 1 160 ? 13.675  4.943   9.716   1.00 14.19 ? 166 ALA   B N   1 
ATOM   1372 C CA  . ALA   A 1 160 ? 14.557  6.110   9.465   1.00 14.83 ? 166 ALA   B CA  1 
ATOM   1373 C C   . ALA   A 1 160 ? 13.752  7.369   9.165   1.00 13.99 ? 166 ALA   B C   1 
ATOM   1374 O O   . ALA   A 1 160 ? 14.299  8.278   8.470   1.00 16.35 ? 166 ALA   B O   1 
ATOM   1375 C CB  . ALA   A 1 160 ? 15.586  5.822   8.423   1.00 15.86 ? 166 ALA   B CB  1 
ATOM   1376 N N   . GLY   A 1 161 ? 12.529  7.469   9.634   1.00 15.14 ? 167 GLY   B N   1 
ATOM   1377 C CA  . GLY   A 1 161 ? 11.678  8.634   9.411   1.00 15.93 ? 167 GLY   B CA  1 
ATOM   1378 C C   . GLY   A 1 161 ? 10.224  8.348   9.682   1.00 13.78 ? 167 GLY   B C   1 
ATOM   1379 O O   . GLY   A 1 161 ? 9.868   7.193   10.020  1.00 14.68 ? 167 GLY   B O   1 
ATOM   1380 N N   . PRO   A 1 162 ? 9.355   9.341   9.555   1.00 13.21 ? 168 PRO   B N   1 
ATOM   1381 C CA  . PRO   A 1 162 ? 7.929   9.128   9.634   1.00 12.41 ? 168 PRO   B CA  1 
ATOM   1382 C C   . PRO   A 1 162 ? 7.496   8.171   8.510   1.00 12.65 ? 168 PRO   B C   1 
ATOM   1383 O O   . PRO   A 1 162 ? 8.070   8.212   7.430   1.00 13.16 ? 168 PRO   B O   1 
ATOM   1384 C CB  . PRO   A 1 162 ? 7.277   10.504  9.453   1.00 13.34 ? 168 PRO   B CB  1 
ATOM   1385 C CG  . PRO   A 1 162 ? 8.459   11.479  9.619   1.00 13.45 ? 168 PRO   B CG  1 
ATOM   1386 C CD  . PRO   A 1 162 ? 9.677   10.740  9.201   1.00 12.88 ? 168 PRO   B CD  1 
ATOM   1387 N N   . LEU   A 1 163 ? 6.457   7.409   8.813   1.00 12.43 ? 169 LEU   B N   1 
ATOM   1388 C CA  . LEU   A 1 163 ? 5.872   6.421   7.840   1.00 11.55 ? 169 LEU   B CA  1 
ATOM   1389 C C   . LEU   A 1 163 ? 4.538   6.945   7.346   1.00 12.92 ? 169 LEU   B C   1 
ATOM   1390 O O   . LEU   A 1 163 ? 3.753   7.524   8.095   1.00 13.52 ? 169 LEU   B O   1 
ATOM   1391 C CB  . LEU   A 1 163 ? 5.682   5.069   8.533   1.00 12.55 ? 169 LEU   B CB  1 
ATOM   1392 C CG  . LEU   A 1 163 ? 6.961   4.298   8.855   1.00 13.55 ? 169 LEU   B CG  1 
ATOM   1393 C CD1 . LEU   A 1 163 ? 6.586   3.048   9.601   1.00 13.69 ? 169 LEU   B CD1 1 
ATOM   1394 C CD2 . LEU   A 1 163 ? 7.778   3.995   7.604   1.00 14.28 ? 169 LEU   B CD2 1 
ATOM   1395 N N   . ARG   A 1 164 ? 4.238   6.604   6.100   1.00 11.82 ? 170 ARG   B N   1 
ATOM   1396 C CA  . ARG   A 1 164 ? 2.917   6.847   5.493   1.00 11.94 ? 170 ARG   B CA  1 
ATOM   1397 C C   . ARG   A 1 164 ? 2.332   5.573   4.894   1.00 9.86  ? 170 ARG   B C   1 
ATOM   1398 O O   . ARG   A 1 164 ? 3.079   4.779   4.312   1.00 10.65 ? 170 ARG   B O   1 
ATOM   1399 C CB  . ARG   A 1 164 ? 3.014   7.931   4.420   1.00 12.57 ? 170 ARG   B CB  1 
ATOM   1400 C CG  . ARG   A 1 164 ? 3.441   9.264   5.057   1.00 14.96 ? 170 ARG   B CG  1 
ATOM   1401 C CD  . ARG   A 1 164 ? 3.542   10.408  4.120   1.00 17.42 ? 170 ARG   B CD  1 
ATOM   1402 N NE  . ARG   A 1 164 ? 2.211   10.782  3.717   1.00 17.22 ? 170 ARG   B NE  1 
ATOM   1403 C CZ  . ARG   A 1 164 ? 1.971   11.803  2.911   1.00 17.77 ? 170 ARG   B CZ  1 
ATOM   1404 N NH1 . ARG   A 1 164 ? 2.959   12.598  2.562   1.00 18.40 ? 170 ARG   B NH1 1 
ATOM   1405 N NH2 . ARG   A 1 164 ? 0.740   12.045  2.518   1.00 15.82 ? 170 ARG   B NH2 1 
ATOM   1406 N N   . PRO   A 1 165 ? 1.005   5.343   5.016   1.00 9.69  ? 171 PRO   B N   1 
ATOM   1407 C CA  . PRO   A 1 165 ? 0.369   4.240   4.276   1.00 10.46 ? 171 PRO   B CA  1 
ATOM   1408 C C   . PRO   A 1 165 ? 0.629   4.428   2.776   1.00 9.67  ? 171 PRO   B C   1 
ATOM   1409 O O   . PRO   A 1 165 ? 0.667   5.538   2.256   1.00 10.26 ? 171 PRO   B O   1 
ATOM   1410 C CB  . PRO   A 1 165 ? -1.130  4.371   4.604   1.00 10.52 ? 171 PRO   B CB  1 
ATOM   1411 C CG  . PRO   A 1 165 ? -1.145  5.174   5.930   1.00 11.51 ? 171 PRO   B CG  1 
ATOM   1412 C CD  . PRO   A 1 165 ? 0.013   6.120   5.782   1.00 12.11 ? 171 PRO   B CD  1 
ATOM   1413 N N   . PHE   A 1 166 ? 0.933   3.322   2.110   1.00 9.60  ? 172 PHE   B N   1 
ATOM   1414 C CA  . PHE   A 1 166 ? 1.331   3.284   0.686   1.00 10.43 ? 172 PHE   B CA  1 
ATOM   1415 C C   . PHE   A 1 166 ? 0.402   2.365   -0.122  1.00 9.34  ? 172 PHE   B C   1 
ATOM   1416 O O   . PHE   A 1 166 ? 0.068   1.258   0.305   1.00 9.14  ? 172 PHE   B O   1 
ATOM   1417 C CB  . PHE   A 1 166 ? 2.768   2.764   0.576   1.00 10.51 ? 172 PHE   B CB  1 
ATOM   1418 C CG  . PHE   A 1 166 ? 3.229   2.591   -0.852  1.00 10.55 ? 172 PHE   B CG  1 
ATOM   1419 C CD1 . PHE   A 1 166 ? 3.636   3.686   -1.604  1.00 11.07 ? 172 PHE   B CD1 1 
ATOM   1420 C CD2 . PHE   A 1 166 ? 3.218   1.352   -1.464  1.00 11.16 ? 172 PHE   B CD2 1 
ATOM   1421 C CE1 . PHE   A 1 166 ? 4.031   3.512   -2.932  1.00 11.50 ? 172 PHE   B CE1 1 
ATOM   1422 C CE2 . PHE   A 1 166 ? 3.562   1.211   -2.799  1.00 10.85 ? 172 PHE   B CE2 1 
ATOM   1423 C CZ  . PHE   A 1 166 ? 3.992   2.286   -3.527  1.00 11.52 ? 172 PHE   B CZ  1 
ATOM   1424 N N   . PHE   A 1 167 ? 0.033   2.848   -1.331  1.00 9.45  ? 173 PHE   B N   1 
ATOM   1425 C CA  . PHE   A 1 167 ? -0.921  2.149   -2.218  1.00 9.56  ? 173 PHE   B CA  1 
ATOM   1426 C C   . PHE   A 1 167 ? -0.436  2.238   -3.650  1.00 9.80  ? 173 PHE   B C   1 
ATOM   1427 O O   . PHE   A 1 167 ? -0.041  3.327   -4.095  1.00 10.36 ? 173 PHE   B O   1 
ATOM   1428 C CB  . PHE   A 1 167 ? -2.326  2.768   -2.141  1.00 10.03 ? 173 PHE   B CB  1 
ATOM   1429 C CG  . PHE   A 1 167 ? -2.851  2.913   -0.727  1.00 10.48 ? 173 PHE   B CG  1 
ATOM   1430 C CD1 . PHE   A 1 167 ? -2.536  4.011   0.054   1.00 10.34 ? 173 PHE   B CD1 1 
ATOM   1431 C CD2 . PHE   A 1 167 ? -3.663  1.937   -0.146  1.00 11.90 ? 173 PHE   B CD2 1 
ATOM   1432 C CE1 . PHE   A 1 167 ? -2.937  4.120   1.379   1.00 10.75 ? 173 PHE   B CE1 1 
ATOM   1433 C CE2 . PHE   A 1 167 ? -4.120  2.075   1.150   1.00 11.81 ? 173 PHE   B CE2 1 
ATOM   1434 C CZ  . PHE   A 1 167 ? -3.757  3.163   1.911   1.00 11.69 ? 173 PHE   B CZ  1 
ATOM   1435 N N   . ASN   A 1 168 ? -0.604  1.152   -4.402  1.00 10.22 ? 174 ASN   B N   1 
ATOM   1436 C CA  . ASN   A 1 168 ? -0.427  1.142   -5.873  1.00 9.53  ? 174 ASN   B CA  1 
ATOM   1437 C C   . ASN   A 1 168 ? -1.599  0.350   -6.440  1.00 9.81  ? 174 ASN   B C   1 
ATOM   1438 O O   . ASN   A 1 168 ? -1.746  -0.840  -6.139  1.00 10.32 ? 174 ASN   B O   1 
ATOM   1439 C CB  . ASN   A 1 168 ? 0.911   0.526   -6.303  1.00 10.25 ? 174 ASN   B CB  1 
ATOM   1440 C CG  . ASN   A 1 168 ? 1.135   0.560   -7.800  1.00 13.05 ? 174 ASN   B CG  1 
ATOM   1441 O OD1 . ASN   A 1 168 ? 0.340   1.054   -8.564  1.00 14.17 ? 174 ASN   B OD1 1 
ATOM   1442 N ND2 . ASN   A 1 168 ? 2.338   0.188   -8.226  1.00 16.12 ? 174 ASN   B ND2 1 
ATOM   1443 N N   . VAL   A 1 169 ? -2.459  1.010   -7.245  1.00 9.58  ? 175 VAL   B N   1 
ATOM   1444 C CA  . VAL   A 1 169 ? -3.637  0.324   -7.840  1.00 10.14 ? 175 VAL   B CA  1 
ATOM   1445 C C   . VAL   A 1 169 ? -3.224  -0.560  -9.019  1.00 10.65 ? 175 VAL   B C   1 
ATOM   1446 O O   . VAL   A 1 169 ? -4.082  -1.307  -9.501  1.00 11.13 ? 175 VAL   B O   1 
ATOM   1447 C CB  . VAL   A 1 169 ? -4.742  1.320   -8.261  1.00 10.68 ? 175 VAL   B CB  1 
ATOM   1448 C CG1 . VAL   A 1 169 ? -5.284  2.088   -7.079  1.00 11.61 ? 175 VAL   B CG1 1 
ATOM   1449 C CG2 . VAL   A 1 169 ? -4.303  2.244   -9.368  1.00 11.73 ? 175 VAL   B CG2 1 
ATOM   1450 N N   . GLY   A 1 170 ? -1.997  -0.395  -9.513  1.00 11.26 ? 176 GLY   B N   1 
ATOM   1451 C CA  . GLY   A 1 170 ? -1.514  -1.139  -10.699 1.00 12.85 ? 176 GLY   B CA  1 
ATOM   1452 C C   . GLY   A 1 170 ? -1.995  -0.576  -12.012 1.00 12.77 ? 176 GLY   B C   1 
ATOM   1453 O O   . GLY   A 1 170 ? -2.949  0.180   -12.069 1.00 12.21 ? 176 GLY   B O   1 
ATOM   1454 N N   . PHE   A 1 171 ? -1.273  -1.005  -13.058 0.28 14.14 ? 177 PHE   B N   1 
ATOM   1455 C CA  . PHE   A 1 171 ? -1.541  -0.747  -14.493 0.28 14.29 ? 177 PHE   B CA  1 
ATOM   1456 C C   . PHE   A 1 171 ? -2.864  -1.427  -14.876 0.28 13.74 ? 177 PHE   B C   1 
ATOM   1457 O O   . PHE   A 1 171 ? -3.265  -2.376  -14.173 0.28 13.33 ? 177 PHE   B O   1 
ATOM   1458 C CB  . PHE   A 1 171 ? -0.385  -1.262  -15.365 0.28 15.24 ? 177 PHE   B CB  1 
ATOM   1459 C CG  . PHE   A 1 171 ? 1.035   -1.024  -14.888 0.28 16.18 ? 177 PHE   B CG  1 
ATOM   1460 C CD1 . PHE   A 1 171 ? 1.401   0.144   -14.236 0.28 17.04 ? 177 PHE   B CD1 1 
ATOM   1461 C CD2 . PHE   A 1 171 ? 2.032   -1.962  -15.140 0.28 17.03 ? 177 PHE   B CD2 1 
ATOM   1462 C CE1 . PHE   A 1 171 ? 2.709   0.351   -13.818 0.28 16.80 ? 177 PHE   B CE1 1 
ATOM   1463 C CE2 . PHE   A 1 171 ? 3.341   -1.756  -14.723 0.28 17.20 ? 177 PHE   B CE2 1 
ATOM   1464 C CZ  . PHE   A 1 171 ? 3.682   -0.586  -14.079 0.28 17.04 ? 177 PHE   B CZ  1 
ATOM   1465 N N   . ASN   A 1 172 ? -3.524  -0.974  -15.947 1.00 13.49 ? 178 ASN   B N   1 
ATOM   1466 C CA  . ASN   A 1 172 ? -4.703  -1.701  -16.461 1.00 12.01 ? 178 ASN   B CA  1 
ATOM   1467 C C   . ASN   A 1 172 ? -4.526  -1.894  -17.970 1.00 12.39 ? 178 ASN   B C   1 
ATOM   1468 O O   . ASN   A 1 172 ? -5.445  -1.633  -18.733 1.00 14.52 ? 178 ASN   B O   1 
ATOM   1469 C CB  . ASN   A 1 172 ? -5.992  -0.985  -16.125 1.00 13.00 ? 178 ASN   B CB  1 
ATOM   1470 C CG  . ASN   A 1 172 ? -7.204  -1.795  -16.491 1.00 13.28 ? 178 ASN   B CG  1 
ATOM   1471 O OD1 . ASN   A 1 172 ? -7.203  -3.016  -16.521 1.00 13.25 ? 178 ASN   B OD1 1 
ATOM   1472 N ND2 . ASN   A 1 172 ? -8.289  -1.088  -16.792 1.00 14.37 ? 178 ASN   B ND2 1 
ATOM   1473 N N   . TYR   A 1 173 ? -3.379  -2.414  -18.382 0.28 13.39 ? 179 TYR   B N   1 
ATOM   1474 C CA  . TYR   A 1 173 ? -3.147  -2.774  -19.806 0.28 13.31 ? 179 TYR   B CA  1 
ATOM   1475 C C   . TYR   A 1 173 ? -4.148  -3.867  -20.223 0.28 13.58 ? 179 TYR   B C   1 
ATOM   1476 O O   . TYR   A 1 173 ? -4.672  -3.781  -21.375 0.28 14.03 ? 179 TYR   B O   1 
ATOM   1477 C CB  . TYR   A 1 173 ? -1.673  -3.131  -20.024 0.28 13.87 ? 179 TYR   B CB  1 
ATOM   1478 C CG  . TYR   A 1 173 ? -0.739  -1.947  -19.966 0.28 14.69 ? 179 TYR   B CG  1 
ATOM   1479 C CD1 . TYR   A 1 173 ? -0.799  -0.941  -20.920 0.28 15.34 ? 179 TYR   B CD1 1 
ATOM   1480 C CD2 . TYR   A 1 173 ? 0.204   -1.822  -18.959 0.28 15.25 ? 179 TYR   B CD2 1 
ATOM   1481 C CE1 . TYR   A 1 173 ? 0.054   0.154   -20.873 0.28 15.88 ? 179 TYR   B CE1 1 
ATOM   1482 C CE2 . TYR   A 1 173 ? 1.065   -0.737  -18.898 0.28 15.01 ? 179 TYR   B CE2 1 
ATOM   1483 C CZ  . TYR   A 1 173 ? 0.986   0.259   -19.856 0.28 15.91 ? 179 TYR   B CZ  1 
ATOM   1484 O OH  . TYR   A 1 173 ? 1.850   1.317   -19.815 0.28 16.28 ? 179 TYR   B OH  1 
ATOM   1485 N N   . SER   A 1 174 ? -4.462  -4.818  -19.327 1.00 13.02 ? 180 SER   B N   1 
ATOM   1486 C CA  . SER   A 1 174 ? -5.272  -6.030  -19.634 1.00 13.65 ? 180 SER   B CA  1 
ATOM   1487 C C   . SER   A 1 174 ? -6.766  -5.722  -19.746 1.00 13.50 ? 180 SER   B C   1 
ATOM   1488 O O   . SER   A 1 174 ? -7.504  -6.591  -20.253 1.00 15.78 ? 180 SER   B O   1 
ATOM   1489 C CB  . SER   A 1 174 ? -5.116  -7.094  -18.590 1.00 14.01 ? 180 SER   B CB  1 
ATOM   1490 O OG  . SER   A 1 174 ? -5.620  -6.588  -17.340 1.00 14.05 ? 180 SER   B OG  1 
ATOM   1491 N N   . GLY   A 1 175 ? -7.234  -4.593  -19.208 1.00 12.86 ? 181 GLY   B N   1 
ATOM   1492 C CA  . GLY   A 1 175 ? -8.683  -4.379  -19.037 1.00 13.65 ? 181 GLY   B CA  1 
ATOM   1493 C C   . GLY   A 1 175 ? -9.277  -5.177  -17.906 1.00 14.18 ? 181 GLY   B C   1 
ATOM   1494 O O   . GLY   A 1 175 ? -10.512 -5.105  -17.724 1.00 16.50 ? 181 GLY   B O   1 
ATOM   1495 N N   . GLY   A 1 176 ? -8.485  -5.922  -17.138 1.00 12.31 ? 182 GLY   B N   1 
ATOM   1496 C CA  . GLY   A 1 176 ? -8.986  -6.726  -16.025 1.00 12.72 ? 182 GLY   B CA  1 
ATOM   1497 C C   . GLY   A 1 176 ? -8.616  -6.138  -14.658 1.00 12.87 ? 182 GLY   B C   1 
ATOM   1498 O O   . GLY   A 1 176 ? -8.894  -6.852  -13.651 1.00 15.73 ? 182 GLY   B O   1 
ATOM   1499 N N   . ASN   A 1 177 ? -8.001  -4.981  -14.611 1.00 11.33 ? 183 ASN   B N   1 
ATOM   1500 C CA  . ASN   A 1 177 ? -7.517  -4.434  -13.332 1.00 10.85 ? 183 ASN   B CA  1 
ATOM   1501 C C   . ASN   A 1 177 ? -8.062  -3.037  -13.057 1.00 10.95 ? 183 ASN   B C   1 
ATOM   1502 O O   . ASN   A 1 177 ? -7.432  -2.291  -12.295 1.00 12.46 ? 183 ASN   B O   1 
ATOM   1503 C CB  . ASN   A 1 177 ? -5.997  -4.434  -13.287 1.00 10.84 ? 183 ASN   B CB  1 
ATOM   1504 C CG  . ASN   A 1 177 ? -5.463  -4.303  -11.871 1.00 10.52 ? 183 ASN   B CG  1 
ATOM   1505 O OD1 . ASN   A 1 177 ? -6.044  -4.862  -10.953 1.00 11.33 ? 183 ASN   B OD1 1 
ATOM   1506 N ND2 . ASN   A 1 177 ? -4.386  -3.556  -11.765 1.00 10.62 ? 183 ASN   B ND2 1 
ATOM   1507 N N   . ALA   A 1 178 ? -9.261  -2.705  -13.504 1.00 11.81 ? 184 ALA   B N   1 
ATOM   1508 C CA  . ALA   A 1 178 ? -9.840  -1.362  -13.270 1.00 12.72 ? 184 ALA   B CA  1 
ATOM   1509 C C   . ALA   A 1 178 ? -10.359 -1.178  -11.841 1.00 12.25 ? 184 ALA   B C   1 
ATOM   1510 O O   . ALA   A 1 178 ? -10.545 0.000   -11.453 1.00 14.39 ? 184 ALA   B O   1 
ATOM   1511 C CB  . ALA   A 1 178 ? -10.978 -1.116  -14.279 1.00 13.61 ? 184 ALA   B CB  1 
ATOM   1512 N N   . ALA   A 1 179 ? -10.634 -2.260  -11.121 1.00 12.05 ? 185 ALA   B N   1 
ATOM   1513 C CA  . ALA   A 1 179 ? -11.312 -2.141  -9.805  1.00 11.57 ? 185 ALA   B CA  1 
ATOM   1514 C C   . ALA   A 1 179 ? -10.480 -1.302  -8.830  1.00 11.81 ? 185 ALA   B C   1 
ATOM   1515 O O   . ALA   A 1 179 ? -9.248  -1.268  -8.880  1.00 11.97 ? 185 ALA   B O   1 
ATOM   1516 C CB  . ALA   A 1 179 ? -11.598 -3.493  -9.220  1.00 12.19 ? 185 ALA   B CB  1 
ATOM   1517 N N   . PRO   A 1 180 ? -11.144 -0.627  -7.879  1.00 11.79 ? 186 PRO   B N   1 
ATOM   1518 C CA  . PRO   A 1 180 ? -10.450 0.200   -6.890  1.00 11.85 ? 186 PRO   B CA  1 
ATOM   1519 C C   . PRO   A 1 180 ? -9.757  -0.589  -5.758  1.00 10.75 ? 186 PRO   B C   1 
ATOM   1520 O O   . PRO   A 1 180 ? -10.099 -1.729  -5.503  1.00 12.40 ? 186 PRO   B O   1 
ATOM   1521 C CB  . PRO   A 1 180 ? -11.593 1.037   -6.281  1.00 12.66 ? 186 PRO   B CB  1 
ATOM   1522 C CG  . PRO   A 1 180 ? -12.783 0.167   -6.389  1.00 14.34 ? 186 PRO   B CG  1 
ATOM   1523 C CD  . PRO   A 1 180 ? -12.604 -0.556  -7.728  1.00 14.06 ? 186 PRO   B CD  1 
ATOM   1524 N N   . LEU   A 1 181 ? -8.813  0.090   -5.102  1.00 10.79 ? 187 LEU   B N   1 
ATOM   1525 C CA  . LEU   A 1 181 ? -8.436  -0.253  -3.716  1.00 11.28 ? 187 LEU   B CA  1 
ATOM   1526 C C   . LEU   A 1 181 ? -9.401  0.505   -2.808  1.00 10.98 ? 187 LEU   B C   1 
ATOM   1527 O O   . LEU   A 1 181 ? -9.627  1.706   -3.050  1.00 13.68 ? 187 LEU   B O   1 
ATOM   1528 C CB  . LEU   A 1 181 ? -6.995  0.155   -3.482  1.00 10.70 ? 187 LEU   B CB  1 
ATOM   1529 C CG  . LEU   A 1 181 ? -5.924  -0.653  -4.230  1.00 12.06 ? 187 LEU   B CG  1 
ATOM   1530 C CD1 . LEU   A 1 181 ? -4.519  -0.076  -4.008  1.00 12.52 ? 187 LEU   B CD1 1 
ATOM   1531 C CD2 . LEU   A 1 181 ? -5.918  -2.127  -3.845  1.00 13.25 ? 187 LEU   B CD2 1 
ATOM   1532 N N   . LYS   A 1 182 ? -9.921  -0.151  -1.779  1.00 11.50 ? 188 LYS   B N   1 
ATOM   1533 C CA  . LYS   A 1 182 ? -10.836 0.532   -0.831  1.00 11.86 ? 188 LYS   B CA  1 
ATOM   1534 C C   . LYS   A 1 182 ? -10.352 0.333   0.593   1.00 12.25 ? 188 LYS   B C   1 
ATOM   1535 O O   . LYS   A 1 182 ? -10.124 -0.846  1.015   1.00 13.21 ? 188 LYS   B O   1 
ATOM   1536 C CB  . LYS   A 1 182 ? -12.263 -0.019  -0.960  1.00 14.24 ? 188 LYS   B CB  1 
ATOM   1537 C CG  . LYS   A 1 182 ? -12.861 -0.042  -2.350  1.00 17.66 ? 188 LYS   B CG  1 
ATOM   1538 C CD  . LYS   A 1 182 ? -14.324 -0.479  -2.275  1.00 22.08 ? 188 LYS   B CD  1 
ATOM   1539 C CE  . LYS   A 1 182 ? -14.966 -0.789  -3.605  1.00 27.42 ? 188 LYS   B CE  1 
ATOM   1540 N NZ  . LYS   A 1 182 ? -16.340 -1.306  -3.373  1.00 33.46 ? 188 LYS   B NZ  1 
ATOM   1541 N N   . LEU   A 1 183 ? -10.314 1.386   1.374   1.00 12.23 ? 189 LEU   B N   1 
ATOM   1542 C CA  . LEU   A 1 183 ? -10.054 1.263   2.841   1.00 12.62 ? 189 LEU   B CA  1 
ATOM   1543 C C   . LEU   A 1 183 ? -11.314 0.740   3.504   1.00 14.86 ? 189 LEU   B C   1 
ATOM   1544 O O   . LEU   A 1 183 ? -12.351 1.411   3.381   1.00 17.54 ? 189 LEU   B O   1 
ATOM   1545 C CB  . LEU   A 1 183 ? -9.557  2.600   3.401   1.00 13.51 ? 189 LEU   B CB  1 
ATOM   1546 C CG  . LEU   A 1 183 ? -8.100  2.869   3.032   1.00 14.57 ? 189 LEU   B CG  1 
ATOM   1547 C CD1 . LEU   A 1 183 ? -7.741  4.330   2.917   1.00 19.81 ? 189 LEU   B CD1 1 
ATOM   1548 C CD2 . LEU   A 1 183 ? -7.144  2.094   3.950   1.00 12.66 ? 189 LEU   B CD2 1 
ATOM   1549 N N   . CYS   A 1 184 ? -11.214 -0.374  4.223   1.00 15.65 ? 190 CYS   B N   1 
ATOM   1550 C CA  . CYS   A 1 184 ? -12.395 -1.052  4.824   1.00 18.11 ? 190 CYS   B CA  1 
ATOM   1551 C C   . CYS   A 1 184 ? -12.769 -0.366  6.115   1.00 19.05 ? 190 CYS   B C   1 
ATOM   1552 O O   . CYS   A 1 184 ? -11.928 0.067   6.877   1.00 19.23 ? 190 CYS   B O   1 
ATOM   1553 C CB  . CYS   A 1 184 ? -12.055 -2.467  5.220   1.00 19.22 ? 190 CYS   B CB  1 
ATOM   1554 S SG  . CYS   A 1 184 ? -11.343 -3.433  3.896   1.00 20.96 ? 190 CYS   B SG  1 
ATOM   1555 N N   . PRO   A 1 185 ? -14.075 -0.362  6.450   1.00 23.67 ? 191 PRO   B N   1 
ATOM   1556 C CA  . PRO   A 1 185 ? -14.524 0.178   7.713   1.00 27.95 ? 191 PRO   B CA  1 
ATOM   1557 C C   . PRO   A 1 185 ? -13.963 -0.631  8.890   1.00 26.03 ? 191 PRO   B C   1 
ATOM   1558 O O   . PRO   A 1 185 ? -13.810 -1.839  8.789   1.00 27.52 ? 191 PRO   B O   1 
ATOM   1559 C CB  . PRO   A 1 185 ? -16.063 0.093   7.596   1.00 26.85 ? 191 PRO   B CB  1 
ATOM   1560 C CG  . PRO   A 1 185 ? -16.362 -0.894  6.511   1.00 29.17 ? 191 PRO   B CG  1 
ATOM   1561 C CD  . PRO   A 1 185 ? -15.167 -0.854  5.589   1.00 25.09 ? 191 PRO   B CD  1 
ATOM   1562 N N   . LEU   A 1 186 ? -13.659 0.114   9.951   1.00 31.42 ? 192 LEU   B N   1 
ATOM   1563 C CA  . LEU   A 1 186 ? -13.411 -0.299  11.358  1.00 35.91 ? 192 LEU   B CA  1 
ATOM   1564 C C   . LEU   A 1 186 ? -14.597 -1.104  11.897  1.00 38.98 ? 192 LEU   B C   1 
ATOM   1565 O O   . LEU   A 1 186 ? -14.337 -1.963  12.757  1.00 44.38 ? 192 LEU   B O   1 
ATOM   1566 C CB  . LEU   A 1 186 ? -13.230 0.979   12.190  1.00 35.83 ? 192 LEU   B CB  1 
HETATM 1567 N N1  . A1BFI B 2 .   ? -2.163  2.154   -19.007 0.28 22.79 ? 401 A1BFI B N1  1 
HETATM 1568 C C4  . A1BFI B 2 .   ? -0.788  2.740   -17.062 0.28 22.49 ? 401 A1BFI B C4  1 
HETATM 1569 C C5  . A1BFI B 2 .   ? 0.363   2.167   -16.503 0.28 22.91 ? 401 A1BFI B C5  1 
HETATM 1570 C C6  . A1BFI B 2 .   ? 1.297   2.939   -15.845 0.28 22.96 ? 401 A1BFI B C6  1 
HETATM 1571 C C7  . A1BFI B 2 .   ? 1.099   4.321   -15.718 0.28 22.33 ? 401 A1BFI B C7  1 
HETATM 1572 C C8  . A1BFI B 2 .   ? 1.843   6.491   -14.770 0.28 21.41 ? 401 A1BFI B C8  1 
HETATM 1573 C C10 . A1BFI B 2 .   ? -0.228  6.400   -16.121 0.28 22.01 ? 401 A1BFI B C10 1 
HETATM 1574 C C1  . A1BFI B 2 .   ? -3.406  1.673   -19.594 0.28 22.55 ? 401 A1BFI B C1  1 
HETATM 1575 C C11 . A1BFI B 2 .   ? -0.035  4.920   -16.273 0.28 22.40 ? 401 A1BFI B C11 1 
HETATM 1576 C C12 . A1BFI B 2 .   ? -0.974  4.114   -16.929 0.28 22.04 ? 401 A1BFI B C12 1 
HETATM 1577 C C2  . A1BFI B 2 .   ? -1.319  2.946   -19.896 0.28 22.33 ? 401 A1BFI B C2  1 
HETATM 1578 C C3  . A1BFI B 2 .   ? -1.806  1.870   -17.748 0.28 22.52 ? 401 A1BFI B C3  1 
HETATM 1579 C C9  . A1BFI B 2 .   ? 0.388   6.863   -14.814 0.28 22.20 ? 401 A1BFI B C9  1 
HETATM 1580 N N2  . A1BFI B 2 .   ? 2.039   5.083   -15.065 0.28 22.28 ? 401 A1BFI B N2  1 
HETATM 1581 O O1  . A1BFI B 2 .   ? -2.321  0.943   -17.126 0.28 21.64 ? 401 A1BFI B O1  1 
HETATM 1582 C C1  . EDO   C 3 .   ? 13.152  8.969   -18.833 1.00 40.63 ? 402 EDO   B C1  1 
HETATM 1583 O O1  . EDO   C 3 .   ? 11.953  8.999   -18.066 1.00 28.27 ? 402 EDO   B O1  1 
HETATM 1584 C C2  . EDO   C 3 .   ? 13.106  7.958   -19.902 1.00 35.77 ? 402 EDO   B C2  1 
HETATM 1585 O O2  . EDO   C 3 .   ? 11.759  7.732   -20.246 1.00 41.51 ? 402 EDO   B O2  1 
HETATM 1586 S S   . SO4   D 4 .   ? 16.457  0.765   -7.799  1.00 42.44 ? 403 SO4   B S   1 
HETATM 1587 O O1  . SO4   D 4 .   ? 15.482  1.697   -7.335  1.00 25.89 ? 403 SO4   B O1  1 
HETATM 1588 O O2  . SO4   D 4 .   ? 17.544  1.476   -8.411  1.00 45.77 ? 403 SO4   B O2  1 
HETATM 1589 O O3  . SO4   D 4 .   ? 16.961  -0.001  -6.675  1.00 47.13 ? 403 SO4   B O3  1 
HETATM 1590 O O4  . SO4   D 4 .   ? 15.875  -0.146  -8.764  1.00 44.93 ? 403 SO4   B O4  1 
HETATM 1591 O O   . HOH   E 5 .   ? 4.857   -11.958 -9.342  1.00 33.12 ? 501 HOH   B O   1 
HETATM 1592 O O   . HOH   E 5 .   ? -10.522 -8.616  -13.418 1.00 30.94 ? 502 HOH   B O   1 
HETATM 1593 O O   . HOH   E 5 .   ? -13.047 4.667   -20.771 1.00 38.91 ? 503 HOH   B O   1 
HETATM 1594 O O   . HOH   E 5 .   ? -8.351  -11.420 -14.485 1.00 30.95 ? 504 HOH   B O   1 
HETATM 1595 O O   . HOH   E 5 .   ? -8.688  12.450  -7.087  1.00 18.29 ? 505 HOH   B O   1 
HETATM 1596 O O   . HOH   E 5 .   ? -10.843 2.291   -12.823 1.00 18.79 ? 506 HOH   B O   1 
HETATM 1597 O O   . HOH   E 5 .   ? 11.881  7.495   -15.948 1.00 23.40 ? 507 HOH   B O   1 
HETATM 1598 O O   . HOH   E 5 .   ? -8.239  1.883   -16.494 1.00 38.14 ? 508 HOH   B O   1 
HETATM 1599 O O   . HOH   E 5 .   ? -5.620  -10.850 -3.975  1.00 13.99 ? 509 HOH   B O   1 
HETATM 1600 O O   . HOH   E 5 .   ? 8.954   -3.294  0.041   1.00 13.42 ? 510 HOH   B O   1 
HETATM 1601 O O   . HOH   E 5 .   ? -2.654  -11.547 -11.204 1.00 15.14 ? 511 HOH   B O   1 
HETATM 1602 O O   . HOH   E 5 .   ? -12.106 -3.760  -5.647  1.00 25.62 ? 512 HOH   B O   1 
HETATM 1603 O O   . HOH   E 5 .   ? 5.789   -13.429 -13.491 1.00 22.58 ? 513 HOH   B O   1 
HETATM 1604 O O   . HOH   E 5 .   ? -10.422 -5.199  -11.805 1.00 17.03 ? 514 HOH   B O   1 
HETATM 1605 O O   . HOH   E 5 .   ? -5.719  -0.138  -12.288 1.00 14.04 ? 515 HOH   B O   1 
HETATM 1606 O O   . HOH   E 5 .   ? 13.158  6.019   13.174  1.00 18.25 ? 516 HOH   B O   1 
HETATM 1607 O O   . HOH   E 5 .   ? -6.244  4.569   -21.092 1.00 35.98 ? 517 HOH   B O   1 
HETATM 1608 O O   . HOH   E 5 .   ? 5.358   -2.197  -8.396  1.00 33.65 ? 518 HOH   B O   1 
HETATM 1609 O O   . HOH   E 5 .   ? 13.169  6.315   -2.105  1.00 18.86 ? 519 HOH   B O   1 
HETATM 1610 O O   . HOH   E 5 .   ? 7.620   7.591   -10.133 1.00 13.97 ? 520 HOH   B O   1 
HETATM 1611 O O   . HOH   E 5 .   ? -6.565  -8.959  -5.789  1.00 13.04 ? 521 HOH   B O   1 
HETATM 1612 O O   . HOH   E 5 .   ? 4.136   -14.964 -11.676 1.00 27.81 ? 522 HOH   B O   1 
HETATM 1613 O O   . HOH   E 5 .   ? -7.624  0.850   -10.482 1.00 12.94 ? 523 HOH   B O   1 
HETATM 1614 O O   . HOH   E 5 .   ? 14.029  6.791   -14.044 1.00 24.28 ? 524 HOH   B O   1 
HETATM 1615 O O   . HOH   E 5 .   ? 3.967   16.269  -16.101 1.00 16.18 ? 525 HOH   B O   1 
HETATM 1616 O O   . HOH   E 5 .   ? -0.677  -9.099  -13.531 1.00 20.79 ? 526 HOH   B O   1 
HETATM 1617 O O   . HOH   E 5 .   ? -12.372 6.277   -6.597  1.00 22.10 ? 527 HOH   B O   1 
HETATM 1618 O O   . HOH   E 5 .   ? 2.145   -16.519 -4.519  1.00 22.17 ? 528 HOH   B O   1 
HETATM 1619 O O   . HOH   E 5 .   ? -13.605 3.888   -6.434  1.00 22.53 ? 529 HOH   B O   1 
HETATM 1620 O O   . HOH   E 5 .   ? -4.771  -14.354 -7.307  1.00 29.32 ? 530 HOH   B O   1 
HETATM 1621 O O   . HOH   E 5 .   ? 1.636   12.144  -11.915 1.00 20.96 ? 531 HOH   B O   1 
HETATM 1622 O O   . HOH   E 5 .   ? -10.850 -1.609  -18.354 1.00 22.02 ? 532 HOH   B O   1 
HETATM 1623 O O   . HOH   E 5 .   ? 14.629  8.051   -0.383  1.00 32.13 ? 533 HOH   B O   1 
HETATM 1624 O O   . HOH   E 5 .   ? -8.842  -10.983 -10.206 1.00 44.10 ? 534 HOH   B O   1 
HETATM 1625 O O   . HOH   E 5 .   ? -4.434  -13.259 -9.740  1.00 33.06 ? 535 HOH   B O   1 
HETATM 1626 O O   . HOH   E 5 .   ? 2.824   4.839   -18.613 0.28 18.70 ? 536 HOH   B O   1 
HETATM 1627 O O   . HOH   E 5 .   ? -11.772 -8.811  -15.979 0.50 20.99 ? 537 HOH   B O   1 
# 
